data_7AS0
# 
_entry.id   7AS0 
# 
_audit_conform.dict_name       mmcif_pdbx.dic 
_audit_conform.dict_version    5.384 
_audit_conform.dict_location   http://mmcif.pdb.org/dictionaries/ascii/mmcif_pdbx.dic 
# 
loop_
_database_2.database_id 
_database_2.database_code 
_database_2.pdbx_database_accession 
_database_2.pdbx_DOI 
PDB   7AS0         pdb_00007as0 10.2210/pdb7as0/pdb 
WWPDB D_1292111062 ?            ?                   
# 
loop_
_pdbx_audit_revision_history.ordinal 
_pdbx_audit_revision_history.data_content_type 
_pdbx_audit_revision_history.major_revision 
_pdbx_audit_revision_history.minor_revision 
_pdbx_audit_revision_history.revision_date 
1 'Structure model' 1 0 2021-02-24 
2 'Structure model' 1 1 2021-03-17 
3 'Structure model' 1 2 2024-01-31 
# 
_pdbx_audit_revision_details.ordinal             1 
_pdbx_audit_revision_details.revision_ordinal    1 
_pdbx_audit_revision_details.data_content_type   'Structure model' 
_pdbx_audit_revision_details.provider            repository 
_pdbx_audit_revision_details.type                'Initial release' 
_pdbx_audit_revision_details.description         ? 
_pdbx_audit_revision_details.details             ? 
# 
loop_
_pdbx_audit_revision_group.ordinal 
_pdbx_audit_revision_group.revision_ordinal 
_pdbx_audit_revision_group.data_content_type 
_pdbx_audit_revision_group.group 
1 2 'Structure model' 'Database references'    
2 3 'Structure model' 'Data collection'        
3 3 'Structure model' 'Database references'    
4 3 'Structure model' 'Refinement description' 
# 
loop_
_pdbx_audit_revision_category.ordinal 
_pdbx_audit_revision_category.revision_ordinal 
_pdbx_audit_revision_category.data_content_type 
_pdbx_audit_revision_category.category 
1 2 'Structure model' citation                      
2 3 'Structure model' chem_comp_atom                
3 3 'Structure model' chem_comp_bond                
4 3 'Structure model' database_2                    
5 3 'Structure model' pdbx_initial_refinement_model 
# 
loop_
_pdbx_audit_revision_item.ordinal 
_pdbx_audit_revision_item.revision_ordinal 
_pdbx_audit_revision_item.data_content_type 
_pdbx_audit_revision_item.item 
1 2 'Structure model' '_citation.journal_volume'            
2 2 'Structure model' '_citation.pdbx_database_id_PubMed'   
3 2 'Structure model' '_citation.title'                     
4 3 'Structure model' '_database_2.pdbx_DOI'                
5 3 'Structure model' '_database_2.pdbx_database_accession' 
# 
_pdbx_database_status.status_code                     REL 
_pdbx_database_status.status_code_sf                  REL 
_pdbx_database_status.status_code_mr                  ? 
_pdbx_database_status.entry_id                        7AS0 
_pdbx_database_status.recvd_initial_deposition_date   2020-10-26 
_pdbx_database_status.SG_entry                        N 
_pdbx_database_status.deposit_site                    PDBE 
_pdbx_database_status.process_site                    PDBE 
_pdbx_database_status.status_code_cs                  ? 
_pdbx_database_status.status_code_nmr_data            ? 
_pdbx_database_status.methods_development_category    ? 
_pdbx_database_status.pdb_format_compatible           Y 
# 
loop_
_audit_author.name 
_audit_author.pdbx_ordinal 
_audit_author.identifier_ORCID 
'Radilova, K.' 1 0000-0001-8917-2359 
'Brynda, J.'   2 0000-0003-3675-6769 
# 
_citation.abstract                  ? 
_citation.abstract_id_CAS           ? 
_citation.book_id_ISBN              ? 
_citation.book_publisher            ? 
_citation.book_publisher_city       ? 
_citation.book_title                ? 
_citation.coordinate_linkage        ? 
_citation.country                   CH 
_citation.database_id_Medline       ? 
_citation.details                   ? 
_citation.id                        primary 
_citation.journal_abbrev            Molecules 
_citation.journal_id_ASTM           ? 
_citation.journal_id_CSD            ? 
_citation.journal_id_ISSN           1420-3049 
_citation.journal_full              ? 
_citation.journal_issue             ? 
_citation.journal_volume            26 
_citation.language                  ? 
_citation.page_first                ? 
_citation.page_last                 ? 
_citation.title                     
;Structural and Thermodynamic Analysis of the Resistance Development to Pimodivir (VX-787), the Clinical Inhibitor of Cap Binding to PB2 Subunit of Influenza A Polymerase.
;
_citation.year                      2021 
_citation.database_id_CSD           ? 
_citation.pdbx_database_id_DOI      10.3390/molecules26041007 
_citation.pdbx_database_id_PubMed   33673017 
_citation.unpublished_flag          ? 
# 
loop_
_citation_author.citation_id 
_citation_author.name 
_citation_author.ordinal 
_citation_author.identifier_ORCID 
primary 'Gregor, J.'     1 ? 
primary 'Radilova, K.'   2 ? 
primary 'Brynda, J.'     3 ? 
primary 'Fanfrlik, J.'   4 ? 
primary 'Konvalinka, J.' 5 ? 
primary 'Kozisek, M.'    6 ? 
# 
loop_
_entity.id 
_entity.type 
_entity.src_method 
_entity.pdbx_description 
_entity.formula_weight 
_entity.pdbx_number_of_molecules 
_entity.pdbx_ec 
_entity.pdbx_mutation 
_entity.pdbx_fragment 
_entity.details 
1 polymer     man 'Polymerase basic protein 2' 18564.535 1   ? ? ? ? 
2 non-polymer syn 
'(2S,3S)-3-[[5-fluoranyl-2-(5-fluoranyl-1H-pyrrolo[2,3-b]pyridin-3-yl)pyrimidin-4-yl]amino]bicyclo[2.2.2]octane-2-carboxylic acid' 
399.394   1   ? ? ? ? 
3 non-polymer syn 'BROMIDE ION' 79.904    2   ? ? ? ? 
4 water       nat water 18.015    204 ? ? ? ? 
# 
_entity_name_com.entity_id   1 
_entity_name_com.name        'RNA-directed RNA polymerase subunit P3' 
# 
_entity_poly.entity_id                      1 
_entity_poly.type                           'polypeptide(L)' 
_entity_poly.nstd_linkage                   no 
_entity_poly.nstd_monomer                   no 
_entity_poly.pdbx_seq_one_letter_code       
;SSSFSFGGFTFKRTSGSSVKKEEEVLTGNLQTLKIRVHEGYEEFTMVGRRATAILRKATRRLIQLIVSGRDEQSIAEAII
VAMVFSQEDCMIKAVRGDLNFVNRANQRLNPMHQLLRHFQKDAKVLFQNWGIESIDNVMGMIGILPDMTPSTEMSLRGIR
VSKM
;
_entity_poly.pdbx_seq_one_letter_code_can   
;SSSFSFGGFTFKRTSGSSVKKEEEVLTGNLQTLKIRVHEGYEEFTMVGRRATAILRKATRRLIQLIVSGRDEQSIAEAII
VAMVFSQEDCMIKAVRGDLNFVNRANQRLNPMHQLLRHFQKDAKVLFQNWGIESIDNVMGMIGILPDMTPSTEMSLRGIR
VSKM
;
_entity_poly.pdbx_strand_id                 A 
_entity_poly.pdbx_target_identifier         ? 
# 
loop_
_pdbx_entity_nonpoly.entity_id 
_pdbx_entity_nonpoly.name 
_pdbx_entity_nonpoly.comp_id 
2 
'(2S,3S)-3-[[5-fluoranyl-2-(5-fluoranyl-1H-pyrrolo[2,3-b]pyridin-3-yl)pyrimidin-4-yl]amino]bicyclo[2.2.2]octane-2-carboxylic acid' 
21G 
3 'BROMIDE ION' BR  
4 water HOH 
# 
loop_
_entity_poly_seq.entity_id 
_entity_poly_seq.num 
_entity_poly_seq.mon_id 
_entity_poly_seq.hetero 
1 1   SER n 
1 2   SER n 
1 3   SER n 
1 4   PHE n 
1 5   SER n 
1 6   PHE n 
1 7   GLY n 
1 8   GLY n 
1 9   PHE n 
1 10  THR n 
1 11  PHE n 
1 12  LYS n 
1 13  ARG n 
1 14  THR n 
1 15  SER n 
1 16  GLY n 
1 17  SER n 
1 18  SER n 
1 19  VAL n 
1 20  LYS n 
1 21  LYS n 
1 22  GLU n 
1 23  GLU n 
1 24  GLU n 
1 25  VAL n 
1 26  LEU n 
1 27  THR n 
1 28  GLY n 
1 29  ASN n 
1 30  LEU n 
1 31  GLN n 
1 32  THR n 
1 33  LEU n 
1 34  LYS n 
1 35  ILE n 
1 36  ARG n 
1 37  VAL n 
1 38  HIS n 
1 39  GLU n 
1 40  GLY n 
1 41  TYR n 
1 42  GLU n 
1 43  GLU n 
1 44  PHE n 
1 45  THR n 
1 46  MET n 
1 47  VAL n 
1 48  GLY n 
1 49  ARG n 
1 50  ARG n 
1 51  ALA n 
1 52  THR n 
1 53  ALA n 
1 54  ILE n 
1 55  LEU n 
1 56  ARG n 
1 57  LYS n 
1 58  ALA n 
1 59  THR n 
1 60  ARG n 
1 61  ARG n 
1 62  LEU n 
1 63  ILE n 
1 64  GLN n 
1 65  LEU n 
1 66  ILE n 
1 67  VAL n 
1 68  SER n 
1 69  GLY n 
1 70  ARG n 
1 71  ASP n 
1 72  GLU n 
1 73  GLN n 
1 74  SER n 
1 75  ILE n 
1 76  ALA n 
1 77  GLU n 
1 78  ALA n 
1 79  ILE n 
1 80  ILE n 
1 81  VAL n 
1 82  ALA n 
1 83  MET n 
1 84  VAL n 
1 85  PHE n 
1 86  SER n 
1 87  GLN n 
1 88  GLU n 
1 89  ASP n 
1 90  CYS n 
1 91  MET n 
1 92  ILE n 
1 93  LYS n 
1 94  ALA n 
1 95  VAL n 
1 96  ARG n 
1 97  GLY n 
1 98  ASP n 
1 99  LEU n 
1 100 ASN n 
1 101 PHE n 
1 102 VAL n 
1 103 ASN n 
1 104 ARG n 
1 105 ALA n 
1 106 ASN n 
1 107 GLN n 
1 108 ARG n 
1 109 LEU n 
1 110 ASN n 
1 111 PRO n 
1 112 MET n 
1 113 HIS n 
1 114 GLN n 
1 115 LEU n 
1 116 LEU n 
1 117 ARG n 
1 118 HIS n 
1 119 PHE n 
1 120 GLN n 
1 121 LYS n 
1 122 ASP n 
1 123 ALA n 
1 124 LYS n 
1 125 VAL n 
1 126 LEU n 
1 127 PHE n 
1 128 GLN n 
1 129 ASN n 
1 130 TRP n 
1 131 GLY n 
1 132 ILE n 
1 133 GLU n 
1 134 SER n 
1 135 ILE n 
1 136 ASP n 
1 137 ASN n 
1 138 VAL n 
1 139 MET n 
1 140 GLY n 
1 141 MET n 
1 142 ILE n 
1 143 GLY n 
1 144 ILE n 
1 145 LEU n 
1 146 PRO n 
1 147 ASP n 
1 148 MET n 
1 149 THR n 
1 150 PRO n 
1 151 SER n 
1 152 THR n 
1 153 GLU n 
1 154 MET n 
1 155 SER n 
1 156 LEU n 
1 157 ARG n 
1 158 GLY n 
1 159 ILE n 
1 160 ARG n 
1 161 VAL n 
1 162 SER n 
1 163 LYS n 
1 164 MET n 
# 
_entity_src_gen.entity_id                          1 
_entity_src_gen.pdbx_src_id                        1 
_entity_src_gen.pdbx_alt_source_flag               sample 
_entity_src_gen.pdbx_seq_type                      'Biological sequence' 
_entity_src_gen.pdbx_beg_seq_num                   1 
_entity_src_gen.pdbx_end_seq_num                   164 
_entity_src_gen.gene_src_common_name               ? 
_entity_src_gen.gene_src_genus                     ? 
_entity_src_gen.pdbx_gene_src_gene                 PB2 
_entity_src_gen.gene_src_species                   ? 
_entity_src_gen.gene_src_strain                    'A/California/07/2009(H1N1)' 
_entity_src_gen.gene_src_tissue                    ? 
_entity_src_gen.gene_src_tissue_fraction           ? 
_entity_src_gen.gene_src_details                   ? 
_entity_src_gen.pdbx_gene_src_fragment             ? 
_entity_src_gen.pdbx_gene_src_scientific_name      'Influenza A virus (A/California/07/2009(H1N1))' 
_entity_src_gen.pdbx_gene_src_ncbi_taxonomy_id     641809 
_entity_src_gen.pdbx_gene_src_variant              ? 
_entity_src_gen.pdbx_gene_src_cell_line            ? 
_entity_src_gen.pdbx_gene_src_atcc                 ? 
_entity_src_gen.pdbx_gene_src_organ                ? 
_entity_src_gen.pdbx_gene_src_organelle            ? 
_entity_src_gen.pdbx_gene_src_cell                 ? 
_entity_src_gen.pdbx_gene_src_cellular_location    ? 
_entity_src_gen.host_org_common_name               ? 
_entity_src_gen.pdbx_host_org_scientific_name      'Escherichia coli BL21(DE3)' 
_entity_src_gen.pdbx_host_org_ncbi_taxonomy_id     469008 
_entity_src_gen.host_org_genus                     ? 
_entity_src_gen.pdbx_host_org_gene                 ? 
_entity_src_gen.pdbx_host_org_organ                ? 
_entity_src_gen.host_org_species                   ? 
_entity_src_gen.pdbx_host_org_tissue               ? 
_entity_src_gen.pdbx_host_org_tissue_fraction      ? 
_entity_src_gen.pdbx_host_org_strain               ? 
_entity_src_gen.pdbx_host_org_variant              ? 
_entity_src_gen.pdbx_host_org_cell_line            ? 
_entity_src_gen.pdbx_host_org_atcc                 ? 
_entity_src_gen.pdbx_host_org_culture_collection   ? 
_entity_src_gen.pdbx_host_org_cell                 ? 
_entity_src_gen.pdbx_host_org_organelle            ? 
_entity_src_gen.pdbx_host_org_cellular_location    ? 
_entity_src_gen.pdbx_host_org_vector_type          ? 
_entity_src_gen.pdbx_host_org_vector               ? 
_entity_src_gen.host_org_details                   ? 
_entity_src_gen.expression_system_id               ? 
_entity_src_gen.plasmid_name                       ? 
_entity_src_gen.plasmid_details                    ? 
_entity_src_gen.pdbx_description                   ? 
# 
loop_
_chem_comp.id 
_chem_comp.type 
_chem_comp.mon_nstd_flag 
_chem_comp.name 
_chem_comp.pdbx_synonyms 
_chem_comp.formula 
_chem_comp.formula_weight 
21G non-polymer         . 
'(2S,3S)-3-[[5-fluoranyl-2-(5-fluoranyl-1H-pyrrolo[2,3-b]pyridin-3-yl)pyrimidin-4-yl]amino]bicyclo[2.2.2]octane-2-carboxylic acid' 
;3-[[5-fluoro-2-(5-fluoro-1H-pyrrolo[2,3-b]pyridin-3-yl)pyrimidin-4-yl]amino]bicyclo[2.2.2]octane-2-carboxylic acid; VX787; (2S,3S)-3-((5-fluoro-2-(5-fluoro-1H-pyrrolo[2,3-b]pyridin-3-yl)pyrimidin-4-yl)amino)bicyclo[2.2.2]octane-2-carboxylic acid
;
'C20 H19 F2 N5 O2' 399.394 
ALA 'L-peptide linking' y ALANINE ? 'C3 H7 N O2'       89.093  
ARG 'L-peptide linking' y ARGININE ? 'C6 H15 N4 O2 1'   175.209 
ASN 'L-peptide linking' y ASPARAGINE ? 'C4 H8 N2 O3'      132.118 
ASP 'L-peptide linking' y 'ASPARTIC ACID' ? 'C4 H7 N O4'       133.103 
BR  non-polymer         . 'BROMIDE ION' ? 'Br -1'            79.904  
CYS 'L-peptide linking' y CYSTEINE ? 'C3 H7 N O2 S'     121.158 
GLN 'L-peptide linking' y GLUTAMINE ? 'C5 H10 N2 O3'     146.144 
GLU 'L-peptide linking' y 'GLUTAMIC ACID' ? 'C5 H9 N O4'       147.129 
GLY 'peptide linking'   y GLYCINE ? 'C2 H5 N O2'       75.067  
HIS 'L-peptide linking' y HISTIDINE ? 'C6 H10 N3 O2 1'   156.162 
HOH non-polymer         . WATER ? 'H2 O'             18.015  
ILE 'L-peptide linking' y ISOLEUCINE ? 'C6 H13 N O2'      131.173 
LEU 'L-peptide linking' y LEUCINE ? 'C6 H13 N O2'      131.173 
LYS 'L-peptide linking' y LYSINE ? 'C6 H15 N2 O2 1'   147.195 
MET 'L-peptide linking' y METHIONINE ? 'C5 H11 N O2 S'    149.211 
PHE 'L-peptide linking' y PHENYLALANINE ? 'C9 H11 N O2'      165.189 
PRO 'L-peptide linking' y PROLINE ? 'C5 H9 N O2'       115.130 
SER 'L-peptide linking' y SERINE ? 'C3 H7 N O3'       105.093 
THR 'L-peptide linking' y THREONINE ? 'C4 H9 N O3'       119.119 
TRP 'L-peptide linking' y TRYPTOPHAN ? 'C11 H12 N2 O2'    204.225 
TYR 'L-peptide linking' y TYROSINE ? 'C9 H11 N O3'      181.189 
VAL 'L-peptide linking' y VALINE ? 'C5 H11 N O2'      117.146 
# 
loop_
_pdbx_poly_seq_scheme.asym_id 
_pdbx_poly_seq_scheme.entity_id 
_pdbx_poly_seq_scheme.seq_id 
_pdbx_poly_seq_scheme.mon_id 
_pdbx_poly_seq_scheme.ndb_seq_num 
_pdbx_poly_seq_scheme.pdb_seq_num 
_pdbx_poly_seq_scheme.auth_seq_num 
_pdbx_poly_seq_scheme.pdb_mon_id 
_pdbx_poly_seq_scheme.auth_mon_id 
_pdbx_poly_seq_scheme.pdb_strand_id 
_pdbx_poly_seq_scheme.pdb_ins_code 
_pdbx_poly_seq_scheme.hetero 
A 1 1   SER 1   320 ?   ?   ?   A . n 
A 1 2   SER 2   321 ?   ?   ?   A . n 
A 1 3   SER 3   322 322 SER SER A . n 
A 1 4   PHE 4   323 323 PHE PHE A . n 
A 1 5   SER 5   324 324 SER SER A . n 
A 1 6   PHE 6   325 325 PHE PHE A . n 
A 1 7   GLY 7   326 326 GLY GLY A . n 
A 1 8   GLY 8   327 327 GLY GLY A . n 
A 1 9   PHE 9   328 328 PHE PHE A . n 
A 1 10  THR 10  329 329 THR THR A . n 
A 1 11  PHE 11  330 330 PHE PHE A . n 
A 1 12  LYS 12  331 331 LYS LYS A . n 
A 1 13  ARG 13  332 332 ARG ARG A . n 
A 1 14  THR 14  333 333 THR THR A . n 
A 1 15  SER 15  334 334 SER SER A . n 
A 1 16  GLY 16  335 335 GLY GLY A . n 
A 1 17  SER 17  336 336 SER SER A . n 
A 1 18  SER 18  337 337 SER SER A . n 
A 1 19  VAL 19  338 338 VAL VAL A . n 
A 1 20  LYS 20  339 339 LYS LYS A . n 
A 1 21  LYS 21  340 340 LYS LYS A . n 
A 1 22  GLU 22  341 341 GLU GLU A . n 
A 1 23  GLU 23  342 342 GLU GLU A . n 
A 1 24  GLU 24  343 343 GLU GLU A . n 
A 1 25  VAL 25  344 344 VAL VAL A . n 
A 1 26  LEU 26  345 345 LEU LEU A . n 
A 1 27  THR 27  346 346 THR THR A . n 
A 1 28  GLY 28  347 347 GLY GLY A . n 
A 1 29  ASN 29  348 348 ASN ASN A . n 
A 1 30  LEU 30  349 349 LEU LEU A . n 
A 1 31  GLN 31  350 350 GLN GLN A . n 
A 1 32  THR 32  351 351 THR THR A . n 
A 1 33  LEU 33  352 352 LEU LEU A . n 
A 1 34  LYS 34  353 353 LYS LYS A . n 
A 1 35  ILE 35  354 354 ILE ILE A . n 
A 1 36  ARG 36  355 355 ARG ARG A . n 
A 1 37  VAL 37  356 356 VAL VAL A . n 
A 1 38  HIS 38  357 357 HIS HIS A . n 
A 1 39  GLU 39  358 358 GLU GLU A . n 
A 1 40  GLY 40  359 359 GLY GLY A . n 
A 1 41  TYR 41  360 360 TYR TYR A . n 
A 1 42  GLU 42  361 361 GLU GLU A . n 
A 1 43  GLU 43  362 362 GLU GLU A . n 
A 1 44  PHE 44  363 363 PHE PHE A . n 
A 1 45  THR 45  364 364 THR THR A . n 
A 1 46  MET 46  365 365 MET MET A . n 
A 1 47  VAL 47  366 366 VAL VAL A . n 
A 1 48  GLY 48  367 367 GLY GLY A . n 
A 1 49  ARG 49  368 368 ARG ARG A . n 
A 1 50  ARG 50  369 369 ARG ARG A . n 
A 1 51  ALA 51  370 370 ALA ALA A . n 
A 1 52  THR 52  371 371 THR THR A . n 
A 1 53  ALA 53  372 372 ALA ALA A . n 
A 1 54  ILE 54  373 373 ILE ILE A . n 
A 1 55  LEU 55  374 374 LEU LEU A . n 
A 1 56  ARG 56  375 375 ARG ARG A . n 
A 1 57  LYS 57  376 376 LYS LYS A . n 
A 1 58  ALA 58  377 377 ALA ALA A . n 
A 1 59  THR 59  378 378 THR THR A . n 
A 1 60  ARG 60  379 379 ARG ARG A . n 
A 1 61  ARG 61  380 380 ARG ARG A . n 
A 1 62  LEU 62  381 381 LEU LEU A . n 
A 1 63  ILE 63  382 382 ILE ILE A . n 
A 1 64  GLN 64  383 383 GLN GLN A . n 
A 1 65  LEU 65  384 384 LEU LEU A . n 
A 1 66  ILE 66  385 385 ILE ILE A . n 
A 1 67  VAL 67  386 386 VAL VAL A . n 
A 1 68  SER 68  387 387 SER SER A . n 
A 1 69  GLY 69  388 388 GLY GLY A . n 
A 1 70  ARG 70  389 389 ARG ARG A . n 
A 1 71  ASP 71  390 390 ASP ASP A . n 
A 1 72  GLU 72  391 391 GLU GLU A . n 
A 1 73  GLN 73  392 392 GLN GLN A . n 
A 1 74  SER 74  393 393 SER SER A . n 
A 1 75  ILE 75  394 394 ILE ILE A . n 
A 1 76  ALA 76  395 395 ALA ALA A . n 
A 1 77  GLU 77  396 396 GLU GLU A . n 
A 1 78  ALA 78  397 397 ALA ALA A . n 
A 1 79  ILE 79  398 398 ILE ILE A . n 
A 1 80  ILE 80  399 399 ILE ILE A . n 
A 1 81  VAL 81  400 400 VAL VAL A . n 
A 1 82  ALA 82  401 401 ALA ALA A . n 
A 1 83  MET 83  402 402 MET MET A . n 
A 1 84  VAL 84  403 403 VAL VAL A . n 
A 1 85  PHE 85  404 404 PHE PHE A . n 
A 1 86  SER 86  405 405 SER SER A . n 
A 1 87  GLN 87  406 406 GLN GLN A . n 
A 1 88  GLU 88  407 407 GLU GLU A . n 
A 1 89  ASP 89  408 408 ASP ASP A . n 
A 1 90  CYS 90  409 409 CYS CYS A . n 
A 1 91  MET 91  410 410 MET MET A . n 
A 1 92  ILE 92  411 411 ILE ILE A . n 
A 1 93  LYS 93  412 412 LYS LYS A . n 
A 1 94  ALA 94  413 413 ALA ALA A . n 
A 1 95  VAL 95  414 414 VAL VAL A . n 
A 1 96  ARG 96  415 415 ARG ARG A . n 
A 1 97  GLY 97  416 416 GLY GLY A . n 
A 1 98  ASP 98  417 417 ASP ASP A . n 
A 1 99  LEU 99  418 418 LEU LEU A . n 
A 1 100 ASN 100 419 419 ASN ASN A . n 
A 1 101 PHE 101 420 420 PHE PHE A . n 
A 1 102 VAL 102 421 421 VAL VAL A . n 
A 1 103 ASN 103 422 422 ASN ASN A . n 
A 1 104 ARG 104 423 423 ARG ARG A . n 
A 1 105 ALA 105 424 424 ALA ALA A . n 
A 1 106 ASN 106 425 425 ASN ASN A . n 
A 1 107 GLN 107 426 426 GLN GLN A . n 
A 1 108 ARG 108 427 427 ARG ARG A . n 
A 1 109 LEU 109 428 428 LEU LEU A . n 
A 1 110 ASN 110 429 429 ASN ASN A . n 
A 1 111 PRO 111 430 430 PRO PRO A . n 
A 1 112 MET 112 431 431 MET MET A . n 
A 1 113 HIS 113 432 432 HIS HIS A . n 
A 1 114 GLN 114 433 433 GLN GLN A . n 
A 1 115 LEU 115 434 434 LEU LEU A . n 
A 1 116 LEU 116 435 435 LEU LEU A . n 
A 1 117 ARG 117 436 436 ARG ARG A . n 
A 1 118 HIS 118 437 437 HIS HIS A . n 
A 1 119 PHE 119 438 438 PHE PHE A . n 
A 1 120 GLN 120 439 439 GLN GLN A . n 
A 1 121 LYS 121 440 440 LYS LYS A . n 
A 1 122 ASP 122 441 441 ASP ASP A . n 
A 1 123 ALA 123 442 442 ALA ALA A . n 
A 1 124 LYS 124 443 443 LYS LYS A . n 
A 1 125 VAL 125 444 444 VAL VAL A . n 
A 1 126 LEU 126 445 445 LEU LEU A . n 
A 1 127 PHE 127 446 446 PHE PHE A . n 
A 1 128 GLN 128 447 447 GLN GLN A . n 
A 1 129 ASN 129 448 448 ASN ASN A . n 
A 1 130 TRP 130 449 449 TRP TRP A . n 
A 1 131 GLY 131 450 450 GLY GLY A . n 
A 1 132 ILE 132 451 451 ILE ILE A . n 
A 1 133 GLU 133 452 452 GLU GLU A . n 
A 1 134 SER 134 453 453 SER SER A . n 
A 1 135 ILE 135 454 454 ILE ILE A . n 
A 1 136 ASP 136 455 455 ASP ASP A . n 
A 1 137 ASN 137 456 456 ASN ASN A . n 
A 1 138 VAL 138 457 457 VAL VAL A . n 
A 1 139 MET 139 458 458 MET MET A . n 
A 1 140 GLY 140 459 459 GLY GLY A . n 
A 1 141 MET 141 460 460 MET MET A . n 
A 1 142 ILE 142 461 461 ILE ILE A . n 
A 1 143 GLY 143 462 462 GLY GLY A . n 
A 1 144 ILE 144 463 463 ILE ILE A . n 
A 1 145 LEU 145 464 464 LEU LEU A . n 
A 1 146 PRO 146 465 465 PRO PRO A . n 
A 1 147 ASP 147 466 466 ASP ASP A . n 
A 1 148 MET 148 467 467 MET MET A . n 
A 1 149 THR 149 468 468 THR THR A . n 
A 1 150 PRO 150 469 469 PRO PRO A . n 
A 1 151 SER 151 470 470 SER SER A . n 
A 1 152 THR 152 471 471 THR THR A . n 
A 1 153 GLU 153 472 472 GLU GLU A . n 
A 1 154 MET 154 473 473 MET MET A . n 
A 1 155 SER 155 474 474 SER SER A . n 
A 1 156 LEU 156 475 475 LEU LEU A . n 
A 1 157 ARG 157 476 476 ARG ARG A . n 
A 1 158 GLY 158 477 477 GLY GLY A . n 
A 1 159 ILE 159 478 478 ILE ILE A . n 
A 1 160 ARG 160 479 479 ARG ARG A . n 
A 1 161 VAL 161 480 480 VAL VAL A . n 
A 1 162 SER 162 481 481 SER SER A . n 
A 1 163 LYS 163 482 482 LYS LYS A . n 
A 1 164 MET 164 483 483 MET MET A . n 
# 
loop_
_pdbx_nonpoly_scheme.asym_id 
_pdbx_nonpoly_scheme.entity_id 
_pdbx_nonpoly_scheme.mon_id 
_pdbx_nonpoly_scheme.ndb_seq_num 
_pdbx_nonpoly_scheme.pdb_seq_num 
_pdbx_nonpoly_scheme.auth_seq_num 
_pdbx_nonpoly_scheme.pdb_mon_id 
_pdbx_nonpoly_scheme.auth_mon_id 
_pdbx_nonpoly_scheme.pdb_strand_id 
_pdbx_nonpoly_scheme.pdb_ins_code 
B 2 21G 1   501 1   21G QQ5 A . 
C 3 BR  1   502 1   BR  BR  A . 
D 3 BR  1   503 2   BR  BR  A . 
E 4 HOH 1   601 204 HOH HOH A . 
E 4 HOH 2   602 145 HOH HOH A . 
E 4 HOH 3   603 92  HOH HOH A . 
E 4 HOH 4   604 161 HOH HOH A . 
E 4 HOH 5   605 80  HOH HOH A . 
E 4 HOH 6   606 191 HOH HOH A . 
E 4 HOH 7   607 61  HOH HOH A . 
E 4 HOH 8   608 70  HOH HOH A . 
E 4 HOH 9   609 188 HOH HOH A . 
E 4 HOH 10  610 85  HOH HOH A . 
E 4 HOH 11  611 101 HOH HOH A . 
E 4 HOH 12  612 194 HOH HOH A . 
E 4 HOH 13  613 98  HOH HOH A . 
E 4 HOH 14  614 162 HOH HOH A . 
E 4 HOH 15  615 89  HOH HOH A . 
E 4 HOH 16  616 13  HOH HOH A . 
E 4 HOH 17  617 5   HOH HOH A . 
E 4 HOH 18  618 120 HOH HOH A . 
E 4 HOH 19  619 88  HOH HOH A . 
E 4 HOH 20  620 14  HOH HOH A . 
E 4 HOH 21  621 75  HOH HOH A . 
E 4 HOH 22  622 17  HOH HOH A . 
E 4 HOH 23  623 54  HOH HOH A . 
E 4 HOH 24  624 45  HOH HOH A . 
E 4 HOH 25  625 20  HOH HOH A . 
E 4 HOH 26  626 84  HOH HOH A . 
E 4 HOH 27  627 159 HOH HOH A . 
E 4 HOH 28  628 2   HOH HOH A . 
E 4 HOH 29  629 197 HOH HOH A . 
E 4 HOH 30  630 12  HOH HOH A . 
E 4 HOH 31  631 193 HOH HOH A . 
E 4 HOH 32  632 10  HOH HOH A . 
E 4 HOH 33  633 178 HOH HOH A . 
E 4 HOH 34  634 66  HOH HOH A . 
E 4 HOH 35  635 56  HOH HOH A . 
E 4 HOH 36  636 158 HOH HOH A . 
E 4 HOH 37  637 140 HOH HOH A . 
E 4 HOH 38  638 16  HOH HOH A . 
E 4 HOH 39  639 9   HOH HOH A . 
E 4 HOH 40  640 114 HOH HOH A . 
E 4 HOH 41  641 24  HOH HOH A . 
E 4 HOH 42  642 137 HOH HOH A . 
E 4 HOH 43  643 55  HOH HOH A . 
E 4 HOH 44  644 33  HOH HOH A . 
E 4 HOH 45  645 51  HOH HOH A . 
E 4 HOH 46  646 96  HOH HOH A . 
E 4 HOH 47  647 87  HOH HOH A . 
E 4 HOH 48  648 176 HOH HOH A . 
E 4 HOH 49  649 26  HOH HOH A . 
E 4 HOH 50  650 135 HOH HOH A . 
E 4 HOH 51  651 125 HOH HOH A . 
E 4 HOH 52  652 106 HOH HOH A . 
E 4 HOH 53  653 25  HOH HOH A . 
E 4 HOH 54  654 29  HOH HOH A . 
E 4 HOH 55  655 133 HOH HOH A . 
E 4 HOH 56  656 115 HOH HOH A . 
E 4 HOH 57  657 81  HOH HOH A . 
E 4 HOH 58  658 19  HOH HOH A . 
E 4 HOH 59  659 31  HOH HOH A . 
E 4 HOH 60  660 50  HOH HOH A . 
E 4 HOH 61  661 41  HOH HOH A . 
E 4 HOH 62  662 30  HOH HOH A . 
E 4 HOH 63  663 53  HOH HOH A . 
E 4 HOH 64  664 74  HOH HOH A . 
E 4 HOH 65  665 58  HOH HOH A . 
E 4 HOH 66  666 76  HOH HOH A . 
E 4 HOH 67  667 122 HOH HOH A . 
E 4 HOH 68  668 65  HOH HOH A . 
E 4 HOH 69  669 52  HOH HOH A . 
E 4 HOH 70  670 157 HOH HOH A . 
E 4 HOH 71  671 49  HOH HOH A . 
E 4 HOH 72  672 72  HOH HOH A . 
E 4 HOH 73  673 172 HOH HOH A . 
E 4 HOH 74  674 1   HOH HOH A . 
E 4 HOH 75  675 6   HOH HOH A . 
E 4 HOH 76  676 156 HOH HOH A . 
E 4 HOH 77  677 32  HOH HOH A . 
E 4 HOH 78  678 11  HOH HOH A . 
E 4 HOH 79  679 67  HOH HOH A . 
E 4 HOH 80  680 123 HOH HOH A . 
E 4 HOH 81  681 150 HOH HOH A . 
E 4 HOH 82  682 93  HOH HOH A . 
E 4 HOH 83  683 23  HOH HOH A . 
E 4 HOH 84  684 175 HOH HOH A . 
E 4 HOH 85  685 22  HOH HOH A . 
E 4 HOH 86  686 18  HOH HOH A . 
E 4 HOH 87  687 179 HOH HOH A . 
E 4 HOH 88  688 69  HOH HOH A . 
E 4 HOH 89  689 27  HOH HOH A . 
E 4 HOH 90  690 63  HOH HOH A . 
E 4 HOH 91  691 128 HOH HOH A . 
E 4 HOH 92  692 91  HOH HOH A . 
E 4 HOH 93  693 39  HOH HOH A . 
E 4 HOH 94  694 147 HOH HOH A . 
E 4 HOH 95  695 83  HOH HOH A . 
E 4 HOH 96  696 8   HOH HOH A . 
E 4 HOH 97  697 68  HOH HOH A . 
E 4 HOH 98  698 64  HOH HOH A . 
E 4 HOH 99  699 117 HOH HOH A . 
E 4 HOH 100 700 38  HOH HOH A . 
E 4 HOH 101 701 121 HOH HOH A . 
E 4 HOH 102 702 180 HOH HOH A . 
E 4 HOH 103 703 36  HOH HOH A . 
E 4 HOH 104 704 77  HOH HOH A . 
E 4 HOH 105 705 107 HOH HOH A . 
E 4 HOH 106 706 35  HOH HOH A . 
E 4 HOH 107 707 111 HOH HOH A . 
E 4 HOH 108 708 4   HOH HOH A . 
E 4 HOH 109 709 7   HOH HOH A . 
E 4 HOH 110 710 154 HOH HOH A . 
E 4 HOH 111 711 62  HOH HOH A . 
E 4 HOH 112 712 160 HOH HOH A . 
E 4 HOH 113 713 60  HOH HOH A . 
E 4 HOH 114 714 119 HOH HOH A . 
E 4 HOH 115 715 112 HOH HOH A . 
E 4 HOH 116 716 28  HOH HOH A . 
E 4 HOH 117 717 40  HOH HOH A . 
E 4 HOH 118 718 118 HOH HOH A . 
E 4 HOH 119 719 116 HOH HOH A . 
E 4 HOH 120 720 173 HOH HOH A . 
E 4 HOH 121 721 169 HOH HOH A . 
E 4 HOH 122 722 134 HOH HOH A . 
E 4 HOH 123 723 44  HOH HOH A . 
E 4 HOH 124 724 78  HOH HOH A . 
E 4 HOH 125 725 192 HOH HOH A . 
E 4 HOH 126 726 82  HOH HOH A . 
E 4 HOH 127 727 144 HOH HOH A . 
E 4 HOH 128 728 126 HOH HOH A . 
E 4 HOH 129 729 42  HOH HOH A . 
E 4 HOH 130 730 199 HOH HOH A . 
E 4 HOH 131 731 131 HOH HOH A . 
E 4 HOH 132 732 168 HOH HOH A . 
E 4 HOH 133 733 174 HOH HOH A . 
E 4 HOH 134 734 189 HOH HOH A . 
E 4 HOH 135 735 202 HOH HOH A . 
E 4 HOH 136 736 124 HOH HOH A . 
E 4 HOH 137 737 190 HOH HOH A . 
E 4 HOH 138 738 103 HOH HOH A . 
E 4 HOH 139 739 164 HOH HOH A . 
E 4 HOH 140 740 57  HOH HOH A . 
E 4 HOH 141 741 86  HOH HOH A . 
E 4 HOH 142 742 165 HOH HOH A . 
E 4 HOH 143 743 139 HOH HOH A . 
E 4 HOH 144 744 127 HOH HOH A . 
E 4 HOH 145 745 149 HOH HOH A . 
E 4 HOH 146 746 95  HOH HOH A . 
E 4 HOH 147 747 203 HOH HOH A . 
E 4 HOH 148 748 146 HOH HOH A . 
E 4 HOH 149 749 43  HOH HOH A . 
E 4 HOH 150 750 185 HOH HOH A . 
E 4 HOH 151 751 201 HOH HOH A . 
E 4 HOH 152 752 110 HOH HOH A . 
E 4 HOH 153 753 90  HOH HOH A . 
E 4 HOH 154 754 195 HOH HOH A . 
E 4 HOH 155 755 143 HOH HOH A . 
E 4 HOH 156 756 15  HOH HOH A . 
E 4 HOH 157 757 97  HOH HOH A . 
E 4 HOH 158 758 142 HOH HOH A . 
E 4 HOH 159 759 46  HOH HOH A . 
E 4 HOH 160 760 141 HOH HOH A . 
E 4 HOH 161 761 152 HOH HOH A . 
E 4 HOH 162 762 109 HOH HOH A . 
E 4 HOH 163 763 79  HOH HOH A . 
E 4 HOH 164 764 200 HOH HOH A . 
E 4 HOH 165 765 129 HOH HOH A . 
E 4 HOH 166 766 59  HOH HOH A . 
E 4 HOH 167 767 99  HOH HOH A . 
E 4 HOH 168 768 148 HOH HOH A . 
E 4 HOH 169 769 205 HOH HOH A . 
E 4 HOH 170 770 170 HOH HOH A . 
E 4 HOH 171 771 151 HOH HOH A . 
E 4 HOH 172 772 37  HOH HOH A . 
E 4 HOH 173 773 181 HOH HOH A . 
E 4 HOH 174 774 108 HOH HOH A . 
E 4 HOH 175 775 132 HOH HOH A . 
E 4 HOH 176 776 71  HOH HOH A . 
E 4 HOH 177 777 100 HOH HOH A . 
E 4 HOH 178 778 198 HOH HOH A . 
E 4 HOH 179 779 136 HOH HOH A . 
E 4 HOH 180 780 138 HOH HOH A . 
E 4 HOH 181 781 130 HOH HOH A . 
E 4 HOH 182 782 3   HOH HOH A . 
E 4 HOH 183 783 47  HOH HOH A . 
E 4 HOH 184 784 163 HOH HOH A . 
E 4 HOH 185 785 73  HOH HOH A . 
E 4 HOH 186 786 102 HOH HOH A . 
E 4 HOH 187 787 182 HOH HOH A . 
E 4 HOH 188 788 186 HOH HOH A . 
E 4 HOH 189 789 105 HOH HOH A . 
E 4 HOH 190 790 155 HOH HOH A . 
E 4 HOH 191 791 48  HOH HOH A . 
E 4 HOH 192 792 184 HOH HOH A . 
E 4 HOH 193 793 167 HOH HOH A . 
E 4 HOH 194 794 21  HOH HOH A . 
E 4 HOH 195 795 177 HOH HOH A . 
E 4 HOH 196 796 153 HOH HOH A . 
E 4 HOH 197 797 196 HOH HOH A . 
E 4 HOH 198 798 34  HOH HOH A . 
E 4 HOH 199 799 187 HOH HOH A . 
E 4 HOH 200 800 113 HOH HOH A . 
E 4 HOH 201 801 183 HOH HOH A . 
E 4 HOH 202 802 104 HOH HOH A . 
E 4 HOH 203 803 94  HOH HOH A . 
E 4 HOH 204 804 166 HOH HOH A . 
# 
loop_
_pdbx_unobs_or_zero_occ_atoms.id 
_pdbx_unobs_or_zero_occ_atoms.PDB_model_num 
_pdbx_unobs_or_zero_occ_atoms.polymer_flag 
_pdbx_unobs_or_zero_occ_atoms.occupancy_flag 
_pdbx_unobs_or_zero_occ_atoms.auth_asym_id 
_pdbx_unobs_or_zero_occ_atoms.auth_comp_id 
_pdbx_unobs_or_zero_occ_atoms.auth_seq_id 
_pdbx_unobs_or_zero_occ_atoms.PDB_ins_code 
_pdbx_unobs_or_zero_occ_atoms.auth_atom_id 
_pdbx_unobs_or_zero_occ_atoms.label_alt_id 
_pdbx_unobs_or_zero_occ_atoms.label_asym_id 
_pdbx_unobs_or_zero_occ_atoms.label_comp_id 
_pdbx_unobs_or_zero_occ_atoms.label_seq_id 
_pdbx_unobs_or_zero_occ_atoms.label_atom_id 
1  1 Y 1 A SER 322 ? OG  ? A SER 3   OG  
2  1 Y 1 A LYS 331 ? CD  ? A LYS 12  CD  
3  1 Y 1 A LYS 331 ? CE  ? A LYS 12  CE  
4  1 Y 1 A LYS 331 ? NZ  ? A LYS 12  NZ  
5  1 Y 1 A LYS 340 ? CG  ? A LYS 21  CG  
6  1 Y 1 A LYS 340 ? CD  ? A LYS 21  CD  
7  1 Y 1 A LYS 340 ? CE  ? A LYS 21  CE  
8  1 Y 1 A LYS 340 ? NZ  ? A LYS 21  NZ  
9  1 Y 1 A GLU 341 ? CG  ? A GLU 22  CG  
10 1 Y 1 A GLU 341 ? CD  ? A GLU 22  CD  
11 1 Y 1 A GLU 341 ? OE1 ? A GLU 22  OE1 
12 1 Y 1 A GLU 341 ? OE2 ? A GLU 22  OE2 
13 1 Y 1 A GLU 342 ? CD  ? A GLU 23  CD  
14 1 Y 1 A GLU 342 ? OE1 ? A GLU 23  OE1 
15 1 Y 1 A GLU 342 ? OE2 ? A GLU 23  OE2 
16 1 Y 1 A LYS 353 ? CG  ? A LYS 34  CG  
17 1 Y 1 A LYS 353 ? CD  ? A LYS 34  CD  
18 1 Y 1 A LYS 353 ? CE  ? A LYS 34  CE  
19 1 Y 1 A LYS 353 ? NZ  ? A LYS 34  NZ  
20 1 Y 1 A ARG 380 ? NH1 ? A ARG 61  NH1 
21 1 Y 1 A ASP 441 ? CG  ? A ASP 122 CG  
22 1 Y 1 A ASP 441 ? OD1 ? A ASP 122 OD1 
23 1 Y 1 A ASP 441 ? OD2 ? A ASP 122 OD2 
24 1 Y 1 A LYS 443 ? CD  ? A LYS 124 CD  
25 1 Y 1 A LYS 443 ? CE  ? A LYS 124 CE  
26 1 Y 1 A LYS 443 ? NZ  ? A LYS 124 NZ  
27 1 Y 1 A MET 458 ? CE  ? A MET 139 CE  
28 1 Y 1 A MET 467 ? CE  ? A MET 148 CE  
29 1 Y 1 A LYS 482 ? CG  ? A LYS 163 CG  
30 1 Y 1 A LYS 482 ? CD  ? A LYS 163 CD  
31 1 Y 1 A LYS 482 ? CE  ? A LYS 163 CE  
32 1 Y 1 A LYS 482 ? NZ  ? A LYS 163 NZ  
33 1 Y 1 A MET 483 ? CB  ? A MET 164 CB  
34 1 Y 1 A MET 483 ? CG  ? A MET 164 CG  
35 1 Y 1 A MET 483 ? SD  ? A MET 164 SD  
36 1 Y 1 A MET 483 ? CE  ? A MET 164 CE  
# 
loop_
_software.citation_id 
_software.classification 
_software.compiler_name 
_software.compiler_version 
_software.contact_author 
_software.contact_author_email 
_software.date 
_software.description 
_software.dependencies 
_software.hardware 
_software.language 
_software.location 
_software.mods 
_software.name 
_software.os 
_software.os_version 
_software.type 
_software.version 
_software.pdbx_ordinal 
? refinement        ? ? ? ? ? ? ? ? ? ? ? REFMAC      ? ? ? 5.8.0258 1 
? 'data reduction'  ? ? ? ? ? ? ? ? ? ? ? XDS         ? ? ? .        2 
? 'data scaling'    ? ? ? ? ? ? ? ? ? ? ? XSCALE      ? ? ? .        3 
? 'data extraction' ? ? ? ? ? ? ? ? ? ? ? PDB_EXTRACT ? ? ? 3.25     4 
? phasing           ? ? ? ? ? ? ? ? ? ? ? MOLREP      ? ? ? .        5 
# 
_cell.angle_alpha                  71.120 
_cell.angle_alpha_esd              ? 
_cell.angle_beta                   75.620 
_cell.angle_beta_esd               ? 
_cell.angle_gamma                  76.260 
_cell.angle_gamma_esd              ? 
_cell.entry_id                     7AS0 
_cell.details                      ? 
_cell.formula_units_Z              ? 
_cell.length_a                     29.300 
_cell.length_a_esd                 ? 
_cell.length_b                     36.950 
_cell.length_b_esd                 ? 
_cell.length_c                     38.340 
_cell.length_c_esd                 ? 
_cell.volume                       ? 
_cell.volume_esd                   ? 
_cell.Z_PDB                        1 
_cell.reciprocal_angle_alpha       ? 
_cell.reciprocal_angle_beta        ? 
_cell.reciprocal_angle_gamma       ? 
_cell.reciprocal_angle_alpha_esd   ? 
_cell.reciprocal_angle_beta_esd    ? 
_cell.reciprocal_angle_gamma_esd   ? 
_cell.reciprocal_length_a          ? 
_cell.reciprocal_length_b          ? 
_cell.reciprocal_length_c          ? 
_cell.reciprocal_length_a_esd      ? 
_cell.reciprocal_length_b_esd      ? 
_cell.reciprocal_length_c_esd      ? 
_cell.pdbx_unique_axis             ? 
# 
_symmetry.entry_id                         7AS0 
_symmetry.cell_setting                     ? 
_symmetry.Int_Tables_number                1 
_symmetry.space_group_name_Hall            ? 
_symmetry.space_group_name_H-M             'P 1' 
_symmetry.pdbx_full_space_group_name_H-M   ? 
# 
_exptl.absorpt_coefficient_mu     ? 
_exptl.absorpt_correction_T_max   ? 
_exptl.absorpt_correction_T_min   ? 
_exptl.absorpt_correction_type    ? 
_exptl.absorpt_process_details    ? 
_exptl.entry_id                   7AS0 
_exptl.crystals_number            1 
_exptl.details                    ? 
_exptl.method                     'X-RAY DIFFRACTION' 
_exptl.method_details             ? 
# 
_exptl_crystal.colour                      ? 
_exptl_crystal.density_diffrn              ? 
_exptl_crystal.density_Matthews            1.97 
_exptl_crystal.density_method              ? 
_exptl_crystal.density_percent_sol         37.41 
_exptl_crystal.description                 ? 
_exptl_crystal.F_000                       ? 
_exptl_crystal.id                          1 
_exptl_crystal.preparation                 ? 
_exptl_crystal.size_max                    ? 
_exptl_crystal.size_mid                    ? 
_exptl_crystal.size_min                    ? 
_exptl_crystal.size_rad                    ? 
_exptl_crystal.colour_lustre               ? 
_exptl_crystal.colour_modifier             ? 
_exptl_crystal.colour_primary              ? 
_exptl_crystal.density_meas                ? 
_exptl_crystal.density_meas_esd            ? 
_exptl_crystal.density_meas_gt             ? 
_exptl_crystal.density_meas_lt             ? 
_exptl_crystal.density_meas_temp           ? 
_exptl_crystal.density_meas_temp_esd       ? 
_exptl_crystal.density_meas_temp_gt        ? 
_exptl_crystal.density_meas_temp_lt        ? 
_exptl_crystal.pdbx_crystal_image_url      ? 
_exptl_crystal.pdbx_crystal_image_format   ? 
_exptl_crystal.pdbx_mosaicity              ? 
_exptl_crystal.pdbx_mosaicity_esd          ? 
# 
_exptl_crystal_grow.apparatus       ? 
_exptl_crystal_grow.atmosphere      ? 
_exptl_crystal_grow.crystal_id      1 
_exptl_crystal_grow.details         ? 
_exptl_crystal_grow.method          'VAPOR DIFFUSION, SITTING DROP' 
_exptl_crystal_grow.method_ref      ? 
_exptl_crystal_grow.pH              6.5 
_exptl_crystal_grow.pressure        ? 
_exptl_crystal_grow.pressure_esd    ? 
_exptl_crystal_grow.seeding         ? 
_exptl_crystal_grow.seeding_ref     ? 
_exptl_crystal_grow.temp            291.15 
_exptl_crystal_grow.temp_details    ? 
_exptl_crystal_grow.temp_esd        ? 
_exptl_crystal_grow.time            ? 
_exptl_crystal_grow.pdbx_details    
'Sodium fluoride, Sodium bromide, Sodium iodide, Imidazole, MES monohydrate (acid), PEG 500, PEG 20000' 
_exptl_crystal_grow.pdbx_pH_range   ? 
# 
_diffrn.ambient_environment              ? 
_diffrn.ambient_temp                     100 
_diffrn.ambient_temp_details             ? 
_diffrn.ambient_temp_esd                 ? 
_diffrn.crystal_id                       1 
_diffrn.crystal_support                  ? 
_diffrn.crystal_treatment                ? 
_diffrn.details                          ? 
_diffrn.id                               1 
_diffrn.ambient_pressure                 ? 
_diffrn.ambient_pressure_esd             ? 
_diffrn.ambient_pressure_gt              ? 
_diffrn.ambient_pressure_lt              ? 
_diffrn.ambient_temp_gt                  ? 
_diffrn.ambient_temp_lt                  ? 
_diffrn.pdbx_serial_crystal_experiment   N 
# 
_diffrn_detector.details                      ? 
_diffrn_detector.detector                     PIXEL 
_diffrn_detector.diffrn_id                    1 
_diffrn_detector.type                         'DECTRIS PILATUS 300K' 
_diffrn_detector.area_resol_mean              ? 
_diffrn_detector.dtime                        ? 
_diffrn_detector.pdbx_frames_total            ? 
_diffrn_detector.pdbx_collection_time_total   ? 
_diffrn_detector.pdbx_collection_date         2019-02-28 
_diffrn_detector.pdbx_frequency               ? 
# 
_diffrn_radiation.collimation                      ? 
_diffrn_radiation.diffrn_id                        1 
_diffrn_radiation.filter_edge                      ? 
_diffrn_radiation.inhomogeneity                    ? 
_diffrn_radiation.monochromator                    ? 
_diffrn_radiation.polarisn_norm                    ? 
_diffrn_radiation.polarisn_ratio                   ? 
_diffrn_radiation.probe                            ? 
_diffrn_radiation.type                             ? 
_diffrn_radiation.xray_symbol                      ? 
_diffrn_radiation.wavelength_id                    1 
_diffrn_radiation.pdbx_monochromatic_or_laue_m_l   M 
_diffrn_radiation.pdbx_wavelength_list             ? 
_diffrn_radiation.pdbx_wavelength                  ? 
_diffrn_radiation.pdbx_diffrn_protocol             'SINGLE WAVELENGTH' 
_diffrn_radiation.pdbx_analyzer                    ? 
_diffrn_radiation.pdbx_scattering_type             x-ray 
# 
_diffrn_radiation_wavelength.id           1 
_diffrn_radiation_wavelength.wavelength   1.54187 
_diffrn_radiation_wavelength.wt           1.0 
# 
_diffrn_source.current                     ? 
_diffrn_source.details                     ? 
_diffrn_source.diffrn_id                   1 
_diffrn_source.power                       ? 
_diffrn_source.size                        ? 
_diffrn_source.source                      'ROTATING ANODE' 
_diffrn_source.target                      ? 
_diffrn_source.type                        'RIGAKU MICROMAX-007 HF' 
_diffrn_source.voltage                     ? 
_diffrn_source.take-off_angle              ? 
_diffrn_source.pdbx_wavelength_list        1.54187 
_diffrn_source.pdbx_wavelength             ? 
_diffrn_source.pdbx_synchrotron_beamline   ? 
_diffrn_source.pdbx_synchrotron_site       ? 
# 
_reflns.B_iso_Wilson_estimate            17.919 
_reflns.entry_id                         7AS0 
_reflns.data_reduction_details           ? 
_reflns.data_reduction_method            ? 
_reflns.d_resolution_high                1.550 
_reflns.d_resolution_low                 35.640 
_reflns.details                          ? 
_reflns.limit_h_max                      ? 
_reflns.limit_h_min                      ? 
_reflns.limit_k_max                      ? 
_reflns.limit_k_min                      ? 
_reflns.limit_l_max                      ? 
_reflns.limit_l_min                      ? 
_reflns.number_all                       ? 
_reflns.number_obs                       20014 
_reflns.observed_criterion               ? 
_reflns.observed_criterion_F_max         ? 
_reflns.observed_criterion_F_min         ? 
_reflns.observed_criterion_I_max         ? 
_reflns.observed_criterion_I_min         ? 
_reflns.observed_criterion_sigma_F       ? 
_reflns.observed_criterion_sigma_I       ? 
_reflns.percent_possible_obs             94.700 
_reflns.R_free_details                   ? 
_reflns.Rmerge_F_all                     ? 
_reflns.Rmerge_F_obs                     ? 
_reflns.Friedel_coverage                 ? 
_reflns.number_gt                        ? 
_reflns.threshold_expression             ? 
_reflns.pdbx_redundancy                  2.639 
_reflns.pdbx_Rmerge_I_obs                0.054 
_reflns.pdbx_Rmerge_I_all                ? 
_reflns.pdbx_Rsym_value                  ? 
_reflns.pdbx_netI_over_av_sigmaI         ? 
_reflns.pdbx_netI_over_sigmaI            12.020 
_reflns.pdbx_res_netI_over_av_sigmaI_2   ? 
_reflns.pdbx_res_netI_over_sigmaI_2      ? 
_reflns.pdbx_chi_squared                 0.921 
_reflns.pdbx_scaling_rejects             850 
_reflns.pdbx_d_res_high_opt              ? 
_reflns.pdbx_d_res_low_opt               ? 
_reflns.pdbx_d_res_opt_method            ? 
_reflns.phase_calculation_details        ? 
_reflns.pdbx_Rrim_I_all                  0.064 
_reflns.pdbx_Rpim_I_all                  ? 
_reflns.pdbx_d_opt                       ? 
_reflns.pdbx_number_measured_all         52818 
_reflns.pdbx_diffrn_id                   1 
_reflns.pdbx_ordinal                     1 
_reflns.pdbx_CC_half                     0.997 
_reflns.pdbx_CC_star                     ? 
_reflns.pdbx_R_split                     ? 
# 
loop_
_reflns_shell.d_res_high 
_reflns_shell.d_res_low 
_reflns_shell.meanI_over_sigI_all 
_reflns_shell.meanI_over_sigI_obs 
_reflns_shell.number_measured_all 
_reflns_shell.number_measured_obs 
_reflns_shell.number_possible 
_reflns_shell.number_unique_all 
_reflns_shell.number_unique_obs 
_reflns_shell.percent_possible_all 
_reflns_shell.percent_possible_obs 
_reflns_shell.Rmerge_F_all 
_reflns_shell.Rmerge_F_obs 
_reflns_shell.Rmerge_I_all 
_reflns_shell.Rmerge_I_obs 
_reflns_shell.meanI_over_sigI_gt 
_reflns_shell.meanI_over_uI_all 
_reflns_shell.meanI_over_uI_gt 
_reflns_shell.number_measured_gt 
_reflns_shell.number_unique_gt 
_reflns_shell.percent_possible_gt 
_reflns_shell.Rmerge_F_gt 
_reflns_shell.Rmerge_I_gt 
_reflns_shell.pdbx_redundancy 
_reflns_shell.pdbx_Rsym_value 
_reflns_shell.pdbx_chi_squared 
_reflns_shell.pdbx_netI_over_sigmaI_all 
_reflns_shell.pdbx_netI_over_sigmaI_obs 
_reflns_shell.pdbx_Rrim_I_all 
_reflns_shell.pdbx_Rpim_I_all 
_reflns_shell.pdbx_rejects 
_reflns_shell.pdbx_ordinal 
_reflns_shell.pdbx_diffrn_id 
_reflns_shell.pdbx_CC_half 
_reflns_shell.pdbx_CC_star 
_reflns_shell.pdbx_R_split 
1.550 1.590  ? 4.270  ? 2692 1544 ? 1471 95.300 ? ? ? ? 0.136 ? ? ? ? ? ? ? ? 1.830 ? ? ? ? 0.184 ? ? 1  1 0.968 ? ? 
1.590 1.630  ? 4.600  ? 2769 1537 ? 1478 96.200 ? ? ? ? 0.118 ? ? ? ? ? ? ? ? 1.873 ? ? ? ? 0.157 ? ? 2  1 0.959 ? ? 
1.630 1.680  ? 5.130  ? 2930 1494 ? 1482 99.200 ? ? ? ? 0.084 ? ? ? ? ? ? ? ? 1.977 ? ? ? ? 0.111 ? ? 3  1 0.983 ? ? 
1.680 1.730  ? 5.870  ? 2796 1436 ? 1412 98.300 ? ? ? ? 0.085 ? ? ? ? ? ? ? ? 1.980 ? ? ? ? 0.113 ? ? 4  1 0.981 ? ? 
1.730 1.790  ? 6.550  ? 2723 1364 ? 1355 99.300 ? ? ? ? 0.078 ? ? ? ? ? ? ? ? 2.010 ? ? ? ? 0.103 ? ? 5  1 0.984 ? ? 
1.790 1.850  ? 7.220  ? 2589 1367 ? 1324 96.900 ? ? ? ? 0.076 ? ? ? ? ? ? ? ? 1.955 ? ? ? ? 0.101 ? ? 6  1 0.986 ? ? 
1.850 1.920  ? 8.440  ? 1885 1309 ? 1114 85.100 ? ? ? ? 0.104 ? ? ? ? ? ? ? ? 1.692 ? ? ? ? 0.141 ? ? 7  1 0.949 ? ? 
1.920 2.000  ? 8.760  ? 1635 1239 ? 918  74.100 ? ? ? ? 0.085 ? ? ? ? ? ? ? ? 1.781 ? ? ? ? 0.111 ? ? 8  1 0.981 ? ? 
2.000 2.090  ? 11.600 ? 2574 1228 ? 1118 91.000 ? ? ? ? 0.063 ? ? ? ? ? ? ? ? 2.302 ? ? ? ? 0.080 ? ? 9  1 0.987 ? ? 
2.090 2.190  ? 13.930 ? 3328 1131 ? 1125 99.500 ? ? ? ? 0.061 ? ? ? ? ? ? ? ? 2.958 ? ? ? ? 0.075 ? ? 10 1 0.992 ? ? 
2.190 2.310  ? 13.970 ? 1670 1084 ? 935  86.300 ? ? ? ? 0.077 ? ? ? ? ? ? ? ? 1.786 ? ? ? ? 0.100 ? ? 11 1 0.976 ? ? 
2.310 2.450  ? 15.470 ? 3443 1053 ? 1034 98.200 ? ? ? ? 0.063 ? ? ? ? ? ? ? ? 3.330 ? ? ? ? 0.076 ? ? 12 1 0.992 ? ? 
2.450 2.620  ? 17.560 ? 3178 955  ? 920  96.300 ? ? ? ? 0.066 ? ? ? ? ? ? ? ? 3.454 ? ? ? ? 0.079 ? ? 13 1 0.981 ? ? 
2.620 2.830  ? 20.120 ? 3743 898  ? 891  99.200 ? ? ? ? 0.059 ? ? ? ? ? ? ? ? 4.201 ? ? ? ? 0.068 ? ? 14 1 0.996 ? ? 
2.830 3.100  ? 22.050 ? 3777 836  ? 828  99.000 ? ? ? ? 0.053 ? ? ? ? ? ? ? ? 4.562 ? ? ? ? 0.060 ? ? 15 1 0.996 ? ? 
3.100 3.470  ? 23.420 ? 3135 757  ? 745  98.400 ? ? ? ? 0.054 ? ? ? ? ? ? ? ? 4.208 ? ? ? ? 0.061 ? ? 16 1 0.997 ? ? 
3.470 4.000  ? 26.380 ? 2904 653  ? 650  99.500 ? ? ? ? 0.048 ? ? ? ? ? ? ? ? 4.468 ? ? ? ? 0.054 ? ? 17 1 0.996 ? ? 
4.000 4.900  ? 26.780 ? 2487 569  ? 555  97.500 ? ? ? ? 0.043 ? ? ? ? ? ? ? ? 4.481 ? ? ? ? 0.048 ? ? 18 1 0.998 ? ? 
4.900 6.930  ? 23.650 ? 1621 428  ? 425  99.300 ? ? ? ? 0.046 ? ? ? ? ? ? ? ? 3.814 ? ? ? ? 0.053 ? ? 19 1 0.996 ? ? 
6.930 35.640 ? 25.950 ? 939  241  ? 234  97.100 ? ? ? ? 0.045 ? ? ? ? ? ? ? ? 4.013 ? ? ? ? 0.052 ? ? 20 1 0.997 ? ? 
# 
_refine.aniso_B[1][1]                            0.5500 
_refine.aniso_B[1][2]                            -0.1000 
_refine.aniso_B[1][3]                            -0.3900 
_refine.aniso_B[2][2]                            -0.5100 
_refine.aniso_B[2][3]                            0.1100 
_refine.aniso_B[3][3]                            -0.1000 
_refine.B_iso_max                                54.480 
_refine.B_iso_mean                               13.7790 
_refine.B_iso_min                                7.070 
_refine.correlation_coeff_Fo_to_Fc               0.9370 
_refine.correlation_coeff_Fo_to_Fc_free          0.9220 
_refine.details                                  
'HYDROGENS HAVE BEEN ADDED IN THE RIDING POSITIONS U VALUES      : REFINED INDIVIDUALLY' 
_refine.diff_density_max                         ? 
_refine.diff_density_max_esd                     ? 
_refine.diff_density_min                         ? 
_refine.diff_density_min_esd                     ? 
_refine.diff_density_rms                         ? 
_refine.diff_density_rms_esd                     ? 
_refine.entry_id                                 7AS0 
_refine.pdbx_refine_id                           'X-RAY DIFFRACTION' 
_refine.ls_abs_structure_details                 ? 
_refine.ls_abs_structure_Flack                   ? 
_refine.ls_abs_structure_Flack_esd               ? 
_refine.ls_abs_structure_Rogers                  ? 
_refine.ls_abs_structure_Rogers_esd              ? 
_refine.ls_d_res_high                            1.5500 
_refine.ls_d_res_low                             35.6400 
_refine.ls_extinction_coef                       ? 
_refine.ls_extinction_coef_esd                   ? 
_refine.ls_extinction_expression                 ? 
_refine.ls_extinction_method                     ? 
_refine.ls_goodness_of_fit_all                   ? 
_refine.ls_goodness_of_fit_all_esd               ? 
_refine.ls_goodness_of_fit_obs                   ? 
_refine.ls_goodness_of_fit_obs_esd               ? 
_refine.ls_hydrogen_treatment                    ? 
_refine.ls_matrix_type                           ? 
_refine.ls_number_constraints                    ? 
_refine.ls_number_parameters                     ? 
_refine.ls_number_reflns_all                     ? 
_refine.ls_number_reflns_obs                     19032 
_refine.ls_number_reflns_R_free                  996 
_refine.ls_number_reflns_R_work                  ? 
_refine.ls_number_restraints                     ? 
_refine.ls_percent_reflns_obs                    94.9700 
_refine.ls_percent_reflns_R_free                 5.0000 
_refine.ls_R_factor_all                          ? 
_refine.ls_R_factor_obs                          0.1849 
_refine.ls_R_factor_R_free                       0.2199 
_refine.ls_R_factor_R_free_error                 ? 
_refine.ls_R_factor_R_free_error_details         ? 
_refine.ls_R_factor_R_work                       0.1831 
_refine.ls_R_Fsqd_factor_obs                     ? 
_refine.ls_R_I_factor_obs                        ? 
_refine.ls_redundancy_reflns_all                 ? 
_refine.ls_redundancy_reflns_obs                 ? 
_refine.ls_restrained_S_all                      ? 
_refine.ls_restrained_S_obs                      ? 
_refine.ls_shift_over_esd_max                    ? 
_refine.ls_shift_over_esd_mean                   ? 
_refine.ls_structure_factor_coef                 ? 
_refine.ls_weighting_details                     ? 
_refine.ls_weighting_scheme                      ? 
_refine.ls_wR_factor_all                         ? 
_refine.ls_wR_factor_obs                         ? 
_refine.ls_wR_factor_R_free                      0.2166 
_refine.ls_wR_factor_R_work                      0.1802 
_refine.occupancy_max                            ? 
_refine.occupancy_min                            ? 
_refine.solvent_model_details                    'BABINET MODEL WITH MASK' 
_refine.solvent_model_param_bsol                 ? 
_refine.solvent_model_param_ksol                 ? 
_refine.pdbx_R_complete                          ? 
_refine.ls_R_factor_gt                           ? 
_refine.ls_goodness_of_fit_gt                    ? 
_refine.ls_goodness_of_fit_ref                   ? 
_refine.ls_shift_over_su_max                     ? 
_refine.ls_shift_over_su_max_lt                  ? 
_refine.ls_shift_over_su_mean                    ? 
_refine.ls_shift_over_su_mean_lt                 ? 
_refine.pdbx_ls_sigma_I                          ? 
_refine.pdbx_ls_sigma_F                          0.000 
_refine.pdbx_ls_sigma_Fsqd                       ? 
_refine.pdbx_data_cutoff_high_absF               ? 
_refine.pdbx_data_cutoff_high_rms_absF           ? 
_refine.pdbx_data_cutoff_low_absF                ? 
_refine.pdbx_isotropic_thermal_model             ? 
_refine.pdbx_ls_cross_valid_method               THROUGHOUT 
_refine.pdbx_method_to_determine_struct          'MOLECULAR REPLACEMENT' 
_refine.pdbx_starting_model                      4P1U 
_refine.pdbx_stereochemistry_target_values       'MAXIMUM LIKELIHOOD' 
_refine.pdbx_R_Free_selection_details            RANDOM 
_refine.pdbx_stereochem_target_val_spec_case     ? 
_refine.pdbx_overall_ESU_R                       0.1010 
_refine.pdbx_overall_ESU_R_Free                  0.1000 
_refine.pdbx_solvent_vdw_probe_radii             1.2000 
_refine.pdbx_solvent_ion_probe_radii             0.8000 
_refine.pdbx_solvent_shrinkage_radii             0.8000 
_refine.pdbx_real_space_R                        ? 
_refine.pdbx_density_correlation                 ? 
_refine.pdbx_pd_number_of_powder_patterns        ? 
_refine.pdbx_pd_number_of_points                 ? 
_refine.pdbx_pd_meas_number_of_points            ? 
_refine.pdbx_pd_proc_ls_prof_R_factor            ? 
_refine.pdbx_pd_proc_ls_prof_wR_factor           ? 
_refine.pdbx_pd_Marquardt_correlation_coeff      ? 
_refine.pdbx_pd_Fsqrd_R_factor                   ? 
_refine.pdbx_pd_ls_matrix_band_width             ? 
_refine.pdbx_overall_phase_error                 ? 
_refine.pdbx_overall_SU_R_free_Cruickshank_DPI   ? 
_refine.pdbx_overall_SU_R_free_Blow_DPI          ? 
_refine.pdbx_overall_SU_R_Blow_DPI               ? 
_refine.pdbx_TLS_residual_ADP_flag               ? 
_refine.pdbx_diffrn_id                           1 
_refine.overall_SU_B                             1.9200 
_refine.overall_SU_ML                            0.0700 
_refine.overall_SU_R_Cruickshank_DPI             0.1009 
_refine.overall_SU_R_free                        0.0999 
_refine.overall_FOM_free_R_set                   ? 
_refine.overall_FOM_work_R_set                   0.8296 
_refine.pdbx_average_fsc_overall                 ? 
_refine.pdbx_average_fsc_work                    ? 
_refine.pdbx_average_fsc_free                    ? 
# 
_refine_hist.pdbx_refine_id                   'X-RAY DIFFRACTION' 
_refine_hist.cycle_id                         final 
_refine_hist.details                          ? 
_refine_hist.d_res_high                       1.5500 
_refine_hist.d_res_low                        35.6400 
_refine_hist.number_atoms_solvent             205 
_refine_hist.number_atoms_total               1484 
_refine_hist.number_reflns_all                ? 
_refine_hist.number_reflns_obs                ? 
_refine_hist.number_reflns_R_free             ? 
_refine_hist.number_reflns_R_work             ? 
_refine_hist.R_factor_all                     ? 
_refine_hist.R_factor_obs                     ? 
_refine_hist.R_factor_R_free                  ? 
_refine_hist.R_factor_R_work                  ? 
_refine_hist.pdbx_number_residues_total       162 
_refine_hist.pdbx_B_iso_mean_ligand           14.78 
_refine_hist.pdbx_B_iso_mean_solvent          26.33 
_refine_hist.pdbx_number_atoms_protein        1248 
_refine_hist.pdbx_number_atoms_nucleic_acid   0 
_refine_hist.pdbx_number_atoms_ligand         31 
_refine_hist.pdbx_number_atoms_lipid          ? 
_refine_hist.pdbx_number_atoms_carb           ? 
_refine_hist.pdbx_pseudo_atom_details         ? 
# 
loop_
_refine_ls_restr.pdbx_refine_id 
_refine_ls_restr.criterion 
_refine_ls_restr.dev_ideal 
_refine_ls_restr.dev_ideal_target 
_refine_ls_restr.number 
_refine_ls_restr.rejects 
_refine_ls_restr.type 
_refine_ls_restr.weight 
_refine_ls_restr.pdbx_restraint_function 
'X-RAY DIFFRACTION' ? 0.013  0.013  1349 ? r_bond_refined_d       ? ? 
'X-RAY DIFFRACTION' ? 0.001  0.017  1281 ? r_bond_other_d         ? ? 
'X-RAY DIFFRACTION' ? 1.758  1.672  1833 ? r_angle_refined_deg    ? ? 
'X-RAY DIFFRACTION' ? 1.519  1.592  2956 ? r_angle_other_deg      ? ? 
'X-RAY DIFFRACTION' ? 6.814  5.000  177  ? r_dihedral_angle_1_deg ? ? 
'X-RAY DIFFRACTION' ? 35.013 20.417 72   ? r_dihedral_angle_2_deg ? ? 
'X-RAY DIFFRACTION' ? 12.887 15.000 242  ? r_dihedral_angle_3_deg ? ? 
'X-RAY DIFFRACTION' ? 14.077 15.000 14   ? r_dihedral_angle_4_deg ? ? 
'X-RAY DIFFRACTION' ? 0.089  0.200  185  ? r_chiral_restr         ? ? 
'X-RAY DIFFRACTION' ? 0.010  0.020  1521 ? r_gen_planes_refined   ? ? 
'X-RAY DIFFRACTION' ? 0.001  0.020  306  ? r_gen_planes_other     ? ? 
# 
_refine_ls_shell.pdbx_refine_id                   'X-RAY DIFFRACTION' 
_refine_ls_shell.d_res_high                       1.5500 
_refine_ls_shell.d_res_low                        1.5900 
_refine_ls_shell.number_reflns_all                1466 
_refine_ls_shell.number_reflns_obs                ? 
_refine_ls_shell.number_reflns_R_free             72 
_refine_ls_shell.number_reflns_R_work             1394 
_refine_ls_shell.percent_reflns_obs               95.0700 
_refine_ls_shell.percent_reflns_R_free            ? 
_refine_ls_shell.R_factor_all                     ? 
_refine_ls_shell.R_factor_obs                     ? 
_refine_ls_shell.R_factor_R_free                  0.2920 
_refine_ls_shell.R_factor_R_free_error            0.0000 
_refine_ls_shell.R_factor_R_work                  0.2610 
_refine_ls_shell.redundancy_reflns_all            ? 
_refine_ls_shell.redundancy_reflns_obs            ? 
_refine_ls_shell.wR_factor_all                    ? 
_refine_ls_shell.wR_factor_obs                    ? 
_refine_ls_shell.wR_factor_R_free                 ? 
_refine_ls_shell.wR_factor_R_work                 ? 
_refine_ls_shell.pdbx_R_complete                  ? 
_refine_ls_shell.pdbx_total_number_of_bins_used   20 
_refine_ls_shell.pdbx_phase_error                 ? 
_refine_ls_shell.pdbx_fsc_work                    ? 
_refine_ls_shell.pdbx_fsc_free                    ? 
# 
_struct.entry_id                     7AS0 
_struct.title                        'Influenza A PB2 in complex with VX-787' 
_struct.pdbx_model_details           ? 
_struct.pdbx_formula_weight          ? 
_struct.pdbx_formula_weight_method   ? 
_struct.pdbx_model_type_details      ? 
_struct.pdbx_CASP_flag               N 
# 
_struct_keywords.entry_id        7AS0 
_struct_keywords.text            'Influenza A, polymerase, cap-snatching, PB2, VX787, VIRAL PROTEIN' 
_struct_keywords.pdbx_keywords   'VIRAL PROTEIN' 
# 
loop_
_struct_asym.id 
_struct_asym.pdbx_blank_PDB_chainid_flag 
_struct_asym.pdbx_modified 
_struct_asym.entity_id 
_struct_asym.details 
A N N 1 ? 
B N N 2 ? 
C N N 3 ? 
D N N 3 ? 
E N N 4 ? 
# 
_struct_ref.id                         1 
_struct_ref.db_name                    UNP 
_struct_ref.db_code                    C3W5X5_9INFA 
_struct_ref.pdbx_db_accession          C3W5X5 
_struct_ref.pdbx_db_isoform            ? 
_struct_ref.entity_id                  1 
_struct_ref.pdbx_seq_one_letter_code   
;SSSFSFGGFTFKRTSGSSVKKEEEVLTGNLQTLKIRVHEGYEEFTMVGRRATAILRKATRRLIQLIVSGRDEQSIAEAII
VAMVFSQEDCMIKAVRGDLNFVNRANQRLNPMHQLLRHFQKDAKVLFQNWGIESIDNVMGMIGILPDMTPSTEMSLRGIR
VSKM
;
_struct_ref.pdbx_align_begin           320 
# 
_struct_ref_seq.align_id                      1 
_struct_ref_seq.ref_id                        1 
_struct_ref_seq.pdbx_PDB_id_code              7AS0 
_struct_ref_seq.pdbx_strand_id                A 
_struct_ref_seq.seq_align_beg                 1 
_struct_ref_seq.pdbx_seq_align_beg_ins_code   ? 
_struct_ref_seq.seq_align_end                 164 
_struct_ref_seq.pdbx_seq_align_end_ins_code   ? 
_struct_ref_seq.pdbx_db_accession             C3W5X5 
_struct_ref_seq.db_align_beg                  320 
_struct_ref_seq.pdbx_db_align_beg_ins_code    ? 
_struct_ref_seq.db_align_end                  483 
_struct_ref_seq.pdbx_db_align_end_ins_code    ? 
_struct_ref_seq.pdbx_auth_seq_align_beg       320 
_struct_ref_seq.pdbx_auth_seq_align_end       483 
# 
_pdbx_struct_assembly.id                   1 
_pdbx_struct_assembly.details              author_and_software_defined_assembly 
_pdbx_struct_assembly.method_details       PISA 
_pdbx_struct_assembly.oligomeric_details   monomeric 
_pdbx_struct_assembly.oligomeric_count     1 
# 
loop_
_pdbx_struct_assembly_prop.biol_id 
_pdbx_struct_assembly_prop.type 
_pdbx_struct_assembly_prop.value 
_pdbx_struct_assembly_prop.details 
1 'ABSA (A^2)' 240  ? 
1 MORE         -1   ? 
1 'SSA (A^2)'  8570 ? 
# 
_pdbx_struct_assembly_gen.assembly_id       1 
_pdbx_struct_assembly_gen.oper_expression   1 
_pdbx_struct_assembly_gen.asym_id_list      A,B,C,D,E 
# 
_pdbx_struct_assembly_auth_evidence.id                     1 
_pdbx_struct_assembly_auth_evidence.assembly_id            1 
_pdbx_struct_assembly_auth_evidence.experimental_support   'gel filtration' 
_pdbx_struct_assembly_auth_evidence.details                ? 
# 
_pdbx_struct_oper_list.id                   1 
_pdbx_struct_oper_list.type                 'identity operation' 
_pdbx_struct_oper_list.name                 1_555 
_pdbx_struct_oper_list.symmetry_operation   x,y,z 
_pdbx_struct_oper_list.matrix[1][1]         1.0000000000 
_pdbx_struct_oper_list.matrix[1][2]         0.0000000000 
_pdbx_struct_oper_list.matrix[1][3]         0.0000000000 
_pdbx_struct_oper_list.vector[1]            0.0000000000 
_pdbx_struct_oper_list.matrix[2][1]         0.0000000000 
_pdbx_struct_oper_list.matrix[2][2]         1.0000000000 
_pdbx_struct_oper_list.matrix[2][3]         0.0000000000 
_pdbx_struct_oper_list.vector[2]            0.0000000000 
_pdbx_struct_oper_list.matrix[3][1]         0.0000000000 
_pdbx_struct_oper_list.matrix[3][2]         0.0000000000 
_pdbx_struct_oper_list.matrix[3][3]         1.0000000000 
_pdbx_struct_oper_list.vector[3]            0.0000000000 
# 
loop_
_struct_conf.conf_type_id 
_struct_conf.id 
_struct_conf.pdbx_PDB_helix_id 
_struct_conf.beg_label_comp_id 
_struct_conf.beg_label_asym_id 
_struct_conf.beg_label_seq_id 
_struct_conf.pdbx_beg_PDB_ins_code 
_struct_conf.end_label_comp_id 
_struct_conf.end_label_asym_id 
_struct_conf.end_label_seq_id 
_struct_conf.pdbx_end_PDB_ins_code 
_struct_conf.beg_auth_comp_id 
_struct_conf.beg_auth_asym_id 
_struct_conf.beg_auth_seq_id 
_struct_conf.end_auth_comp_id 
_struct_conf.end_auth_asym_id 
_struct_conf.end_auth_seq_id 
_struct_conf.pdbx_PDB_helix_class 
_struct_conf.details 
_struct_conf.pdbx_PDB_helix_length 
HELX_P HELX_P1 AA1 ASP A 71  ? SER A 86  ? ASP A 390 SER A 405 1 ? 16 
HELX_P HELX_P2 AA2 GLU A 88  ? LYS A 93  ? GLU A 407 LYS A 412 1 ? 6  
HELX_P HELX_P3 AA3 ASN A 110 ? ASP A 122 ? ASN A 429 ASP A 441 1 ? 13 
HELX_P HELX_P4 AA4 ALA A 123 ? GLY A 131 ? ALA A 442 GLY A 450 1 ? 9  
# 
_struct_conf_type.id          HELX_P 
_struct_conf_type.criteria    ? 
_struct_conf_type.reference   ? 
# 
loop_
_struct_sheet.id 
_struct_sheet.type 
_struct_sheet.number_strands 
_struct_sheet.details 
AA1 ? 8 ? 
AA2 ? 2 ? 
AA3 ? 2 ? 
# 
loop_
_struct_sheet_order.sheet_id 
_struct_sheet_order.range_id_1 
_struct_sheet_order.range_id_2 
_struct_sheet_order.offset 
_struct_sheet_order.sense 
AA1 1 2 ? anti-parallel 
AA1 2 3 ? anti-parallel 
AA1 3 4 ? anti-parallel 
AA1 4 5 ? anti-parallel 
AA1 5 6 ? parallel      
AA1 6 7 ? anti-parallel 
AA1 7 8 ? anti-parallel 
AA2 1 2 ? anti-parallel 
AA3 1 2 ? anti-parallel 
# 
loop_
_struct_sheet_range.sheet_id 
_struct_sheet_range.id 
_struct_sheet_range.beg_label_comp_id 
_struct_sheet_range.beg_label_asym_id 
_struct_sheet_range.beg_label_seq_id 
_struct_sheet_range.pdbx_beg_PDB_ins_code 
_struct_sheet_range.end_label_comp_id 
_struct_sheet_range.end_label_asym_id 
_struct_sheet_range.end_label_seq_id 
_struct_sheet_range.pdbx_end_PDB_ins_code 
_struct_sheet_range.beg_auth_comp_id 
_struct_sheet_range.beg_auth_asym_id 
_struct_sheet_range.beg_auth_seq_id 
_struct_sheet_range.end_auth_comp_id 
_struct_sheet_range.end_auth_asym_id 
_struct_sheet_range.end_auth_seq_id 
AA1 1 PHE A 4   ? PHE A 6   ? PHE A 323 PHE A 325 
AA1 2 PHE A 9   ? GLY A 16  ? PHE A 328 GLY A 335 
AA1 3 GLU A 42  ? VAL A 47  ? GLU A 361 VAL A 366 
AA1 4 ALA A 51  ? ALA A 58  ? ALA A 370 ALA A 377 
AA1 5 ARG A 61  ? GLY A 69  ? ARG A 380 GLY A 388 
AA1 6 ILE A 159 ? SER A 162 ? ILE A 478 SER A 481 
AA1 7 MET A 141 ? ILE A 144 ? MET A 460 ILE A 463 
AA1 8 PRO A 150 ? SER A 151 ? PRO A 469 SER A 470 
AA2 1 VAL A 19  ? LEU A 26  ? VAL A 338 LEU A 345 
AA2 2 THR A 32  ? GLU A 39  ? THR A 351 GLU A 358 
AA3 1 ILE A 132 ? SER A 134 ? ILE A 451 SER A 453 
AA3 2 MET A 154 ? LEU A 156 ? MET A 473 LEU A 475 
# 
loop_
_pdbx_struct_sheet_hbond.sheet_id 
_pdbx_struct_sheet_hbond.range_id_1 
_pdbx_struct_sheet_hbond.range_id_2 
_pdbx_struct_sheet_hbond.range_1_label_atom_id 
_pdbx_struct_sheet_hbond.range_1_label_comp_id 
_pdbx_struct_sheet_hbond.range_1_label_asym_id 
_pdbx_struct_sheet_hbond.range_1_label_seq_id 
_pdbx_struct_sheet_hbond.range_1_PDB_ins_code 
_pdbx_struct_sheet_hbond.range_1_auth_atom_id 
_pdbx_struct_sheet_hbond.range_1_auth_comp_id 
_pdbx_struct_sheet_hbond.range_1_auth_asym_id 
_pdbx_struct_sheet_hbond.range_1_auth_seq_id 
_pdbx_struct_sheet_hbond.range_2_label_atom_id 
_pdbx_struct_sheet_hbond.range_2_label_comp_id 
_pdbx_struct_sheet_hbond.range_2_label_asym_id 
_pdbx_struct_sheet_hbond.range_2_label_seq_id 
_pdbx_struct_sheet_hbond.range_2_PDB_ins_code 
_pdbx_struct_sheet_hbond.range_2_auth_atom_id 
_pdbx_struct_sheet_hbond.range_2_auth_comp_id 
_pdbx_struct_sheet_hbond.range_2_auth_asym_id 
_pdbx_struct_sheet_hbond.range_2_auth_seq_id 
AA1 1 2 N PHE A 4   ? N PHE A 323 O PHE A 11  ? O PHE A 330 
AA1 2 3 N THR A 10  ? N THR A 329 O VAL A 47  ? O VAL A 366 
AA1 3 4 N PHE A 44  ? N PHE A 363 O LEU A 55  ? O LEU A 374 
AA1 4 5 N ARG A 56  ? N ARG A 375 O GLN A 64  ? O GLN A 383 
AA1 5 6 N LEU A 65  ? N LEU A 384 O ARG A 160 ? O ARG A 479 
AA1 6 7 O VAL A 161 ? O VAL A 480 N ILE A 142 ? N ILE A 461 
AA1 7 8 N GLY A 143 ? N GLY A 462 O SER A 151 ? O SER A 470 
AA2 1 2 N VAL A 19  ? N VAL A 338 O GLU A 39  ? O GLU A 358 
AA3 1 2 N GLU A 133 ? N GLU A 452 O SER A 155 ? O SER A 474 
# 
loop_
_struct_site.id 
_struct_site.pdbx_evidence_code 
_struct_site.pdbx_auth_asym_id 
_struct_site.pdbx_auth_comp_id 
_struct_site.pdbx_auth_seq_id 
_struct_site.pdbx_auth_ins_code 
_struct_site.pdbx_num_residues 
_struct_site.details 
AC1 Software A 21G 501 ? 15 'binding site for residue 21G A 501' 
AC2 Software A BR  502 ? 2  'binding site for residue BR A 502'  
AC3 Software A BR  503 ? 3  'binding site for residue BR A 503'  
# 
loop_
_struct_site_gen.id 
_struct_site_gen.site_id 
_struct_site_gen.pdbx_num_res 
_struct_site_gen.label_comp_id 
_struct_site_gen.label_asym_id 
_struct_site_gen.label_seq_id 
_struct_site_gen.pdbx_auth_ins_code 
_struct_site_gen.auth_comp_id 
_struct_site_gen.auth_asym_id 
_struct_site_gen.auth_seq_id 
_struct_site_gen.label_atom_id 
_struct_site_gen.label_alt_id 
_struct_site_gen.symmetry 
_struct_site_gen.details 
1  AC1 15 PHE A 4   ? PHE A 323 . ? 1_555 ? 
2  AC1 15 ARG A 36  ? ARG A 355 . ? 1_555 ? 
3  AC1 15 HIS A 38  ? HIS A 357 . ? 1_555 ? 
4  AC1 15 GLU A 42  ? GLU A 361 . ? 1_555 ? 
5  AC1 15 PHE A 44  ? PHE A 363 . ? 1_555 ? 
6  AC1 15 LYS A 57  ? LYS A 376 . ? 1_555 ? 
7  AC1 15 PHE A 85  ? PHE A 404 . ? 1_555 ? 
8  AC1 15 GLN A 87  ? GLN A 406 . ? 1_555 ? 
9  AC1 15 ASN A 110 ? ASN A 429 . ? 1_555 ? 
10 AC1 15 MET A 112 ? MET A 431 . ? 1_555 ? 
11 AC1 15 SER A 134 ? SER A 453 . ? 1_565 ? 
12 AC1 15 HOH E .   ? HOH A 609 . ? 1_555 ? 
13 AC1 15 HOH E .   ? HOH A 610 . ? 1_555 ? 
14 AC1 15 HOH E .   ? HOH A 670 . ? 1_555 ? 
15 AC1 15 HOH E .   ? HOH A 727 . ? 1_555 ? 
16 AC2 2  ASN A 110 ? ASN A 429 . ? 1_545 ? 
17 AC2 2  ARG A 117 ? ARG A 436 . ? 1_545 ? 
18 AC3 3  ARG A 36  ? ARG A 355 . ? 1_555 ? 
19 AC3 3  PRO A 111 ? PRO A 430 . ? 1_555 ? 
20 AC3 3  HOH E .   ? HOH A 609 . ? 1_555 ? 
# 
loop_
_pdbx_validate_close_contact.id 
_pdbx_validate_close_contact.PDB_model_num 
_pdbx_validate_close_contact.auth_atom_id_1 
_pdbx_validate_close_contact.auth_asym_id_1 
_pdbx_validate_close_contact.auth_comp_id_1 
_pdbx_validate_close_contact.auth_seq_id_1 
_pdbx_validate_close_contact.PDB_ins_code_1 
_pdbx_validate_close_contact.label_alt_id_1 
_pdbx_validate_close_contact.auth_atom_id_2 
_pdbx_validate_close_contact.auth_asym_id_2 
_pdbx_validate_close_contact.auth_comp_id_2 
_pdbx_validate_close_contact.auth_seq_id_2 
_pdbx_validate_close_contact.PDB_ins_code_2 
_pdbx_validate_close_contact.label_alt_id_2 
_pdbx_validate_close_contact.dist 
1 1 O   A PHE 420 ? ? O A HOH 601 ? ? 2.03 
2 1 NH2 A ARG 375 ? ? O A HOH 602 ? ? 2.06 
# 
_pdbx_validate_symm_contact.id                1 
_pdbx_validate_symm_contact.PDB_model_num     1 
_pdbx_validate_symm_contact.auth_atom_id_1    O 
_pdbx_validate_symm_contact.auth_asym_id_1    A 
_pdbx_validate_symm_contact.auth_comp_id_1    HOH 
_pdbx_validate_symm_contact.auth_seq_id_1     734 
_pdbx_validate_symm_contact.PDB_ins_code_1    ? 
_pdbx_validate_symm_contact.label_alt_id_1    ? 
_pdbx_validate_symm_contact.site_symmetry_1   1_555 
_pdbx_validate_symm_contact.auth_atom_id_2    O 
_pdbx_validate_symm_contact.auth_asym_id_2    A 
_pdbx_validate_symm_contact.auth_comp_id_2    HOH 
_pdbx_validate_symm_contact.auth_seq_id_2     769 
_pdbx_validate_symm_contact.PDB_ins_code_2    ? 
_pdbx_validate_symm_contact.label_alt_id_2    ? 
_pdbx_validate_symm_contact.site_symmetry_2   1_655 
_pdbx_validate_symm_contact.dist              2.15 
# 
_pdbx_validate_rmsd_angle.id                         1 
_pdbx_validate_rmsd_angle.PDB_model_num              1 
_pdbx_validate_rmsd_angle.auth_atom_id_1             CG 
_pdbx_validate_rmsd_angle.auth_asym_id_1             A 
_pdbx_validate_rmsd_angle.auth_comp_id_1             ARG 
_pdbx_validate_rmsd_angle.auth_seq_id_1              375 
_pdbx_validate_rmsd_angle.PDB_ins_code_1             ? 
_pdbx_validate_rmsd_angle.label_alt_id_1             ? 
_pdbx_validate_rmsd_angle.auth_atom_id_2             CD 
_pdbx_validate_rmsd_angle.auth_asym_id_2             A 
_pdbx_validate_rmsd_angle.auth_comp_id_2             ARG 
_pdbx_validate_rmsd_angle.auth_seq_id_2              375 
_pdbx_validate_rmsd_angle.PDB_ins_code_2             ? 
_pdbx_validate_rmsd_angle.label_alt_id_2             ? 
_pdbx_validate_rmsd_angle.auth_atom_id_3             NE 
_pdbx_validate_rmsd_angle.auth_asym_id_3             A 
_pdbx_validate_rmsd_angle.auth_comp_id_3             ARG 
_pdbx_validate_rmsd_angle.auth_seq_id_3              375 
_pdbx_validate_rmsd_angle.PDB_ins_code_3             ? 
_pdbx_validate_rmsd_angle.label_alt_id_3             ? 
_pdbx_validate_rmsd_angle.angle_value                99.03 
_pdbx_validate_rmsd_angle.angle_target_value         111.80 
_pdbx_validate_rmsd_angle.angle_deviation            -12.77 
_pdbx_validate_rmsd_angle.angle_standard_deviation   2.10 
_pdbx_validate_rmsd_angle.linker_flag                N 
# 
loop_
_pdbx_validate_torsion.id 
_pdbx_validate_torsion.PDB_model_num 
_pdbx_validate_torsion.auth_comp_id 
_pdbx_validate_torsion.auth_asym_id 
_pdbx_validate_torsion.auth_seq_id 
_pdbx_validate_torsion.PDB_ins_code 
_pdbx_validate_torsion.label_alt_id 
_pdbx_validate_torsion.phi 
_pdbx_validate_torsion.psi 
1 1 ALA A 377 ? ? -126.09 -166.96 
2 1 ALA A 424 ? ? -100.03 -87.37  
3 1 ASP A 441 ? ? -176.96 105.27  
# 
_pdbx_entry_details.entry_id                 7AS0 
_pdbx_entry_details.nonpolymer_details       ? 
_pdbx_entry_details.sequence_details         ? 
_pdbx_entry_details.compound_details         ? 
_pdbx_entry_details.source_details           ? 
_pdbx_entry_details.has_ligand_of_interest   Y 
# 
_pdbx_distant_solvent_atoms.id                                1 
_pdbx_distant_solvent_atoms.PDB_model_num                     1 
_pdbx_distant_solvent_atoms.auth_atom_id                      O 
_pdbx_distant_solvent_atoms.label_alt_id                      ? 
_pdbx_distant_solvent_atoms.auth_asym_id                      A 
_pdbx_distant_solvent_atoms.auth_comp_id                      HOH 
_pdbx_distant_solvent_atoms.auth_seq_id                       804 
_pdbx_distant_solvent_atoms.PDB_ins_code                      ? 
_pdbx_distant_solvent_atoms.neighbor_macromolecule_distance   5.99 
_pdbx_distant_solvent_atoms.neighbor_ligand_distance          . 
# 
loop_
_pdbx_unobs_or_zero_occ_residues.id 
_pdbx_unobs_or_zero_occ_residues.PDB_model_num 
_pdbx_unobs_or_zero_occ_residues.polymer_flag 
_pdbx_unobs_or_zero_occ_residues.occupancy_flag 
_pdbx_unobs_or_zero_occ_residues.auth_asym_id 
_pdbx_unobs_or_zero_occ_residues.auth_comp_id 
_pdbx_unobs_or_zero_occ_residues.auth_seq_id 
_pdbx_unobs_or_zero_occ_residues.PDB_ins_code 
_pdbx_unobs_or_zero_occ_residues.label_asym_id 
_pdbx_unobs_or_zero_occ_residues.label_comp_id 
_pdbx_unobs_or_zero_occ_residues.label_seq_id 
1 1 Y 1 A SER 320 ? A SER 1 
2 1 Y 1 A SER 321 ? A SER 2 
# 
loop_
_chem_comp_atom.comp_id 
_chem_comp_atom.atom_id 
_chem_comp_atom.type_symbol 
_chem_comp_atom.pdbx_aromatic_flag 
_chem_comp_atom.pdbx_stereo_config 
_chem_comp_atom.pdbx_ordinal 
21G C1   C  Y N 1   
21G C2   C  Y N 2   
21G C3   C  Y N 3   
21G C5   C  Y N 4   
21G C6   C  Y N 5   
21G C7   C  Y N 6   
21G N4   N  Y N 7   
21G C8   C  Y N 8   
21G N9   N  Y N 9   
21G C11  C  Y N 10  
21G N12  N  Y N 11  
21G C13  C  Y N 12  
21G C14  C  Y N 13  
21G C15  C  Y N 14  
21G N16  N  Y N 15  
21G N17  N  N N 16  
21G C18  C  N S 17  
21G C20  C  N S 18  
21G C22  C  N N 19  
21G C23  C  N N 20  
21G C24  C  N N 21  
21G C25  C  N N 22  
21G C26  C  N N 23  
21G C27  C  N N 24  
21G C28  C  N N 25  
21G O29  O  N N 26  
21G O30  O  N N 27  
21G F31  F  N N 28  
21G F32  F  N N 29  
21G H1   H  N N 30  
21G H2   H  N N 31  
21G H3   H  N N 32  
21G H4   H  N N 33  
21G H5   H  N N 34  
21G H6   H  N N 35  
21G H7   H  N N 36  
21G H8   H  N N 37  
21G H9   H  N N 38  
21G H10  H  N N 39  
21G H11  H  N N 40  
21G H12  H  N N 41  
21G H13  H  N N 42  
21G H14  H  N N 43  
21G H15  H  N N 44  
21G H16  H  N N 45  
21G H17  H  N N 46  
21G H18  H  N N 47  
21G H19  H  N N 48  
ALA N    N  N N 49  
ALA CA   C  N S 50  
ALA C    C  N N 51  
ALA O    O  N N 52  
ALA CB   C  N N 53  
ALA OXT  O  N N 54  
ALA H    H  N N 55  
ALA H2   H  N N 56  
ALA HA   H  N N 57  
ALA HB1  H  N N 58  
ALA HB2  H  N N 59  
ALA HB3  H  N N 60  
ALA HXT  H  N N 61  
ARG N    N  N N 62  
ARG CA   C  N S 63  
ARG C    C  N N 64  
ARG O    O  N N 65  
ARG CB   C  N N 66  
ARG CG   C  N N 67  
ARG CD   C  N N 68  
ARG NE   N  N N 69  
ARG CZ   C  N N 70  
ARG NH1  N  N N 71  
ARG NH2  N  N N 72  
ARG OXT  O  N N 73  
ARG H    H  N N 74  
ARG H2   H  N N 75  
ARG HA   H  N N 76  
ARG HB2  H  N N 77  
ARG HB3  H  N N 78  
ARG HG2  H  N N 79  
ARG HG3  H  N N 80  
ARG HD2  H  N N 81  
ARG HD3  H  N N 82  
ARG HE   H  N N 83  
ARG HH11 H  N N 84  
ARG HH12 H  N N 85  
ARG HH21 H  N N 86  
ARG HH22 H  N N 87  
ARG HXT  H  N N 88  
ASN N    N  N N 89  
ASN CA   C  N S 90  
ASN C    C  N N 91  
ASN O    O  N N 92  
ASN CB   C  N N 93  
ASN CG   C  N N 94  
ASN OD1  O  N N 95  
ASN ND2  N  N N 96  
ASN OXT  O  N N 97  
ASN H    H  N N 98  
ASN H2   H  N N 99  
ASN HA   H  N N 100 
ASN HB2  H  N N 101 
ASN HB3  H  N N 102 
ASN HD21 H  N N 103 
ASN HD22 H  N N 104 
ASN HXT  H  N N 105 
ASP N    N  N N 106 
ASP CA   C  N S 107 
ASP C    C  N N 108 
ASP O    O  N N 109 
ASP CB   C  N N 110 
ASP CG   C  N N 111 
ASP OD1  O  N N 112 
ASP OD2  O  N N 113 
ASP OXT  O  N N 114 
ASP H    H  N N 115 
ASP H2   H  N N 116 
ASP HA   H  N N 117 
ASP HB2  H  N N 118 
ASP HB3  H  N N 119 
ASP HD2  H  N N 120 
ASP HXT  H  N N 121 
BR  BR   BR N N 122 
CYS N    N  N N 123 
CYS CA   C  N R 124 
CYS C    C  N N 125 
CYS O    O  N N 126 
CYS CB   C  N N 127 
CYS SG   S  N N 128 
CYS OXT  O  N N 129 
CYS H    H  N N 130 
CYS H2   H  N N 131 
CYS HA   H  N N 132 
CYS HB2  H  N N 133 
CYS HB3  H  N N 134 
CYS HG   H  N N 135 
CYS HXT  H  N N 136 
GLN N    N  N N 137 
GLN CA   C  N S 138 
GLN C    C  N N 139 
GLN O    O  N N 140 
GLN CB   C  N N 141 
GLN CG   C  N N 142 
GLN CD   C  N N 143 
GLN OE1  O  N N 144 
GLN NE2  N  N N 145 
GLN OXT  O  N N 146 
GLN H    H  N N 147 
GLN H2   H  N N 148 
GLN HA   H  N N 149 
GLN HB2  H  N N 150 
GLN HB3  H  N N 151 
GLN HG2  H  N N 152 
GLN HG3  H  N N 153 
GLN HE21 H  N N 154 
GLN HE22 H  N N 155 
GLN HXT  H  N N 156 
GLU N    N  N N 157 
GLU CA   C  N S 158 
GLU C    C  N N 159 
GLU O    O  N N 160 
GLU CB   C  N N 161 
GLU CG   C  N N 162 
GLU CD   C  N N 163 
GLU OE1  O  N N 164 
GLU OE2  O  N N 165 
GLU OXT  O  N N 166 
GLU H    H  N N 167 
GLU H2   H  N N 168 
GLU HA   H  N N 169 
GLU HB2  H  N N 170 
GLU HB3  H  N N 171 
GLU HG2  H  N N 172 
GLU HG3  H  N N 173 
GLU HE2  H  N N 174 
GLU HXT  H  N N 175 
GLY N    N  N N 176 
GLY CA   C  N N 177 
GLY C    C  N N 178 
GLY O    O  N N 179 
GLY OXT  O  N N 180 
GLY H    H  N N 181 
GLY H2   H  N N 182 
GLY HA2  H  N N 183 
GLY HA3  H  N N 184 
GLY HXT  H  N N 185 
HIS N    N  N N 186 
HIS CA   C  N S 187 
HIS C    C  N N 188 
HIS O    O  N N 189 
HIS CB   C  N N 190 
HIS CG   C  Y N 191 
HIS ND1  N  Y N 192 
HIS CD2  C  Y N 193 
HIS CE1  C  Y N 194 
HIS NE2  N  Y N 195 
HIS OXT  O  N N 196 
HIS H    H  N N 197 
HIS H2   H  N N 198 
HIS HA   H  N N 199 
HIS HB2  H  N N 200 
HIS HB3  H  N N 201 
HIS HD1  H  N N 202 
HIS HD2  H  N N 203 
HIS HE1  H  N N 204 
HIS HE2  H  N N 205 
HIS HXT  H  N N 206 
HOH O    O  N N 207 
HOH H1   H  N N 208 
HOH H2   H  N N 209 
ILE N    N  N N 210 
ILE CA   C  N S 211 
ILE C    C  N N 212 
ILE O    O  N N 213 
ILE CB   C  N S 214 
ILE CG1  C  N N 215 
ILE CG2  C  N N 216 
ILE CD1  C  N N 217 
ILE OXT  O  N N 218 
ILE H    H  N N 219 
ILE H2   H  N N 220 
ILE HA   H  N N 221 
ILE HB   H  N N 222 
ILE HG12 H  N N 223 
ILE HG13 H  N N 224 
ILE HG21 H  N N 225 
ILE HG22 H  N N 226 
ILE HG23 H  N N 227 
ILE HD11 H  N N 228 
ILE HD12 H  N N 229 
ILE HD13 H  N N 230 
ILE HXT  H  N N 231 
LEU N    N  N N 232 
LEU CA   C  N S 233 
LEU C    C  N N 234 
LEU O    O  N N 235 
LEU CB   C  N N 236 
LEU CG   C  N N 237 
LEU CD1  C  N N 238 
LEU CD2  C  N N 239 
LEU OXT  O  N N 240 
LEU H    H  N N 241 
LEU H2   H  N N 242 
LEU HA   H  N N 243 
LEU HB2  H  N N 244 
LEU HB3  H  N N 245 
LEU HG   H  N N 246 
LEU HD11 H  N N 247 
LEU HD12 H  N N 248 
LEU HD13 H  N N 249 
LEU HD21 H  N N 250 
LEU HD22 H  N N 251 
LEU HD23 H  N N 252 
LEU HXT  H  N N 253 
LYS N    N  N N 254 
LYS CA   C  N S 255 
LYS C    C  N N 256 
LYS O    O  N N 257 
LYS CB   C  N N 258 
LYS CG   C  N N 259 
LYS CD   C  N N 260 
LYS CE   C  N N 261 
LYS NZ   N  N N 262 
LYS OXT  O  N N 263 
LYS H    H  N N 264 
LYS H2   H  N N 265 
LYS HA   H  N N 266 
LYS HB2  H  N N 267 
LYS HB3  H  N N 268 
LYS HG2  H  N N 269 
LYS HG3  H  N N 270 
LYS HD2  H  N N 271 
LYS HD3  H  N N 272 
LYS HE2  H  N N 273 
LYS HE3  H  N N 274 
LYS HZ1  H  N N 275 
LYS HZ2  H  N N 276 
LYS HZ3  H  N N 277 
LYS HXT  H  N N 278 
MET N    N  N N 279 
MET CA   C  N S 280 
MET C    C  N N 281 
MET O    O  N N 282 
MET CB   C  N N 283 
MET CG   C  N N 284 
MET SD   S  N N 285 
MET CE   C  N N 286 
MET OXT  O  N N 287 
MET H    H  N N 288 
MET H2   H  N N 289 
MET HA   H  N N 290 
MET HB2  H  N N 291 
MET HB3  H  N N 292 
MET HG2  H  N N 293 
MET HG3  H  N N 294 
MET HE1  H  N N 295 
MET HE2  H  N N 296 
MET HE3  H  N N 297 
MET HXT  H  N N 298 
PHE N    N  N N 299 
PHE CA   C  N S 300 
PHE C    C  N N 301 
PHE O    O  N N 302 
PHE CB   C  N N 303 
PHE CG   C  Y N 304 
PHE CD1  C  Y N 305 
PHE CD2  C  Y N 306 
PHE CE1  C  Y N 307 
PHE CE2  C  Y N 308 
PHE CZ   C  Y N 309 
PHE OXT  O  N N 310 
PHE H    H  N N 311 
PHE H2   H  N N 312 
PHE HA   H  N N 313 
PHE HB2  H  N N 314 
PHE HB3  H  N N 315 
PHE HD1  H  N N 316 
PHE HD2  H  N N 317 
PHE HE1  H  N N 318 
PHE HE2  H  N N 319 
PHE HZ   H  N N 320 
PHE HXT  H  N N 321 
PRO N    N  N N 322 
PRO CA   C  N S 323 
PRO C    C  N N 324 
PRO O    O  N N 325 
PRO CB   C  N N 326 
PRO CG   C  N N 327 
PRO CD   C  N N 328 
PRO OXT  O  N N 329 
PRO H    H  N N 330 
PRO HA   H  N N 331 
PRO HB2  H  N N 332 
PRO HB3  H  N N 333 
PRO HG2  H  N N 334 
PRO HG3  H  N N 335 
PRO HD2  H  N N 336 
PRO HD3  H  N N 337 
PRO HXT  H  N N 338 
SER N    N  N N 339 
SER CA   C  N S 340 
SER C    C  N N 341 
SER O    O  N N 342 
SER CB   C  N N 343 
SER OG   O  N N 344 
SER OXT  O  N N 345 
SER H    H  N N 346 
SER H2   H  N N 347 
SER HA   H  N N 348 
SER HB2  H  N N 349 
SER HB3  H  N N 350 
SER HG   H  N N 351 
SER HXT  H  N N 352 
THR N    N  N N 353 
THR CA   C  N S 354 
THR C    C  N N 355 
THR O    O  N N 356 
THR CB   C  N R 357 
THR OG1  O  N N 358 
THR CG2  C  N N 359 
THR OXT  O  N N 360 
THR H    H  N N 361 
THR H2   H  N N 362 
THR HA   H  N N 363 
THR HB   H  N N 364 
THR HG1  H  N N 365 
THR HG21 H  N N 366 
THR HG22 H  N N 367 
THR HG23 H  N N 368 
THR HXT  H  N N 369 
TRP N    N  N N 370 
TRP CA   C  N S 371 
TRP C    C  N N 372 
TRP O    O  N N 373 
TRP CB   C  N N 374 
TRP CG   C  Y N 375 
TRP CD1  C  Y N 376 
TRP CD2  C  Y N 377 
TRP NE1  N  Y N 378 
TRP CE2  C  Y N 379 
TRP CE3  C  Y N 380 
TRP CZ2  C  Y N 381 
TRP CZ3  C  Y N 382 
TRP CH2  C  Y N 383 
TRP OXT  O  N N 384 
TRP H    H  N N 385 
TRP H2   H  N N 386 
TRP HA   H  N N 387 
TRP HB2  H  N N 388 
TRP HB3  H  N N 389 
TRP HD1  H  N N 390 
TRP HE1  H  N N 391 
TRP HE3  H  N N 392 
TRP HZ2  H  N N 393 
TRP HZ3  H  N N 394 
TRP HH2  H  N N 395 
TRP HXT  H  N N 396 
TYR N    N  N N 397 
TYR CA   C  N S 398 
TYR C    C  N N 399 
TYR O    O  N N 400 
TYR CB   C  N N 401 
TYR CG   C  Y N 402 
TYR CD1  C  Y N 403 
TYR CD2  C  Y N 404 
TYR CE1  C  Y N 405 
TYR CE2  C  Y N 406 
TYR CZ   C  Y N 407 
TYR OH   O  N N 408 
TYR OXT  O  N N 409 
TYR H    H  N N 410 
TYR H2   H  N N 411 
TYR HA   H  N N 412 
TYR HB2  H  N N 413 
TYR HB3  H  N N 414 
TYR HD1  H  N N 415 
TYR HD2  H  N N 416 
TYR HE1  H  N N 417 
TYR HE2  H  N N 418 
TYR HH   H  N N 419 
TYR HXT  H  N N 420 
VAL N    N  N N 421 
VAL CA   C  N S 422 
VAL C    C  N N 423 
VAL O    O  N N 424 
VAL CB   C  N N 425 
VAL CG1  C  N N 426 
VAL CG2  C  N N 427 
VAL OXT  O  N N 428 
VAL H    H  N N 429 
VAL H2   H  N N 430 
VAL HA   H  N N 431 
VAL HB   H  N N 432 
VAL HG11 H  N N 433 
VAL HG12 H  N N 434 
VAL HG13 H  N N 435 
VAL HG21 H  N N 436 
VAL HG22 H  N N 437 
VAL HG23 H  N N 438 
VAL HXT  H  N N 439 
# 
loop_
_chem_comp_bond.comp_id 
_chem_comp_bond.atom_id_1 
_chem_comp_bond.atom_id_2 
_chem_comp_bond.value_order 
_chem_comp_bond.pdbx_aromatic_flag 
_chem_comp_bond.pdbx_stereo_config 
_chem_comp_bond.pdbx_ordinal 
21G N9  C5   sing Y N 1   
21G N9  C8   sing Y N 2   
21G N4  C5   sing Y N 3   
21G N4  C3   doub Y N 4   
21G C5  C6   doub Y N 5   
21G C8  C7   doub Y N 6   
21G C3  C2   sing Y N 7   
21G C6  C7   sing Y N 8   
21G C6  C1   sing Y N 9   
21G C7  C11  sing N N 10  
21G C2  C1   doub Y N 11  
21G C2  F32  sing N N 12  
21G N12 C11  doub Y N 13  
21G N12 C13  sing Y N 14  
21G C11 N16  sing Y N 15  
21G C13 C14  doub Y N 16  
21G N16 C15  doub Y N 17  
21G C15 C14  sing Y N 18  
21G C15 N17  sing N N 19  
21G C14 F31  sing N N 20  
21G O30 C28  doub N N 21  
21G N17 C18  sing N N 22  
21G C18 C25  sing N N 23  
21G C18 C20  sing N N 24  
21G C28 O29  sing N N 25  
21G C28 C20  sing N N 26  
21G C24 C25  sing N N 27  
21G C24 C23  sing N N 28  
21G C25 C26  sing N N 29  
21G C20 C22  sing N N 30  
21G C23 C22  sing N N 31  
21G C26 C27  sing N N 32  
21G C22 C27  sing N N 33  
21G C1  H1   sing N N 34  
21G C3  H2   sing N N 35  
21G C8  H3   sing N N 36  
21G N9  H4   sing N N 37  
21G C13 H5   sing N N 38  
21G N17 H6   sing N N 39  
21G C18 H7   sing N N 40  
21G C20 H8   sing N N 41  
21G C22 H9   sing N N 42  
21G C23 H10  sing N N 43  
21G C23 H11  sing N N 44  
21G C24 H12  sing N N 45  
21G C24 H13  sing N N 46  
21G C25 H14  sing N N 47  
21G C26 H15  sing N N 48  
21G C26 H16  sing N N 49  
21G C27 H17  sing N N 50  
21G C27 H18  sing N N 51  
21G O29 H19  sing N N 52  
ALA N   CA   sing N N 53  
ALA N   H    sing N N 54  
ALA N   H2   sing N N 55  
ALA CA  C    sing N N 56  
ALA CA  CB   sing N N 57  
ALA CA  HA   sing N N 58  
ALA C   O    doub N N 59  
ALA C   OXT  sing N N 60  
ALA CB  HB1  sing N N 61  
ALA CB  HB2  sing N N 62  
ALA CB  HB3  sing N N 63  
ALA OXT HXT  sing N N 64  
ARG N   CA   sing N N 65  
ARG N   H    sing N N 66  
ARG N   H2   sing N N 67  
ARG CA  C    sing N N 68  
ARG CA  CB   sing N N 69  
ARG CA  HA   sing N N 70  
ARG C   O    doub N N 71  
ARG C   OXT  sing N N 72  
ARG CB  CG   sing N N 73  
ARG CB  HB2  sing N N 74  
ARG CB  HB3  sing N N 75  
ARG CG  CD   sing N N 76  
ARG CG  HG2  sing N N 77  
ARG CG  HG3  sing N N 78  
ARG CD  NE   sing N N 79  
ARG CD  HD2  sing N N 80  
ARG CD  HD3  sing N N 81  
ARG NE  CZ   sing N N 82  
ARG NE  HE   sing N N 83  
ARG CZ  NH1  sing N N 84  
ARG CZ  NH2  doub N N 85  
ARG NH1 HH11 sing N N 86  
ARG NH1 HH12 sing N N 87  
ARG NH2 HH21 sing N N 88  
ARG NH2 HH22 sing N N 89  
ARG OXT HXT  sing N N 90  
ASN N   CA   sing N N 91  
ASN N   H    sing N N 92  
ASN N   H2   sing N N 93  
ASN CA  C    sing N N 94  
ASN CA  CB   sing N N 95  
ASN CA  HA   sing N N 96  
ASN C   O    doub N N 97  
ASN C   OXT  sing N N 98  
ASN CB  CG   sing N N 99  
ASN CB  HB2  sing N N 100 
ASN CB  HB3  sing N N 101 
ASN CG  OD1  doub N N 102 
ASN CG  ND2  sing N N 103 
ASN ND2 HD21 sing N N 104 
ASN ND2 HD22 sing N N 105 
ASN OXT HXT  sing N N 106 
ASP N   CA   sing N N 107 
ASP N   H    sing N N 108 
ASP N   H2   sing N N 109 
ASP CA  C    sing N N 110 
ASP CA  CB   sing N N 111 
ASP CA  HA   sing N N 112 
ASP C   O    doub N N 113 
ASP C   OXT  sing N N 114 
ASP CB  CG   sing N N 115 
ASP CB  HB2  sing N N 116 
ASP CB  HB3  sing N N 117 
ASP CG  OD1  doub N N 118 
ASP CG  OD2  sing N N 119 
ASP OD2 HD2  sing N N 120 
ASP OXT HXT  sing N N 121 
CYS N   CA   sing N N 122 
CYS N   H    sing N N 123 
CYS N   H2   sing N N 124 
CYS CA  C    sing N N 125 
CYS CA  CB   sing N N 126 
CYS CA  HA   sing N N 127 
CYS C   O    doub N N 128 
CYS C   OXT  sing N N 129 
CYS CB  SG   sing N N 130 
CYS CB  HB2  sing N N 131 
CYS CB  HB3  sing N N 132 
CYS SG  HG   sing N N 133 
CYS OXT HXT  sing N N 134 
GLN N   CA   sing N N 135 
GLN N   H    sing N N 136 
GLN N   H2   sing N N 137 
GLN CA  C    sing N N 138 
GLN CA  CB   sing N N 139 
GLN CA  HA   sing N N 140 
GLN C   O    doub N N 141 
GLN C   OXT  sing N N 142 
GLN CB  CG   sing N N 143 
GLN CB  HB2  sing N N 144 
GLN CB  HB3  sing N N 145 
GLN CG  CD   sing N N 146 
GLN CG  HG2  sing N N 147 
GLN CG  HG3  sing N N 148 
GLN CD  OE1  doub N N 149 
GLN CD  NE2  sing N N 150 
GLN NE2 HE21 sing N N 151 
GLN NE2 HE22 sing N N 152 
GLN OXT HXT  sing N N 153 
GLU N   CA   sing N N 154 
GLU N   H    sing N N 155 
GLU N   H2   sing N N 156 
GLU CA  C    sing N N 157 
GLU CA  CB   sing N N 158 
GLU CA  HA   sing N N 159 
GLU C   O    doub N N 160 
GLU C   OXT  sing N N 161 
GLU CB  CG   sing N N 162 
GLU CB  HB2  sing N N 163 
GLU CB  HB3  sing N N 164 
GLU CG  CD   sing N N 165 
GLU CG  HG2  sing N N 166 
GLU CG  HG3  sing N N 167 
GLU CD  OE1  doub N N 168 
GLU CD  OE2  sing N N 169 
GLU OE2 HE2  sing N N 170 
GLU OXT HXT  sing N N 171 
GLY N   CA   sing N N 172 
GLY N   H    sing N N 173 
GLY N   H2   sing N N 174 
GLY CA  C    sing N N 175 
GLY CA  HA2  sing N N 176 
GLY CA  HA3  sing N N 177 
GLY C   O    doub N N 178 
GLY C   OXT  sing N N 179 
GLY OXT HXT  sing N N 180 
HIS N   CA   sing N N 181 
HIS N   H    sing N N 182 
HIS N   H2   sing N N 183 
HIS CA  C    sing N N 184 
HIS CA  CB   sing N N 185 
HIS CA  HA   sing N N 186 
HIS C   O    doub N N 187 
HIS C   OXT  sing N N 188 
HIS CB  CG   sing N N 189 
HIS CB  HB2  sing N N 190 
HIS CB  HB3  sing N N 191 
HIS CG  ND1  sing Y N 192 
HIS CG  CD2  doub Y N 193 
HIS ND1 CE1  doub Y N 194 
HIS ND1 HD1  sing N N 195 
HIS CD2 NE2  sing Y N 196 
HIS CD2 HD2  sing N N 197 
HIS CE1 NE2  sing Y N 198 
HIS CE1 HE1  sing N N 199 
HIS NE2 HE2  sing N N 200 
HIS OXT HXT  sing N N 201 
HOH O   H1   sing N N 202 
HOH O   H2   sing N N 203 
ILE N   CA   sing N N 204 
ILE N   H    sing N N 205 
ILE N   H2   sing N N 206 
ILE CA  C    sing N N 207 
ILE CA  CB   sing N N 208 
ILE CA  HA   sing N N 209 
ILE C   O    doub N N 210 
ILE C   OXT  sing N N 211 
ILE CB  CG1  sing N N 212 
ILE CB  CG2  sing N N 213 
ILE CB  HB   sing N N 214 
ILE CG1 CD1  sing N N 215 
ILE CG1 HG12 sing N N 216 
ILE CG1 HG13 sing N N 217 
ILE CG2 HG21 sing N N 218 
ILE CG2 HG22 sing N N 219 
ILE CG2 HG23 sing N N 220 
ILE CD1 HD11 sing N N 221 
ILE CD1 HD12 sing N N 222 
ILE CD1 HD13 sing N N 223 
ILE OXT HXT  sing N N 224 
LEU N   CA   sing N N 225 
LEU N   H    sing N N 226 
LEU N   H2   sing N N 227 
LEU CA  C    sing N N 228 
LEU CA  CB   sing N N 229 
LEU CA  HA   sing N N 230 
LEU C   O    doub N N 231 
LEU C   OXT  sing N N 232 
LEU CB  CG   sing N N 233 
LEU CB  HB2  sing N N 234 
LEU CB  HB3  sing N N 235 
LEU CG  CD1  sing N N 236 
LEU CG  CD2  sing N N 237 
LEU CG  HG   sing N N 238 
LEU CD1 HD11 sing N N 239 
LEU CD1 HD12 sing N N 240 
LEU CD1 HD13 sing N N 241 
LEU CD2 HD21 sing N N 242 
LEU CD2 HD22 sing N N 243 
LEU CD2 HD23 sing N N 244 
LEU OXT HXT  sing N N 245 
LYS N   CA   sing N N 246 
LYS N   H    sing N N 247 
LYS N   H2   sing N N 248 
LYS CA  C    sing N N 249 
LYS CA  CB   sing N N 250 
LYS CA  HA   sing N N 251 
LYS C   O    doub N N 252 
LYS C   OXT  sing N N 253 
LYS CB  CG   sing N N 254 
LYS CB  HB2  sing N N 255 
LYS CB  HB3  sing N N 256 
LYS CG  CD   sing N N 257 
LYS CG  HG2  sing N N 258 
LYS CG  HG3  sing N N 259 
LYS CD  CE   sing N N 260 
LYS CD  HD2  sing N N 261 
LYS CD  HD3  sing N N 262 
LYS CE  NZ   sing N N 263 
LYS CE  HE2  sing N N 264 
LYS CE  HE3  sing N N 265 
LYS NZ  HZ1  sing N N 266 
LYS NZ  HZ2  sing N N 267 
LYS NZ  HZ3  sing N N 268 
LYS OXT HXT  sing N N 269 
MET N   CA   sing N N 270 
MET N   H    sing N N 271 
MET N   H2   sing N N 272 
MET CA  C    sing N N 273 
MET CA  CB   sing N N 274 
MET CA  HA   sing N N 275 
MET C   O    doub N N 276 
MET C   OXT  sing N N 277 
MET CB  CG   sing N N 278 
MET CB  HB2  sing N N 279 
MET CB  HB3  sing N N 280 
MET CG  SD   sing N N 281 
MET CG  HG2  sing N N 282 
MET CG  HG3  sing N N 283 
MET SD  CE   sing N N 284 
MET CE  HE1  sing N N 285 
MET CE  HE2  sing N N 286 
MET CE  HE3  sing N N 287 
MET OXT HXT  sing N N 288 
PHE N   CA   sing N N 289 
PHE N   H    sing N N 290 
PHE N   H2   sing N N 291 
PHE CA  C    sing N N 292 
PHE CA  CB   sing N N 293 
PHE CA  HA   sing N N 294 
PHE C   O    doub N N 295 
PHE C   OXT  sing N N 296 
PHE CB  CG   sing N N 297 
PHE CB  HB2  sing N N 298 
PHE CB  HB3  sing N N 299 
PHE CG  CD1  doub Y N 300 
PHE CG  CD2  sing Y N 301 
PHE CD1 CE1  sing Y N 302 
PHE CD1 HD1  sing N N 303 
PHE CD2 CE2  doub Y N 304 
PHE CD2 HD2  sing N N 305 
PHE CE1 CZ   doub Y N 306 
PHE CE1 HE1  sing N N 307 
PHE CE2 CZ   sing Y N 308 
PHE CE2 HE2  sing N N 309 
PHE CZ  HZ   sing N N 310 
PHE OXT HXT  sing N N 311 
PRO N   CA   sing N N 312 
PRO N   CD   sing N N 313 
PRO N   H    sing N N 314 
PRO CA  C    sing N N 315 
PRO CA  CB   sing N N 316 
PRO CA  HA   sing N N 317 
PRO C   O    doub N N 318 
PRO C   OXT  sing N N 319 
PRO CB  CG   sing N N 320 
PRO CB  HB2  sing N N 321 
PRO CB  HB3  sing N N 322 
PRO CG  CD   sing N N 323 
PRO CG  HG2  sing N N 324 
PRO CG  HG3  sing N N 325 
PRO CD  HD2  sing N N 326 
PRO CD  HD3  sing N N 327 
PRO OXT HXT  sing N N 328 
SER N   CA   sing N N 329 
SER N   H    sing N N 330 
SER N   H2   sing N N 331 
SER CA  C    sing N N 332 
SER CA  CB   sing N N 333 
SER CA  HA   sing N N 334 
SER C   O    doub N N 335 
SER C   OXT  sing N N 336 
SER CB  OG   sing N N 337 
SER CB  HB2  sing N N 338 
SER CB  HB3  sing N N 339 
SER OG  HG   sing N N 340 
SER OXT HXT  sing N N 341 
THR N   CA   sing N N 342 
THR N   H    sing N N 343 
THR N   H2   sing N N 344 
THR CA  C    sing N N 345 
THR CA  CB   sing N N 346 
THR CA  HA   sing N N 347 
THR C   O    doub N N 348 
THR C   OXT  sing N N 349 
THR CB  OG1  sing N N 350 
THR CB  CG2  sing N N 351 
THR CB  HB   sing N N 352 
THR OG1 HG1  sing N N 353 
THR CG2 HG21 sing N N 354 
THR CG2 HG22 sing N N 355 
THR CG2 HG23 sing N N 356 
THR OXT HXT  sing N N 357 
TRP N   CA   sing N N 358 
TRP N   H    sing N N 359 
TRP N   H2   sing N N 360 
TRP CA  C    sing N N 361 
TRP CA  CB   sing N N 362 
TRP CA  HA   sing N N 363 
TRP C   O    doub N N 364 
TRP C   OXT  sing N N 365 
TRP CB  CG   sing N N 366 
TRP CB  HB2  sing N N 367 
TRP CB  HB3  sing N N 368 
TRP CG  CD1  doub Y N 369 
TRP CG  CD2  sing Y N 370 
TRP CD1 NE1  sing Y N 371 
TRP CD1 HD1  sing N N 372 
TRP CD2 CE2  doub Y N 373 
TRP CD2 CE3  sing Y N 374 
TRP NE1 CE2  sing Y N 375 
TRP NE1 HE1  sing N N 376 
TRP CE2 CZ2  sing Y N 377 
TRP CE3 CZ3  doub Y N 378 
TRP CE3 HE3  sing N N 379 
TRP CZ2 CH2  doub Y N 380 
TRP CZ2 HZ2  sing N N 381 
TRP CZ3 CH2  sing Y N 382 
TRP CZ3 HZ3  sing N N 383 
TRP CH2 HH2  sing N N 384 
TRP OXT HXT  sing N N 385 
TYR N   CA   sing N N 386 
TYR N   H    sing N N 387 
TYR N   H2   sing N N 388 
TYR CA  C    sing N N 389 
TYR CA  CB   sing N N 390 
TYR CA  HA   sing N N 391 
TYR C   O    doub N N 392 
TYR C   OXT  sing N N 393 
TYR CB  CG   sing N N 394 
TYR CB  HB2  sing N N 395 
TYR CB  HB3  sing N N 396 
TYR CG  CD1  doub Y N 397 
TYR CG  CD2  sing Y N 398 
TYR CD1 CE1  sing Y N 399 
TYR CD1 HD1  sing N N 400 
TYR CD2 CE2  doub Y N 401 
TYR CD2 HD2  sing N N 402 
TYR CE1 CZ   doub Y N 403 
TYR CE1 HE1  sing N N 404 
TYR CE2 CZ   sing Y N 405 
TYR CE2 HE2  sing N N 406 
TYR CZ  OH   sing N N 407 
TYR OH  HH   sing N N 408 
TYR OXT HXT  sing N N 409 
VAL N   CA   sing N N 410 
VAL N   H    sing N N 411 
VAL N   H2   sing N N 412 
VAL CA  C    sing N N 413 
VAL CA  CB   sing N N 414 
VAL CA  HA   sing N N 415 
VAL C   O    doub N N 416 
VAL C   OXT  sing N N 417 
VAL CB  CG1  sing N N 418 
VAL CB  CG2  sing N N 419 
VAL CB  HB   sing N N 420 
VAL CG1 HG11 sing N N 421 
VAL CG1 HG12 sing N N 422 
VAL CG1 HG13 sing N N 423 
VAL CG2 HG21 sing N N 424 
VAL CG2 HG22 sing N N 425 
VAL CG2 HG23 sing N N 426 
VAL OXT HXT  sing N N 427 
# 
_pdbx_audit_support.funding_organization   'Ministry of Education, Youth and Sports of the Czech Republic' 
_pdbx_audit_support.country                'Czech Republic' 
_pdbx_audit_support.grant_number           CZ.02.1.01/0.0/0.0/16_019/0000729 
_pdbx_audit_support.ordinal                1 
# 
_pdbx_entity_instance_feature.ordinal        1 
_pdbx_entity_instance_feature.comp_id        21G 
_pdbx_entity_instance_feature.asym_id        ? 
_pdbx_entity_instance_feature.seq_num        ? 
_pdbx_entity_instance_feature.auth_comp_id   21G 
_pdbx_entity_instance_feature.auth_asym_id   ? 
_pdbx_entity_instance_feature.auth_seq_num   ? 
_pdbx_entity_instance_feature.feature_type   'SUBJECT OF INVESTIGATION' 
_pdbx_entity_instance_feature.details        ? 
# 
_pdbx_initial_refinement_model.id               1 
_pdbx_initial_refinement_model.entity_id_list   ? 
_pdbx_initial_refinement_model.type             'experimental model' 
_pdbx_initial_refinement_model.source_name      PDB 
_pdbx_initial_refinement_model.accession_code   4P1U 
_pdbx_initial_refinement_model.details          ? 
# 
_atom_sites.entry_id                    7AS0 
_atom_sites.Cartn_transf_matrix[1][1]   ? 
_atom_sites.Cartn_transf_matrix[1][2]   ? 
_atom_sites.Cartn_transf_matrix[1][3]   ? 
_atom_sites.Cartn_transf_matrix[2][1]   ? 
_atom_sites.Cartn_transf_matrix[2][2]   ? 
_atom_sites.Cartn_transf_matrix[2][3]   ? 
_atom_sites.Cartn_transf_matrix[3][1]   ? 
_atom_sites.Cartn_transf_matrix[3][2]   ? 
_atom_sites.Cartn_transf_matrix[3][3]   ? 
_atom_sites.Cartn_transf_vector[1]      ? 
_atom_sites.Cartn_transf_vector[2]      ? 
_atom_sites.Cartn_transf_vector[3]      ? 
_atom_sites.fract_transf_matrix[1][1]   0.01373269 
_atom_sites.fract_transf_matrix[1][2]   -0.02921170 
_atom_sites.fract_transf_matrix[1][3]   -0.01539917 
_atom_sites.fract_transf_matrix[2][1]   -0.00958901 
_atom_sites.fract_transf_matrix[2][2]   0.01400528 
_atom_sites.fract_transf_matrix[2][3]   -0.02355292 
_atom_sites.fract_transf_matrix[3][1]   0.02342635 
_atom_sites.fract_transf_matrix[3][2]   0.01318964 
_atom_sites.fract_transf_matrix[3][3]   0.00802713 
_atom_sites.fract_transf_vector[1]      0.034893 
_atom_sites.fract_transf_vector[2]      0.000477 
_atom_sites.fract_transf_vector[3]      0.006391 
_atom_sites.solution_primary            ? 
_atom_sites.solution_secondary          ? 
_atom_sites.solution_hydrogens          ? 
_atom_sites.special_details             ? 
# 
loop_
_atom_type.symbol 
BR 
C  
F  
N  
O  
S  
# 
loop_
_atom_site.group_PDB 
_atom_site.id 
_atom_site.type_symbol 
_atom_site.label_atom_id 
_atom_site.label_alt_id 
_atom_site.label_comp_id 
_atom_site.label_asym_id 
_atom_site.label_entity_id 
_atom_site.label_seq_id 
_atom_site.pdbx_PDB_ins_code 
_atom_site.Cartn_x 
_atom_site.Cartn_y 
_atom_site.Cartn_z 
_atom_site.occupancy 
_atom_site.B_iso_or_equiv 
_atom_site.pdbx_formal_charge 
_atom_site.auth_seq_id 
_atom_site.auth_comp_id 
_atom_site.auth_asym_id 
_atom_site.auth_atom_id 
_atom_site.pdbx_PDB_model_num 
ATOM   1    N  N   . SER A 1 3   ? -13.213 5.336   -12.278 1.00 18.00 ? 322 SER A N   1 
ATOM   2    C  CA  . SER A 1 3   ? -12.268 4.193   -12.239 1.00 17.96 ? 322 SER A CA  1 
ATOM   3    C  C   . SER A 1 3   ? -10.850 4.723   -12.534 1.00 17.31 ? 322 SER A C   1 
ATOM   4    O  O   . SER A 1 3   ? -10.724 5.579   -13.409 1.00 15.50 ? 322 SER A O   1 
ATOM   5    C  CB  . SER A 1 3   ? -12.694 3.123   -13.244 1.00 19.94 ? 322 SER A CB  1 
ATOM   6    N  N   . PHE A 1 4   ? -9.794  4.231   -11.884 1.00 13.24 ? 323 PHE A N   1 
ATOM   7    C  CA  . PHE A 1 4   ? -8.400  4.416   -12.353 1.00 13.39 ? 323 PHE A CA  1 
ATOM   8    C  C   . PHE A 1 4   ? -7.638  3.133   -12.035 1.00 12.64 ? 323 PHE A C   1 
ATOM   9    O  O   . PHE A 1 4   ? -8.044  2.437   -11.060 1.00 13.56 ? 323 PHE A O   1 
ATOM   10   C  CB  . PHE A 1 4   ? -7.730  5.651   -11.725 1.00 14.21 ? 323 PHE A CB  1 
ATOM   11   C  CG  . PHE A 1 4   ? -7.734  5.646   -10.221 1.00 13.36 ? 323 PHE A CG  1 
ATOM   12   C  CD1 . PHE A 1 4   ? -8.856  6.059   -9.516  1.00 15.72 ? 323 PHE A CD1 1 
ATOM   13   C  CD2 . PHE A 1 4   ? -6.665  5.121   -9.516  1.00 12.61 ? 323 PHE A CD2 1 
ATOM   14   C  CE1 . PHE A 1 4   ? -8.875  6.012   -8.125  1.00 15.74 ? 323 PHE A CE1 1 
ATOM   15   C  CE2 . PHE A 1 4   ? -6.684  5.082   -8.128  1.00 13.53 ? 323 PHE A CE2 1 
ATOM   16   C  CZ  . PHE A 1 4   ? -7.768  5.543   -7.439  1.00 15.29 ? 323 PHE A CZ  1 
ATOM   17   N  N   . SER A 1 5   ? -6.631  2.799   -12.837 1.00 12.24 ? 324 SER A N   1 
ATOM   18   C  CA  A SER A 1 5   ? -5.788  1.600   -12.631 0.50 12.18 ? 324 SER A CA  1 
ATOM   19   C  CA  B SER A 1 5   ? -5.769  1.606   -12.654 0.50 12.59 ? 324 SER A CA  1 
ATOM   20   C  C   . SER A 1 5   ? -4.492  2.011   -11.921 1.00 12.60 ? 324 SER A C   1 
ATOM   21   O  O   . SER A 1 5   ? -3.882  3.053   -12.283 1.00 12.60 ? 324 SER A O   1 
ATOM   22   C  CB  A SER A 1 5   ? -5.538  0.872   -13.923 0.50 12.59 ? 324 SER A CB  1 
ATOM   23   C  CB  B SER A 1 5   ? -5.431  0.984   -13.965 0.50 13.52 ? 324 SER A CB  1 
ATOM   24   O  OG  A SER A 1 5   ? -4.862  -0.358  -13.667 0.50 12.61 ? 324 SER A OG  1 
ATOM   25   O  OG  B SER A 1 5   ? -6.597  0.736   -14.703 0.50 14.80 ? 324 SER A OG  1 
ATOM   26   N  N   . PHE A 1 6   ? -4.055  1.209   -10.966 1.00 11.29 ? 325 PHE A N   1 
ATOM   27   C  CA  . PHE A 1 6   ? -2.782  1.465   -10.261 1.00 10.48 ? 325 PHE A CA  1 
ATOM   28   C  C   . PHE A 1 6   ? -2.235  0.106   -9.853  1.00 9.92  ? 325 PHE A C   1 
ATOM   29   O  O   . PHE A 1 6   ? -2.950  -0.660  -9.222  1.00 9.30  ? 325 PHE A O   1 
ATOM   30   C  CB  . PHE A 1 6   ? -2.965  2.405   -9.068  1.00 10.96 ? 325 PHE A CB  1 
ATOM   31   C  CG  . PHE A 1 6   ? -1.685  2.772   -8.354  1.00 10.20 ? 325 PHE A CG  1 
ATOM   32   C  CD1 . PHE A 1 6   ? -0.701  3.519   -8.986  1.00 10.79 ? 325 PHE A CD1 1 
ATOM   33   C  CD2 . PHE A 1 6   ? -1.509  2.460   -7.023  1.00 10.44 ? 325 PHE A CD2 1 
ATOM   34   C  CE1 . PHE A 1 6   ? 0.476   3.849   -8.307  1.00 10.89 ? 325 PHE A CE1 1 
ATOM   35   C  CE2 . PHE A 1 6   ? -0.362  2.816   -6.331  1.00 11.10 ? 325 PHE A CE2 1 
ATOM   36   C  CZ  . PHE A 1 6   ? 0.649   3.493   -6.990  1.00 11.17 ? 325 PHE A CZ  1 
ATOM   37   N  N   . GLY A 1 7   ? -1.037  -0.256  -10.293 1.00 10.25 ? 326 GLY A N   1 
ATOM   38   C  CA  . GLY A 1 7   ? -0.431  -1.536  -9.912  1.00 10.98 ? 326 GLY A CA  1 
ATOM   39   C  C   . GLY A 1 7   ? -1.117  -2.698  -10.566 1.00 11.93 ? 326 GLY A C   1 
ATOM   40   O  O   . GLY A 1 7   ? -0.997  -3.794  -10.015 1.00 13.85 ? 326 GLY A O   1 
ATOM   41   N  N   . GLY A 1 8   ? -1.891  -2.434  -11.621 1.00 11.87 ? 327 GLY A N   1 
ATOM   42   C  CA  . GLY A 1 8   ? -2.693  -3.499  -12.267 1.00 12.80 ? 327 GLY A CA  1 
ATOM   43   C  C   . GLY A 1 8   ? -3.965  -3.832  -11.522 1.00 13.42 ? 327 GLY A C   1 
ATOM   44   O  O   . GLY A 1 8   ? -4.599  -4.876  -11.854 1.00 18.80 ? 327 GLY A O   1 
ATOM   45   N  N   . PHE A 1 9   ? -4.387  -2.987  -10.585 1.00 12.44 ? 328 PHE A N   1 
ATOM   46   C  CA  . PHE A 1 9   ? -5.730  -3.061  -9.950  1.00 10.92 ? 328 PHE A CA  1 
ATOM   47   C  C   . PHE A 1 9   ? -6.596  -1.903  -10.417 1.00 10.67 ? 328 PHE A C   1 
ATOM   48   O  O   . PHE A 1 9   ? -6.096  -0.816  -10.489 1.00 9.87  ? 328 PHE A O   1 
ATOM   49   C  CB  . PHE A 1 9   ? -5.681  -3.036  -8.416  1.00 10.03 ? 328 PHE A CB  1 
ATOM   50   C  CG  . PHE A 1 9   ? -4.974  -4.246  -7.876  1.00 10.82 ? 328 PHE A CG  1 
ATOM   51   C  CD1 . PHE A 1 9   ? -3.585  -4.271  -7.786  1.00 11.08 ? 328 PHE A CD1 1 
ATOM   52   C  CD2 . PHE A 1 9   ? -5.692  -5.390  -7.562  1.00 9.88  ? 328 PHE A CD2 1 
ATOM   53   C  CE1 . PHE A 1 9   ? -2.926  -5.415  -7.369  1.00 10.55 ? 328 PHE A CE1 1 
ATOM   54   C  CE2 . PHE A 1 9   ? -5.032  -6.529  -7.134  1.00 10.52 ? 328 PHE A CE2 1 
ATOM   55   C  CZ  . PHE A 1 9   ? -3.657  -6.555  -7.089  1.00 11.17 ? 328 PHE A CZ  1 
ATOM   56   N  N   . THR A 1 10  ? -7.853  -2.169  -10.706 1.00 9.95  ? 329 THR A N   1 
ATOM   57   C  CA  . THR A 1 10  ? -8.876  -1.156  -11.005 1.00 10.76 ? 329 THR A CA  1 
ATOM   58   C  C   . THR A 1 10  ? -9.424  -0.661  -9.672  1.00 10.91 ? 329 THR A C   1 
ATOM   59   O  O   . THR A 1 10  ? -10.019 -1.469  -8.935  1.00 10.47 ? 329 THR A O   1 
ATOM   60   C  CB  . THR A 1 10  ? -9.946  -1.727  -11.929 1.00 12.93 ? 329 THR A CB  1 
ATOM   61   O  OG1 . THR A 1 10  ? -9.304  -2.183  -13.129 1.00 15.49 ? 329 THR A OG1 1 
ATOM   62   C  CG2 . THR A 1 10  ? -11.014 -0.713  -12.229 1.00 13.35 ? 329 THR A CG2 1 
ATOM   63   N  N   . PHE A 1 11  ? -9.154  0.578   -9.357  1.00 10.33 ? 330 PHE A N   1 
ATOM   64   C  CA  . PHE A 1 11  ? -9.605  1.273   -8.131  1.00 10.20 ? 330 PHE A CA  1 
ATOM   65   C  C   . PHE A 1 11  ? -10.927 1.965   -8.437  1.00 11.94 ? 330 PHE A C   1 
ATOM   66   O  O   . PHE A 1 11  ? -11.044 2.595   -9.503  1.00 12.23 ? 330 PHE A O   1 
ATOM   67   C  CB  . PHE A 1 11  ? -8.571  2.315   -7.692  1.00 9.61  ? 330 PHE A CB  1 
ATOM   68   C  CG  . PHE A 1 11  ? -7.395  1.776   -6.924  1.00 9.61  ? 330 PHE A CG  1 
ATOM   69   C  CD1 . PHE A 1 11  ? -6.416  0.978   -7.519  1.00 9.53  ? 330 PHE A CD1 1 
ATOM   70   C  CD2 . PHE A 1 11  ? -7.272  2.037   -5.585  1.00 10.50 ? 330 PHE A CD2 1 
ATOM   71   C  CE1 . PHE A 1 11  ? -5.366  0.478   -6.771  1.00 10.36 ? 330 PHE A CE1 1 
ATOM   72   C  CE2 . PHE A 1 11  ? -6.217  1.544   -4.841  1.00 10.31 ? 330 PHE A CE2 1 
ATOM   73   C  CZ  . PHE A 1 11  ? -5.273  0.749   -5.416  1.00 9.64  ? 330 PHE A CZ  1 
ATOM   74   N  N   . LYS A 1 12  ? -11.899 1.887   -7.526  1.00 12.93 ? 331 LYS A N   1 
ATOM   75   C  CA  . LYS A 1 12  ? -13.136 2.698   -7.600  1.00 13.15 ? 331 LYS A CA  1 
ATOM   76   C  C   . LYS A 1 12  ? -13.406 3.217   -6.202  1.00 12.75 ? 331 LYS A C   1 
ATOM   77   O  O   . LYS A 1 12  ? -13.445 2.404   -5.246  1.00 12.08 ? 331 LYS A O   1 
ATOM   78   C  CB  . LYS A 1 12  ? -14.304 1.864   -8.137  1.00 14.92 ? 331 LYS A CB  1 
ATOM   79   C  CG  . LYS A 1 12  ? -15.597 2.629   -8.387  1.00 18.15 ? 331 LYS A CG  1 
ATOM   80   N  N   . ARG A 1 13  ? -13.563 4.527   -6.080  1.00 12.66 ? 332 ARG A N   1 
ATOM   81   C  CA  . ARG A 1 13  ? -13.929 5.132   -4.788  1.00 13.06 ? 332 ARG A CA  1 
ATOM   82   C  C   . ARG A 1 13  ? -15.392 4.789   -4.516  1.00 12.58 ? 332 ARG A C   1 
ATOM   83   O  O   . ARG A 1 13  ? -16.274 5.155   -5.311  1.00 14.44 ? 332 ARG A O   1 
ATOM   84   C  CB  . ARG A 1 13  ? -13.654 6.623   -4.705  1.00 13.91 ? 332 ARG A CB  1 
ATOM   85   C  CG  . ARG A 1 13  ? -13.884 7.138   -3.297  1.00 14.52 ? 332 ARG A CG  1 
ATOM   86   C  CD  . ARG A 1 13  ? -13.334 8.529   -3.097  1.00 15.31 ? 332 ARG A CD  1 
ATOM   87   N  NE  . ARG A 1 13  ? -14.037 9.467   -3.952  1.00 16.45 ? 332 ARG A NE  1 
ATOM   88   C  CZ  . ARG A 1 13  ? -13.629 10.711  -4.209  1.00 19.43 ? 332 ARG A CZ  1 
ATOM   89   N  NH1 . ARG A 1 13  ? -12.558 11.235  -3.615  1.00 21.15 ? 332 ARG A NH1 1 
ATOM   90   N  NH2 . ARG A 1 13  ? -14.363 11.454  -5.005  1.00 21.82 ? 332 ARG A NH2 1 
ATOM   91   N  N   . THR A 1 14  ? -15.651 4.166   -3.374  1.00 11.89 ? 333 THR A N   1 
ATOM   92   C  CA  . THR A 1 14  ? -17.025 3.723   -3.026  1.00 14.27 ? 333 THR A CA  1 
ATOM   93   C  C   . THR A 1 14  ? -17.613 4.660   -1.989  1.00 15.52 ? 333 THR A C   1 
ATOM   94   O  O   . THR A 1 14  ? -18.817 4.699   -1.913  1.00 16.74 ? 333 THR A O   1 
ATOM   95   C  CB  . THR A 1 14  ? -17.021 2.263   -2.552  1.00 14.69 ? 333 THR A CB  1 
ATOM   96   O  OG1 . THR A 1 14  ? -16.075 2.071   -1.505  1.00 16.73 ? 333 THR A OG1 1 
ATOM   97   C  CG2 . THR A 1 14  ? -16.728 1.295   -3.679  1.00 16.04 ? 333 THR A CG2 1 
ATOM   98   N  N   . SER A 1 15  ? -16.794 5.409   -1.248  1.00 15.16 ? 334 SER A N   1 
ATOM   99   C  CA  . SER A 1 15  ? -17.299 6.439   -0.307  1.00 14.86 ? 334 SER A CA  1 
ATOM   100  C  C   . SER A 1 15  ? -16.213 7.445   0.030   1.00 14.87 ? 334 SER A C   1 
ATOM   101  O  O   . SER A 1 15  ? -15.012 7.164   -0.152  1.00 11.31 ? 334 SER A O   1 
ATOM   102  C  CB  . SER A 1 15  ? -17.810 5.784   0.944   1.00 17.29 ? 334 SER A CB  1 
ATOM   103  O  OG  . SER A 1 15  ? -16.738 5.206   1.679   1.00 19.95 ? 334 SER A OG  1 
ATOM   104  N  N   . GLY A 1 16  ? -16.667 8.598   0.482   1.00 14.30 ? 335 GLY A N   1 
ATOM   105  C  CA  . GLY A 1 16  ? -15.807 9.627   1.078   1.00 13.54 ? 335 GLY A CA  1 
ATOM   106  C  C   . GLY A 1 16  ? -15.305 10.573  0.033   1.00 14.31 ? 335 GLY A C   1 
ATOM   107  O  O   . GLY A 1 16  ? -15.838 10.601  -1.084  1.00 17.90 ? 335 GLY A O   1 
ATOM   108  N  N   . SER A 1 17  ? -14.308 11.357  0.389   1.00 15.18 ? 336 SER A N   1 
ATOM   109  C  CA  . SER A 1 17  ? -13.868 12.476  -0.470  1.00 15.37 ? 336 SER A CA  1 
ATOM   110  C  C   . SER A 1 17  ? -12.460 12.854  -0.049  1.00 14.95 ? 336 SER A C   1 
ATOM   111  O  O   . SER A 1 17  ? -12.127 12.608  1.088   1.00 13.90 ? 336 SER A O   1 
ATOM   112  C  CB  . SER A 1 17  ? -14.791 13.670  -0.376  1.00 16.77 ? 336 SER A CB  1 
ATOM   113  O  OG  . SER A 1 17  ? -14.748 14.258  0.929   1.00 20.94 ? 336 SER A OG  1 
ATOM   114  N  N   . SER A 1 18  ? -11.700 13.474  -0.932  1.00 16.13 ? 337 SER A N   1 
ATOM   115  C  CA  . SER A 1 18  ? -10.401 13.987  -0.474  1.00 15.46 ? 337 SER A CA  1 
ATOM   116  C  C   . SER A 1 18  ? -10.074 15.229  -1.258  1.00 16.57 ? 337 SER A C   1 
ATOM   117  O  O   . SER A 1 18  ? -10.622 15.414  -2.360  1.00 17.33 ? 337 SER A O   1 
ATOM   118  C  CB  . SER A 1 18  ? -9.319  12.963  -0.577  1.00 15.41 ? 337 SER A CB  1 
ATOM   119  O  OG  . SER A 1 18  ? -9.166  12.514  -1.913  1.00 17.41 ? 337 SER A OG  1 
ATOM   120  N  N   . VAL A 1 19  ? -9.201  16.031  -0.677  1.00 15.43 ? 338 VAL A N   1 
ATOM   121  C  CA  . VAL A 1 19  ? -8.548  17.109  -1.458  1.00 17.19 ? 338 VAL A CA  1 
ATOM   122  C  C   . VAL A 1 19  ? -7.057  16.816  -1.515  1.00 18.42 ? 338 VAL A C   1 
ATOM   123  O  O   . VAL A 1 19  ? -6.532  16.052  -0.643  1.00 21.00 ? 338 VAL A O   1 
ATOM   124  C  CB  . VAL A 1 19  ? -8.813  18.503  -0.884  1.00 18.66 ? 338 VAL A CB  1 
ATOM   125  C  CG1 . VAL A 1 19  ? -10.256 18.872  -1.116  1.00 19.14 ? 338 VAL A CG1 1 
ATOM   126  C  CG2 . VAL A 1 19  ? -8.467  18.599  0.573   1.00 17.39 ? 338 VAL A CG2 1 
ATOM   127  N  N   . LYS A 1 20  ? -6.410  17.401  -2.502  1.00 19.21 ? 339 LYS A N   1 
ATOM   128  C  CA  . LYS A 1 20  ? -4.988  17.136  -2.810  1.00 20.41 ? 339 LYS A CA  1 
ATOM   129  C  C   . LYS A 1 20  ? -4.121  18.293  -2.325  1.00 22.85 ? 339 LYS A C   1 
ATOM   130  O  O   . LYS A 1 20  ? -4.362  19.418  -2.759  1.00 25.37 ? 339 LYS A O   1 
ATOM   131  C  CB  . LYS A 1 20  ? -4.800  16.975  -4.310  1.00 23.40 ? 339 LYS A CB  1 
ATOM   132  C  CG  . LYS A 1 20  ? -5.460  15.741  -4.879  1.00 26.18 ? 339 LYS A CG  1 
ATOM   133  C  CD  . LYS A 1 20  ? -6.361  16.044  -6.044  1.00 30.32 ? 339 LYS A CD  1 
ATOM   134  C  CE  . LYS A 1 20  ? -5.624  16.573  -7.257  1.00 30.15 ? 339 LYS A CE  1 
ATOM   135  N  NZ  . LYS A 1 20  ? -6.575  17.020  -8.301  1.00 32.34 ? 339 LYS A NZ  1 
ATOM   136  N  N   . LYS A 1 21  ? -3.157  17.993  -1.467  1.00 21.57 ? 340 LYS A N   1 
ATOM   137  C  CA  . LYS A 1 21  ? -2.134  18.944  -0.961  1.00 23.77 ? 340 LYS A CA  1 
ATOM   138  C  C   . LYS A 1 21  ? -0.790  18.475  -1.516  1.00 22.94 ? 340 LYS A C   1 
ATOM   139  O  O   . LYS A 1 21  ? -0.392  17.361  -1.135  1.00 21.81 ? 340 LYS A O   1 
ATOM   140  C  CB  . LYS A 1 21  ? -2.115  18.920  0.572   1.00 24.32 ? 340 LYS A CB  1 
ATOM   141  N  N   . GLU A 1 22  ? -0.153  19.237  -2.410  1.00 25.20 ? 341 GLU A N   1 
ATOM   142  C  CA  . GLU A 1 22  ? 1.243   18.959  -2.848  1.00 23.97 ? 341 GLU A CA  1 
ATOM   143  C  C   . GLU A 1 22  ? 2.169   19.045  -1.636  1.00 22.13 ? 341 GLU A C   1 
ATOM   144  O  O   . GLU A 1 22  ? 2.095   20.033  -0.872  1.00 22.05 ? 341 GLU A O   1 
ATOM   145  C  CB  . GLU A 1 22  ? 1.690   19.933  -3.935  1.00 26.10 ? 341 GLU A CB  1 
ATOM   146  N  N   . GLU A 1 23  ? 2.995   18.023  -1.431  1.00 21.48 ? 342 GLU A N   1 
ATOM   147  C  CA  . GLU A 1 23  ? 3.887   17.954  -0.253  1.00 20.10 ? 342 GLU A CA  1 
ATOM   148  C  C   . GLU A 1 23  ? 5.211   17.334  -0.687  1.00 20.78 ? 342 GLU A C   1 
ATOM   149  O  O   . GLU A 1 23  ? 5.170   16.331  -1.454  1.00 19.25 ? 342 GLU A O   1 
ATOM   150  C  CB  . GLU A 1 23  ? 3.231   17.103  0.829   1.00 22.60 ? 342 GLU A CB  1 
ATOM   151  C  CG  . GLU A 1 23  ? 4.166   16.694  1.944   1.00 24.44 ? 342 GLU A CG  1 
ATOM   152  N  N   . GLU A 1 24  ? 6.315   17.870  -0.175  1.00 19.32 ? 343 GLU A N   1 
ATOM   153  C  CA  . GLU A 1 24  ? 7.648   17.253  -0.360  1.00 18.67 ? 343 GLU A CA  1 
ATOM   154  C  C   . GLU A 1 24  ? 7.881   16.297  0.799   1.00 18.45 ? 343 GLU A C   1 
ATOM   155  O  O   . GLU A 1 24  ? 7.759   16.705  1.982   1.00 20.60 ? 343 GLU A O   1 
ATOM   156  C  CB  . GLU A 1 24  ? 8.761   18.295  -0.470  1.00 18.78 ? 343 GLU A CB  1 
ATOM   157  C  CG  . GLU A 1 24  ? 8.730   19.069  -1.774  1.00 21.67 ? 343 GLU A CG  1 
ATOM   158  C  CD  . GLU A 1 24  ? 9.893   20.035  -1.957  1.00 23.58 ? 343 GLU A CD  1 
ATOM   159  O  OE1 . GLU A 1 24  ? 10.211  20.778  -1.034  1.00 26.58 ? 343 GLU A OE1 1 
ATOM   160  O  OE2 . GLU A 1 24  ? 10.472  20.051  -3.046  1.00 27.74 ? 343 GLU A OE2 1 
ATOM   161  N  N   . VAL A 1 25  ? 8.113   15.035  0.466   1.00 16.75 ? 344 VAL A N   1 
ATOM   162  C  CA  . VAL A 1 25  ? 8.438   14.015  1.483   1.00 16.60 ? 344 VAL A CA  1 
ATOM   163  C  C   . VAL A 1 25  ? 9.860   13.515  1.268   1.00 14.90 ? 344 VAL A C   1 
ATOM   164  O  O   . VAL A 1 25  ? 10.390  13.586  0.154   1.00 16.06 ? 344 VAL A O   1 
ATOM   165  C  CB  . VAL A 1 25  ? 7.435   12.859  1.436   1.00 16.54 ? 344 VAL A CB  1 
ATOM   166  C  CG1 . VAL A 1 25  ? 6.024   13.379  1.625   1.00 18.55 ? 344 VAL A CG1 1 
ATOM   167  C  CG2 . VAL A 1 25  ? 7.596   11.990  0.207   1.00 17.14 ? 344 VAL A CG2 1 
ATOM   168  N  N   . LEU A 1 26  ? 10.444  13.012  2.317   1.00 14.33 ? 345 LEU A N   1 
ATOM   169  C  CA  . LEU A 1 26  ? 11.829  12.515  2.290   1.00 13.69 ? 345 LEU A CA  1 
ATOM   170  C  C   . LEU A 1 26  ? 11.808  11.006  2.381   1.00 11.16 ? 345 LEU A C   1 
ATOM   171  O  O   . LEU A 1 26  ? 11.285  10.502  3.368   1.00 13.14 ? 345 LEU A O   1 
ATOM   172  C  CB  . LEU A 1 26  ? 12.559  13.164  3.460   1.00 14.95 ? 345 LEU A CB  1 
ATOM   173  C  CG  . LEU A 1 26  ? 14.065  12.964  3.489   1.00 16.53 ? 345 LEU A CG  1 
ATOM   174  C  CD1 . LEU A 1 26  ? 14.734  13.630  2.299   1.00 17.63 ? 345 LEU A CD1 1 
ATOM   175  C  CD2 . LEU A 1 26  ? 14.630  13.518  4.784   1.00 18.36 ? 345 LEU A CD2 1 
ATOM   176  N  N   . THR A 1 27  ? 12.372  10.320  1.384   1.00 11.87 ? 346 THR A N   1 
ATOM   177  C  CA  . THR A 1 27  ? 12.374  8.846   1.373   1.00 11.85 ? 346 THR A CA  1 
ATOM   178  C  C   . THR A 1 27  ? 13.383  8.306   2.373   1.00 10.79 ? 346 THR A C   1 
ATOM   179  O  O   . THR A 1 27  ? 14.181  9.049   2.907   1.00 11.26 ? 346 THR A O   1 
ATOM   180  C  CB  . THR A 1 27  ? 12.642  8.316   -0.027  1.00 11.08 ? 346 THR A CB  1 
ATOM   181  O  OG1 . THR A 1 27  ? 13.997  8.637   -0.368  1.00 13.34 ? 346 THR A OG1 1 
ATOM   182  C  CG2 . THR A 1 27  ? 11.688  8.941   -1.013  1.00 13.19 ? 346 THR A CG2 1 
ATOM   183  N  N   . GLY A 1 28  ? 13.319  6.997   2.595   1.00 11.63 ? 347 GLY A N   1 
ATOM   184  C  CA  . GLY A 1 28  ? 14.287  6.284   3.448   1.00 11.68 ? 347 GLY A CA  1 
ATOM   185  C  C   . GLY A 1 28  ? 15.726  6.466   2.988   1.00 12.43 ? 347 GLY A C   1 
ATOM   186  O  O   . GLY A 1 28  ? 16.620  6.454   3.835   1.00 13.59 ? 347 GLY A O   1 
ATOM   187  N  N   . ASN A 1 29  ? 15.974  6.643   1.693   1.00 11.66 ? 348 ASN A N   1 
ATOM   188  C  CA  . ASN A 1 29  ? 17.353  6.866   1.185   1.00 11.64 ? 348 ASN A CA  1 
ATOM   189  C  C   . ASN A 1 29  ? 17.543  8.349   0.873   1.00 11.58 ? 348 ASN A C   1 
ATOM   190  O  O   . ASN A 1 29  ? 18.453  8.669   0.120   1.00 11.40 ? 348 ASN A O   1 
ATOM   191  C  CB  . ASN A 1 29  ? 17.697  5.913   0.036   1.00 11.92 ? 348 ASN A CB  1 
ATOM   192  C  CG  . ASN A 1 29  ? 16.799  6.016   -1.170  1.00 12.55 ? 348 ASN A CG  1 
ATOM   193  O  OD1 . ASN A 1 29  ? 15.778  6.695   -1.148  1.00 12.94 ? 348 ASN A OD1 1 
ATOM   194  N  ND2 . ASN A 1 29  ? 17.137  5.289   -2.229  1.00 12.27 ? 348 ASN A ND2 1 
ATOM   195  N  N   . LEU A 1 30  ? 16.761  9.217   1.514   1.00 11.56 ? 349 LEU A N   1 
ATOM   196  C  CA  . LEU A 1 30  ? 17.049  10.676  1.620   1.00 12.22 ? 349 LEU A CA  1 
ATOM   197  C  C   . LEU A 1 30  ? 16.884  11.374  0.267   1.00 11.81 ? 349 LEU A C   1 
ATOM   198  O  O   . LEU A 1 30  ? 17.377  12.509  0.116   1.00 13.12 ? 349 LEU A O   1 
ATOM   199  C  CB  . LEU A 1 30  ? 18.414  10.887  2.287   1.00 13.85 ? 349 LEU A CB  1 
ATOM   200  C  CG  . LEU A 1 30  ? 18.501  10.217  3.662   1.00 14.81 ? 349 LEU A CG  1 
ATOM   201  C  CD1 . LEU A 1 30  ? 19.878  10.364  4.244   1.00 15.64 ? 349 LEU A CD1 1 
ATOM   202  C  CD2 . LEU A 1 30  ? 17.469  10.807  4.614   1.00 15.95 ? 349 LEU A CD2 1 
ATOM   203  N  N   . GLN A 1 31  ? 16.044  10.823  -0.622  1.00 10.50 ? 350 GLN A N   1 
ATOM   204  C  CA  . GLN A 1 31  ? 15.580  11.530  -1.840  1.00 10.82 ? 350 GLN A CA  1 
ATOM   205  C  C   . GLN A 1 31  ? 14.332  12.343  -1.502  1.00 12.73 ? 350 GLN A C   1 
ATOM   206  O  O   . GLN A 1 31  ? 13.596  11.931  -0.621  1.00 12.76 ? 350 GLN A O   1 
ATOM   207  C  CB  . GLN A 1 31  ? 15.307  10.532  -2.951  1.00 10.07 ? 350 GLN A CB  1 
ATOM   208  C  CG  . GLN A 1 31  ? 16.495  9.668   -3.277  1.00 10.03 ? 350 GLN A CG  1 
ATOM   209  C  CD  . GLN A 1 31  ? 16.129  8.669   -4.363  1.00 10.10 ? 350 GLN A CD  1 
ATOM   210  O  OE1 . GLN A 1 31  ? 16.423  8.896   -5.529  1.00 12.29 ? 350 GLN A OE1 1 
ATOM   211  N  NE2 . GLN A 1 31  ? 15.521  7.569   -3.949  1.00 12.13 ? 350 GLN A NE2 1 
ATOM   212  N  N   . THR A 1 32  ? 14.045  13.393  -2.255  1.00 13.10 ? 351 THR A N   1 
ATOM   213  C  CA  . THR A 1 32  ? 12.800  14.165  -2.064  1.00 15.01 ? 351 THR A CA  1 
ATOM   214  C  C   . THR A 1 32  ? 11.857  13.816  -3.200  1.00 15.01 ? 351 THR A C   1 
ATOM   215  O  O   . THR A 1 32  ? 12.286  13.811  -4.365  1.00 16.00 ? 351 THR A O   1 
ATOM   216  C  CB  . THR A 1 32  ? 13.039  15.674  -2.017  1.00 15.61 ? 351 THR A CB  1 
ATOM   217  O  OG1 . THR A 1 32  ? 13.789  15.985  -0.844  1.00 17.38 ? 351 THR A OG1 1 
ATOM   218  C  CG2 . THR A 1 32  ? 11.727  16.434  -2.023  1.00 17.47 ? 351 THR A CG2 1 
ATOM   219  N  N   . LEU A 1 33  ? 10.600  13.544  -2.863  1.00 15.93 ? 352 LEU A N   1 
ATOM   220  C  CA  . LEU A 1 33  ? 9.518   13.393  -3.856  1.00 15.29 ? 352 LEU A CA  1 
ATOM   221  C  C   . LEU A 1 33  ? 8.489   14.453  -3.569  1.00 14.97 ? 352 LEU A C   1 
ATOM   222  O  O   . LEU A 1 33  ? 8.167   14.659  -2.423  1.00 14.66 ? 352 LEU A O   1 
ATOM   223  C  CB  . LEU A 1 33  ? 8.847   12.020  -3.782  1.00 16.05 ? 352 LEU A CB  1 
ATOM   224  C  CG  . LEU A 1 33  ? 9.726   10.866  -4.207  1.00 16.90 ? 352 LEU A CG  1 
ATOM   225  C  CD1 . LEU A 1 33  ? 9.086   9.557   -3.793  1.00 16.42 ? 352 LEU A CD1 1 
ATOM   226  C  CD2 . LEU A 1 33  ? 10.005  10.897  -5.684  1.00 16.96 ? 352 LEU A CD2 1 
ATOM   227  N  N   . LYS A 1 34  ? 7.947   15.017  -4.635  1.00 15.09 ? 353 LYS A N   1 
ATOM   228  C  CA  . LYS A 1 34  ? 6.786   15.932  -4.572  1.00 16.45 ? 353 LYS A CA  1 
ATOM   229  C  C   . LYS A 1 34  ? 5.541   15.111  -4.873  1.00 16.38 ? 353 LYS A C   1 
ATOM   230  O  O   . LYS A 1 34  ? 5.303   14.799  -6.083  1.00 16.99 ? 353 LYS A O   1 
ATOM   231  C  CB  . LYS A 1 34  ? 6.984   17.033  -5.600  1.00 17.91 ? 353 LYS A CB  1 
ATOM   232  N  N   . ILE A 1 35  ? 4.780   14.782  -3.837  1.00 16.95 ? 354 ILE A N   1 
ATOM   233  C  CA  A ILE A 1 35  ? 3.565   13.926  -3.996  0.50 16.56 ? 354 ILE A CA  1 
ATOM   234  C  CA  B ILE A 1 35  ? 3.566   13.921  -3.967  0.50 16.76 ? 354 ILE A CA  1 
ATOM   235  C  C   . ILE A 1 35  ? 2.289   14.757  -3.768  1.00 16.04 ? 354 ILE A C   1 
ATOM   236  O  O   . ILE A 1 35  ? 2.314   15.756  -2.995  1.00 16.77 ? 354 ILE A O   1 
ATOM   237  C  CB  A ILE A 1 35  ? 3.603   12.674  -3.098  0.50 17.79 ? 354 ILE A CB  1 
ATOM   238  C  CB  B ILE A 1 35  ? 3.702   12.739  -2.991  0.50 18.24 ? 354 ILE A CB  1 
ATOM   239  C  CG1 A ILE A 1 35  ? 3.665   12.990  -1.603  0.50 18.35 ? 354 ILE A CG1 1 
ATOM   240  C  CG1 B ILE A 1 35  ? 4.782   11.797  -3.530  0.50 19.84 ? 354 ILE A CG1 1 
ATOM   241  C  CG2 A ILE A 1 35  ? 4.740   11.743  -3.508  0.50 18.82 ? 354 ILE A CG2 1 
ATOM   242  C  CG2 B ILE A 1 35  ? 2.383   12.011  -2.727  0.50 18.72 ? 354 ILE A CG2 1 
ATOM   243  C  CD1 A ILE A 1 35  ? 3.086   11.889  -0.750  0.50 19.07 ? 354 ILE A CD1 1 
ATOM   244  C  CD1 B ILE A 1 35  ? 5.175   10.718  -2.586  0.50 20.47 ? 354 ILE A CD1 1 
ATOM   245  N  N   . ARG A 1 36  ? 1.236   14.372  -4.477  1.00 15.28 ? 355 ARG A N   1 
ATOM   246  C  CA  . ARG A 1 36  ? -0.134  14.870  -4.280  1.00 14.29 ? 355 ARG A CA  1 
ATOM   247  C  C   . ARG A 1 36  ? -0.719  14.040  -3.148  1.00 12.61 ? 355 ARG A C   1 
ATOM   248  O  O   . ARG A 1 36  ? -1.108  12.894  -3.408  1.00 13.04 ? 355 ARG A O   1 
ATOM   249  C  CB  . ARG A 1 36  ? -0.965  14.726  -5.558  0.50 15.09 ? 355 ARG A CB  1 
ATOM   250  C  CG  . ARG A 1 36  ? -0.899  15.925  -6.490  0.50 16.94 ? 355 ARG A CG  1 
ATOM   251  C  CD  . ARG A 1 36  ? -1.700  15.774  -7.780  0.50 17.65 ? 355 ARG A CD  1 
ATOM   252  N  NE  . ARG A 1 36  ? -1.095  14.768  -8.632  0.50 19.45 ? 355 ARG A NE  1 
ATOM   253  C  CZ  . ARG A 1 36  ? -1.420  14.540  -9.900  0.50 21.84 ? 355 ARG A CZ  1 
ATOM   254  N  NH1 . ARG A 1 36  ? -2.417  15.192  -10.477 0.50 23.92 ? 355 ARG A NH1 1 
ATOM   255  N  NH2 . ARG A 1 36  ? -0.763  13.613  -10.572 0.50 22.86 ? 355 ARG A NH2 1 
ATOM   256  N  N   . VAL A 1 37  ? -0.695  14.578  -1.932  1.00 12.14 ? 356 VAL A N   1 
ATOM   257  C  CA  . VAL A 1 37  ? -1.214  13.858  -0.758  1.00 12.34 ? 356 VAL A CA  1 
ATOM   258  C  C   . VAL A 1 37  ? -2.720  14.070  -0.732  1.00 12.62 ? 356 VAL A C   1 
ATOM   259  O  O   . VAL A 1 37  ? -3.132  15.231  -0.702  1.00 13.56 ? 356 VAL A O   1 
ATOM   260  C  CB  . VAL A 1 37  ? -0.559  14.351  0.538   1.00 12.92 ? 356 VAL A CB  1 
ATOM   261  C  CG1 . VAL A 1 37  ? -1.268  13.807  1.756   1.00 12.72 ? 356 VAL A CG1 1 
ATOM   262  C  CG2 . VAL A 1 37  ? 0.914   14.002  0.572   1.00 13.13 ? 356 VAL A CG2 1 
ATOM   263  N  N   . HIS A 1 38  ? -3.472  12.991  -0.688  1.00 10.60 ? 357 HIS A N   1 
ATOM   264  C  CA  . HIS A 1 38  ? -4.954  13.030  -0.577  1.00 11.78 ? 357 HIS A CA  1 
ATOM   265  C  C   . HIS A 1 38  ? -5.364  13.152  0.894   1.00 10.69 ? 357 HIS A C   1 
ATOM   266  O  O   . HIS A 1 38  ? -4.956  12.326  1.731   1.00 12.15 ? 357 HIS A O   1 
ATOM   267  C  CB  . HIS A 1 38  ? -5.560  11.862  -1.309  1.00 11.13 ? 357 HIS A CB  1 
ATOM   268  C  CG  . HIS A 1 38  ? -5.465  12.009  -2.779  1.00 13.21 ? 357 HIS A CG  1 
ATOM   269  N  ND1 . HIS A 1 38  ? -6.558  12.408  -3.518  1.00 15.35 ? 357 HIS A ND1 1 
ATOM   270  C  CD2 . HIS A 1 38  ? -4.430  11.907  -3.632  1.00 14.58 ? 357 HIS A CD2 1 
ATOM   271  C  CE1 . HIS A 1 38  ? -6.185  12.530  -4.770  1.00 17.86 ? 357 HIS A CE1 1 
ATOM   272  N  NE2 . HIS A 1 38  ? -4.921  12.142  -4.882  1.00 15.56 ? 357 HIS A NE2 1 
ATOM   273  N  N   . GLU A 1 39  ? -6.158  14.190  1.207   1.00 11.24 ? 358 GLU A N   1 
ATOM   274  C  CA  . GLU A 1 39  ? -6.553  14.490  2.600   1.00 11.80 ? 358 GLU A CA  1 
ATOM   275  C  C   . GLU A 1 39  ? -8.036  14.215  2.759   1.00 11.86 ? 358 GLU A C   1 
ATOM   276  O  O   . GLU A 1 39  ? -8.810  14.838  2.060   1.00 11.11 ? 358 GLU A O   1 
ATOM   277  C  CB  . GLU A 1 39  ? -6.229  15.938  2.969   1.00 14.28 ? 358 GLU A CB  1 
ATOM   278  C  CG  . GLU A 1 39  ? -4.738  16.266  2.953   1.00 17.08 ? 358 GLU A CG  1 
ATOM   279  C  CD  . GLU A 1 39  ? -4.402  17.569  3.680   1.00 21.50 ? 358 GLU A CD  1 
ATOM   280  O  OE1 . GLU A 1 39  ? -4.967  18.611  3.307   1.00 25.37 ? 358 GLU A OE1 1 
ATOM   281  O  OE2 . GLU A 1 39  ? -3.566  17.535  4.629   1.00 29.93 ? 358 GLU A OE2 1 
ATOM   282  N  N   . GLY A 1 40  ? -8.402  13.317  3.653   1.00 11.38 ? 359 GLY A N   1 
ATOM   283  C  CA  . GLY A 1 40  ? -9.800  12.981  3.923   1.00 12.64 ? 359 GLY A CA  1 
ATOM   284  C  C   . GLY A 1 40  ? -9.986  11.497  4.174   1.00 12.33 ? 359 GLY A C   1 
ATOM   285  O  O   . GLY A 1 40  ? -9.000  10.777  4.127   1.00 15.20 ? 359 GLY A O   1 
ATOM   286  N  N   . TYR A 1 41  ? -11.196 11.074  4.468   1.00 12.64 ? 360 TYR A N   1 
ATOM   287  C  CA  A TYR A 1 41  ? -11.565 9.648   4.663   0.50 12.70 ? 360 TYR A CA  1 
ATOM   288  C  CA  B TYR A 1 41  ? -11.566 9.645   4.661   0.50 11.76 ? 360 TYR A CA  1 
ATOM   289  C  C   . TYR A 1 41  ? -12.178 9.098   3.380   1.00 11.78 ? 360 TYR A C   1 
ATOM   290  O  O   . TYR A 1 41  ? -13.120 9.756   2.826   1.00 10.75 ? 360 TYR A O   1 
ATOM   291  C  CB  A TYR A 1 41  ? -12.543 9.520   5.827   0.50 13.45 ? 360 TYR A CB  1 
ATOM   292  C  CB  B TYR A 1 41  ? -12.591 9.484   5.780   0.50 11.31 ? 360 TYR A CB  1 
ATOM   293  C  CG  A TYR A 1 41  ? -12.143 10.205  7.111   0.50 14.97 ? 360 TYR A CG  1 
ATOM   294  C  CG  B TYR A 1 41  ? -12.064 9.381   7.189   0.50 11.23 ? 360 TYR A CG  1 
ATOM   295  C  CD1 A TYR A 1 41  ? -10.978 9.879   7.765   0.50 15.82 ? 360 TYR A CD1 1 
ATOM   296  C  CD1 B TYR A 1 41  ? -11.669 10.501  7.912   0.50 10.28 ? 360 TYR A CD1 1 
ATOM   297  C  CD2 A TYR A 1 41  ? -12.977 11.120  7.723   0.50 15.09 ? 360 TYR A CD2 1 
ATOM   298  C  CD2 B TYR A 1 41  ? -12.041 8.157   7.828   0.50 11.79 ? 360 TYR A CD2 1 
ATOM   299  C  CE1 A TYR A 1 41  ? -10.633 10.461  8.976   0.50 16.45 ? 360 TYR A CE1 1 
ATOM   300  C  CE1 B TYR A 1 41  ? -11.241 10.385  9.229   0.50 10.98 ? 360 TYR A CE1 1 
ATOM   301  C  CE2 A TYR A 1 41  ? -12.652 11.719  8.930   0.50 16.66 ? 360 TYR A CE2 1 
ATOM   302  C  CE2 B TYR A 1 41  ? -11.600 8.019   9.130   0.50 11.49 ? 360 TYR A CE2 1 
ATOM   303  C  CZ  A TYR A 1 41  ? -11.471 11.390  9.562   0.50 17.15 ? 360 TYR A CZ  1 
ATOM   304  C  CZ  B TYR A 1 41  ? -11.220 9.141   9.844   0.50 11.15 ? 360 TYR A CZ  1 
ATOM   305  O  OH  A TYR A 1 41  ? -11.153 11.975  10.757  0.50 19.87 ? 360 TYR A OH  1 
ATOM   306  O  OH  B TYR A 1 41  ? -10.779 8.970   11.135  0.50 13.23 ? 360 TYR A OH  1 
ATOM   307  N  N   . GLU A 1 42  ? -11.663 7.967   2.904   1.00 11.12 ? 361 GLU A N   1 
ATOM   308  C  CA  . GLU A 1 42  ? -12.137 7.363   1.650   1.00 10.77 ? 361 GLU A CA  1 
ATOM   309  C  C   . GLU A 1 42  ? -12.138 5.841   1.748   1.00 10.94 ? 361 GLU A C   1 
ATOM   310  O  O   . GLU A 1 42  ? -11.326 5.268   2.501   1.00 11.31 ? 361 GLU A O   1 
ATOM   311  C  CB  . GLU A 1 42  ? -11.242 7.786   0.484   1.00 11.70 ? 361 GLU A CB  1 
ATOM   312  C  CG  . GLU A 1 42  ? -11.333 9.273   0.147   1.00 11.73 ? 361 GLU A CG  1 
ATOM   313  C  CD  . GLU A 1 42  ? -10.265 9.706   -0.818  1.00 11.90 ? 361 GLU A CD  1 
ATOM   314  O  OE1 . GLU A 1 42  ? -9.112  9.458   -0.485  1.00 13.48 ? 361 GLU A OE1 1 
ATOM   315  O  OE2 . GLU A 1 42  ? -10.602 10.247  -1.901  1.00 13.11 ? 361 GLU A OE2 1 
ATOM   316  N  N   . GLU A 1 43  ? -12.986 5.211   0.963   1.00 11.12 ? 362 GLU A N   1 
ATOM   317  C  CA  . GLU A 1 43  ? -12.955 3.768   0.784   1.00 12.97 ? 362 GLU A CA  1 
ATOM   318  C  C   . GLU A 1 43  ? -12.927 3.490   -0.703  1.00 10.98 ? 362 GLU A C   1 
ATOM   319  O  O   . GLU A 1 43  ? -13.585 4.194   -1.473  1.00 10.28 ? 362 GLU A O   1 
ATOM   320  C  CB  . GLU A 1 43  ? -14.135 3.127   1.475   1.00 15.09 ? 362 GLU A CB  1 
ATOM   321  C  CG  . GLU A 1 43  ? -14.127 1.618   1.360   1.00 18.71 ? 362 GLU A CG  1 
ATOM   322  C  CD  . GLU A 1 43  ? -15.377 1.059   2.003   0.50 19.87 ? 362 GLU A CD  1 
ATOM   323  O  OE1 . GLU A 1 43  ? -16.316 0.717   1.244   0.50 22.25 ? 362 GLU A OE1 1 
ATOM   324  O  OE2 . GLU A 1 43  ? -15.449 1.069   3.268   0.50 23.01 ? 362 GLU A OE2 1 
ATOM   325  N  N   . PHE A 1 44  ? -12.160 2.486   -1.080  1.00 12.26 ? 363 PHE A N   1 
ATOM   326  C  CA  . PHE A 1 44  ? -11.964 2.067   -2.478  1.00 11.65 ? 363 PHE A CA  1 
ATOM   327  C  C   . PHE A 1 44  ? -12.101 0.564   -2.567  1.00 11.54 ? 363 PHE A C   1 
ATOM   328  O  O   . PHE A 1 44  ? -11.796 -0.166  -1.621  1.00 12.73 ? 363 PHE A O   1 
ATOM   329  C  CB  . PHE A 1 44  ? -10.555 2.380   -2.991  1.00 11.16 ? 363 PHE A CB  1 
ATOM   330  C  CG  . PHE A 1 44  ? -10.269 3.842   -3.054  1.00 11.39 ? 363 PHE A CG  1 
ATOM   331  C  CD1 . PHE A 1 44  ? -9.861  4.550   -1.930  1.00 11.24 ? 363 PHE A CD1 1 
ATOM   332  C  CD2 . PHE A 1 44  ? -10.460 4.510   -4.249  1.00 12.99 ? 363 PHE A CD2 1 
ATOM   333  C  CE1 . PHE A 1 44  ? -9.655  5.927   -2.008  1.00 12.25 ? 363 PHE A CE1 1 
ATOM   334  C  CE2 . PHE A 1 44  ? -10.244 5.884   -4.318  1.00 13.17 ? 363 PHE A CE2 1 
ATOM   335  C  CZ  . PHE A 1 44  ? -9.901  6.586   -3.187  1.00 12.90 ? 363 PHE A CZ  1 
ATOM   336  N  N   . THR A 1 45  ? -12.574 0.109   -3.696  1.00 10.06 ? 364 THR A N   1 
ATOM   337  C  CA  . THR A 1 45  ? -12.427 -1.296  -4.096  1.00 9.66  ? 364 THR A CA  1 
ATOM   338  C  C   . THR A 1 45  ? -11.237 -1.370  -5.023  1.00 9.93  ? 364 THR A C   1 
ATOM   339  O  O   . THR A 1 45  ? -10.999 -0.425  -5.774  1.00 10.37 ? 364 THR A O   1 
ATOM   340  C  CB  . THR A 1 45  ? -13.687 -1.885  -4.693  1.00 10.66 ? 364 THR A CB  1 
ATOM   341  O  OG1 . THR A 1 45  ? -14.018 -1.135  -5.856  1.00 11.30 ? 364 THR A OG1 1 
ATOM   342  C  CG2 . THR A 1 45  ? -14.837 -1.923  -3.717  1.00 11.30 ? 364 THR A CG2 1 
ATOM   343  N  N   . MET A 1 46  ? -10.531 -2.499  -4.966  1.00 10.34 ? 365 MET A N   1 
ATOM   344  C  CA  . MET A 1 46  ? -9.392  -2.803  -5.851  1.00 10.83 ? 365 MET A CA  1 
ATOM   345  C  C   . MET A 1 46  ? -9.711  -4.112  -6.538  1.00 10.55 ? 365 MET A C   1 
ATOM   346  O  O   . MET A 1 46  ? -9.838  -5.115  -5.847  1.00 9.96  ? 365 MET A O   1 
ATOM   347  C  CB  . MET A 1 46  ? -8.100  -2.990  -5.057  1.00 11.30 ? 365 MET A CB  1 
ATOM   348  C  CG  . MET A 1 46  ? -7.604  -1.733  -4.451  1.00 12.40 ? 365 MET A CG  1 
ATOM   349  S  SD  . MET A 1 46  ? -6.248  -2.067  -3.255  1.00 13.48 ? 365 MET A SD  1 
ATOM   350  C  CE  . MET A 1 46  ? -4.998  -2.709  -4.348  1.00 13.45 ? 365 MET A CE  1 
ATOM   351  N  N   . VAL A 1 47  ? -9.827  -4.111  -7.861  1.00 10.42 ? 366 VAL A N   1 
ATOM   352  C  CA  . VAL A 1 47  ? -10.100 -5.369  -8.580  1.00 11.03 ? 366 VAL A CA  1 
ATOM   353  C  C   . VAL A 1 47  ? -8.934  -5.703  -9.502  1.00 11.03 ? 366 VAL A C   1 
ATOM   354  O  O   . VAL A 1 47  ? -8.594  -4.907  -10.410 1.00 9.88  ? 366 VAL A O   1 
ATOM   355  C  CB  . VAL A 1 47  ? -11.428 -5.298  -9.346  1.00 13.33 ? 366 VAL A CB  1 
ATOM   356  C  CG1 . VAL A 1 47  ? -11.631 -6.590  -10.141 1.00 14.22 ? 366 VAL A CG1 1 
ATOM   357  C  CG2 . VAL A 1 47  ? -12.598 -5.038  -8.404  1.00 13.53 ? 366 VAL A CG2 1 
ATOM   358  N  N   . GLY A 1 48  ? -8.361  -6.868  -9.284  1.00 10.75 ? 367 GLY A N   1 
ATOM   359  C  CA  . GLY A 1 48  ? -7.288  -7.458  -10.076 1.00 11.11 ? 367 GLY A CA  1 
ATOM   360  C  C   . GLY A 1 48  ? -7.714  -8.762  -10.709 1.00 12.50 ? 367 GLY A C   1 
ATOM   361  O  O   . GLY A 1 48  ? -8.747  -9.294  -10.324 1.00 13.76 ? 367 GLY A O   1 
ATOM   362  N  N   . ARG A 1 49  ? -6.862  -9.311  -11.574 1.00 14.53 ? 368 ARG A N   1 
ATOM   363  C  CA  . ARG A 1 49  ? -7.112  -10.636 -12.169 1.00 16.23 ? 368 ARG A CA  1 
ATOM   364  C  C   . ARG A 1 49  ? -7.059  -11.710 -11.080 1.00 16.34 ? 368 ARG A C   1 
ATOM   365  O  O   . ARG A 1 49  ? -7.821  -12.719 -11.173 1.00 18.06 ? 368 ARG A O   1 
ATOM   366  C  CB  . ARG A 1 49  ? -6.099  -10.918 -13.285 1.00 20.03 ? 368 ARG A CB  1 
ATOM   367  C  CG  . ARG A 1 49  ? -6.405  -10.204 -14.593 1.00 24.41 ? 368 ARG A CG  1 
ATOM   368  C  CD  . ARG A 1 49  ? -7.189  -11.025 -15.609 1.00 23.89 ? 368 ARG A CD  1 
ATOM   369  N  NE  . ARG A 1 49  ? -6.658  -12.351 -15.957 1.00 24.90 ? 368 ARG A NE  1 
ATOM   370  C  CZ  . ARG A 1 49  ? -5.737  -12.601 -16.889 1.00 26.12 ? 368 ARG A CZ  1 
ATOM   371  N  NH1 . ARG A 1 49  ? -5.384  -13.848 -17.155 1.00 29.27 ? 368 ARG A NH1 1 
ATOM   372  N  NH2 . ARG A 1 49  ? -5.157  -11.620 -17.548 1.00 25.04 ? 368 ARG A NH2 1 
ATOM   373  N  N   . ARG A 1 50  ? -6.149  -11.579 -10.106 1.00 15.81 ? 369 ARG A N   1 
ATOM   374  C  CA  . ARG A 1 50  ? -5.872  -12.682 -9.153  1.00 15.72 ? 369 ARG A CA  1 
ATOM   375  C  C   . ARG A 1 50  ? -6.118  -12.271 -7.705  1.00 14.03 ? 369 ARG A C   1 
ATOM   376  O  O   . ARG A 1 50  ? -5.862  -13.092 -6.822  1.00 14.59 ? 369 ARG A O   1 
ATOM   377  C  CB  . ARG A 1 50  ? -4.416  -13.138 -9.281  1.00 18.20 ? 369 ARG A CB  1 
ATOM   378  C  CG  . ARG A 1 50  ? -4.065  -13.758 -10.630 1.00 22.51 ? 369 ARG A CG  1 
ATOM   379  C  CD  . ARG A 1 50  ? -2.573  -13.700 -10.949 1.00 24.80 ? 369 ARG A CD  1 
ATOM   380  N  NE  . ARG A 1 50  ? -1.960  -12.402 -10.699 1.00 28.98 ? 369 ARG A NE  1 
ATOM   381  C  CZ  . ARG A 1 50  ? -1.960  -11.367 -11.528 1.00 28.78 ? 369 ARG A CZ  1 
ATOM   382  N  NH1 . ARG A 1 50  ? -2.548  -11.447 -12.712 1.00 27.67 ? 369 ARG A NH1 1 
ATOM   383  N  NH2 . ARG A 1 50  ? -1.362  -10.244 -11.167 1.00 30.24 ? 369 ARG A NH2 1 
ATOM   384  N  N   . ALA A 1 51  ? -6.544  -11.042 -7.452  1.00 12.27 ? 370 ALA A N   1 
ATOM   385  C  CA  . ALA A 1 51  ? -6.817  -10.580 -6.072  1.00 11.23 ? 370 ALA A CA  1 
ATOM   386  C  C   . ALA A 1 51  ? -7.827  -9.459  -6.128  1.00 10.42 ? 370 ALA A C   1 
ATOM   387  O  O   . ALA A 1 51  ? -7.893  -8.748  -7.123  1.00 10.66 ? 370 ALA A O   1 
ATOM   388  C  CB  . ALA A 1 51  ? -5.556  -10.129 -5.390  1.00 11.06 ? 370 ALA A CB  1 
ATOM   389  N  N   . THR A 1 52  ? -8.601  -9.338  -5.059  1.00 10.68 ? 371 THR A N   1 
ATOM   390  C  CA  . THR A 1 52  ? -9.590  -8.266  -4.895  1.00 11.06 ? 371 THR A CA  1 
ATOM   391  C  C   . THR A 1 52  ? -9.409  -7.707  -3.501  1.00 10.04 ? 371 THR A C   1 
ATOM   392  O  O   . THR A 1 52  ? -9.136  -8.507  -2.594  1.00 10.29 ? 371 THR A O   1 
ATOM   393  C  CB  . THR A 1 52  ? -11.016 -8.785  -5.038  1.00 12.47 ? 371 THR A CB  1 
ATOM   394  O  OG1 . THR A 1 52  ? -11.121 -9.446  -6.301  1.00 16.82 ? 371 THR A OG1 1 
ATOM   395  C  CG2 . THR A 1 52  ? -12.062 -7.692  -5.003  1.00 12.15 ? 371 THR A CG2 1 
ATOM   396  N  N   . ALA A 1 53  ? -9.617  -6.405  -3.318  1.00 9.04  ? 372 ALA A N   1 
ATOM   397  C  CA  . ALA A 1 53  ? -9.542  -5.867  -1.961  1.00 9.74  ? 372 ALA A CA  1 
ATOM   398  C  C   . ALA A 1 53  ? -10.513 -4.723  -1.743  1.00 8.98  ? 372 ALA A C   1 
ATOM   399  O  O   . ALA A 1 53  ? -11.030 -4.063  -2.688  1.00 9.52  ? 372 ALA A O   1 
ATOM   400  C  CB  . ALA A 1 53  ? -8.127  -5.474  -1.618  1.00 9.95  ? 372 ALA A CB  1 
ATOM   401  N  N   . ILE A 1 54  ? -10.753 -4.468  -0.480  1.00 9.56  ? 373 ILE A N   1 
ATOM   402  C  CA  . ILE A 1 54  ? -11.503 -3.291  0.001   1.00 9.92  ? 373 ILE A CA  1 
ATOM   403  C  C   . ILE A 1 54  ? -10.566 -2.487  0.861   1.00 10.37 ? 373 ILE A C   1 
ATOM   404  O  O   . ILE A 1 54  ? -10.072 -3.035  1.838   1.00 9.89  ? 373 ILE A O   1 
ATOM   405  C  CB  . ILE A 1 54  ? -12.712 -3.705  0.804   1.00 12.85 ? 373 ILE A CB  1 
ATOM   406  C  CG1 . ILE A 1 54  ? -13.666 -4.484  -0.086  1.00 15.23 ? 373 ILE A CG1 1 
ATOM   407  C  CG2 . ILE A 1 54  ? -13.380 -2.482  1.405   1.00 14.29 ? 373 ILE A CG2 1 
ATOM   408  C  CD1 . ILE A 1 54  ? -14.549 -5.350  0.728   1.00 16.60 ? 373 ILE A CD1 1 
ATOM   409  N  N   . LEU A 1 55  ? -10.358 -1.248  0.497   1.00 10.32 ? 374 LEU A N   1 
ATOM   410  C  CA  A LEU A 1 55  ? -9.317  -0.423  1.157   0.50 10.81 ? 374 LEU A CA  1 
ATOM   411  C  CA  B LEU A 1 55  ? -9.313  -0.417  1.143   0.50 10.80 ? 374 LEU A CA  1 
ATOM   412  C  C   . LEU A 1 55  ? -9.993  0.783   1.799   1.00 12.08 ? 374 LEU A C   1 
ATOM   413  O  O   . LEU A 1 55  ? -10.570 1.590   1.076   1.00 12.66 ? 374 LEU A O   1 
ATOM   414  C  CB  A LEU A 1 55  ? -8.286  0.011   0.112   0.50 11.51 ? 374 LEU A CB  1 
ATOM   415  C  CB  B LEU A 1 55  ? -8.320  0.004   0.052   0.50 11.42 ? 374 LEU A CB  1 
ATOM   416  C  CG  A LEU A 1 55  ? -7.207  0.965   0.618   0.50 12.11 ? 374 LEU A CG  1 
ATOM   417  C  CG  B LEU A 1 55  ? -6.996  0.601   0.526   0.50 11.82 ? 374 LEU A CG  1 
ATOM   418  C  CD1 A LEU A 1 55  ? -6.420  0.359   1.774   0.50 12.80 ? 374 LEU A CD1 1 
ATOM   419  C  CD1 B LEU A 1 55  ? -5.890  0.291   -0.463  0.50 12.09 ? 374 LEU A CD1 1 
ATOM   420  C  CD2 A LEU A 1 55  ? -6.278  1.376   -0.505  0.50 12.22 ? 374 LEU A CD2 1 
ATOM   421  C  CD2 B LEU A 1 55  ? -7.117  2.099   0.745   0.50 12.53 ? 374 LEU A CD2 1 
ATOM   422  N  N   . ARG A 1 56  ? -9.899  0.878   3.108   1.00 10.66 ? 375 ARG A N   1 
ATOM   423  C  CA  . ARG A 1 56  ? -10.417 2.069   3.825   1.00 10.79 ? 375 ARG A CA  1 
ATOM   424  C  C   . ARG A 1 56  ? -9.236  2.861   4.328   1.00 10.06 ? 375 ARG A C   1 
ATOM   425  O  O   . ARG A 1 56  ? -8.325  2.235   4.934   1.00 9.95  ? 375 ARG A O   1 
ATOM   426  C  CB  . ARG A 1 56  ? -11.255 1.681   5.037   1.00 13.15 ? 375 ARG A CB  1 
ATOM   427  C  CG  . ARG A 1 56  ? -12.610 1.150   4.650   1.00 17.47 ? 375 ARG A CG  1 
ATOM   428  C  CD  . ARG A 1 56  ? -13.195 0.292   5.712   1.00 22.44 ? 375 ARG A CD  1 
ATOM   429  N  NE  . ARG A 1 56  ? -14.028 -0.547  4.891   1.00 28.02 ? 375 ARG A NE  1 
ATOM   430  C  CZ  . ARG A 1 56  ? -15.207 -1.025  5.242   1.00 35.80 ? 375 ARG A CZ  1 
ATOM   431  N  NH1 . ARG A 1 56  ? -15.676 -0.813  6.459   1.00 42.51 ? 375 ARG A NH1 1 
ATOM   432  N  NH2 . ARG A 1 56  ? -15.905 -1.738  4.376   1.00 34.25 ? 375 ARG A NH2 1 
ATOM   433  N  N   . LYS A 1 57  ? -9.194  4.144   4.035   1.00 10.29 ? 376 LYS A N   1 
ATOM   434  C  CA  . LYS A 1 57  ? -8.004  4.930   4.394   1.00 10.43 ? 376 LYS A CA  1 
ATOM   435  C  C   . LYS A 1 57  ? -8.391  6.342   4.820   1.00 9.99  ? 376 LYS A C   1 
ATOM   436  O  O   . LYS A 1 57  ? -9.559  6.770   4.618   1.00 10.49 ? 376 LYS A O   1 
ATOM   437  C  CB  . LYS A 1 57  ? -6.994  4.962   3.246   1.00 10.48 ? 376 LYS A CB  1 
ATOM   438  C  CG  . LYS A 1 57  ? -7.453  5.727   2.010   1.00 11.73 ? 376 LYS A CG  1 
ATOM   439  C  CD  . LYS A 1 57  ? -6.379  5.921   0.971   1.00 11.29 ? 376 LYS A CD  1 
ATOM   440  C  CE  . LYS A 1 57  ? -5.261  6.844   1.381   1.00 10.51 ? 376 LYS A CE  1 
ATOM   441  N  NZ  . LYS A 1 57  ? -5.590  8.264   1.180   1.00 10.87 ? 376 LYS A NZ  1 
ATOM   442  N  N   . ALA A 1 58  ? -7.461  6.997   5.499   1.00 10.34 ? 377 ALA A N   1 
ATOM   443  C  CA  . ALA A 1 58  ? -7.554  8.427   5.764   1.00 10.78 ? 377 ALA A CA  1 
ATOM   444  C  C   . ALA A 1 58  ? -6.257  9.049   5.260   1.00 10.77 ? 377 ALA A C   1 
ATOM   445  O  O   . ALA A 1 58  ? -5.451  8.430   4.563   1.00 10.09 ? 377 ALA A O   1 
ATOM   446  C  CB  . ALA A 1 58  ? -7.813  8.697   7.220   1.00 11.19 ? 377 ALA A CB  1 
ATOM   447  N  N   . THR A 1 59  ? -6.022  10.283  5.638   1.00 9.80  ? 378 THR A N   1 
ATOM   448  C  CA  . THR A 1 59  ? -4.845  11.018  5.173   1.00 9.81  ? 378 THR A CA  1 
ATOM   449  C  C   . THR A 1 59  ? -3.562  10.307  5.578   1.00 9.24  ? 378 THR A C   1 
ATOM   450  O  O   . THR A 1 59  ? -3.312  10.140  6.772   1.00 9.52  ? 378 THR A O   1 
ATOM   451  C  CB  . THR A 1 59  ? -4.815  12.418  5.767   1.00 9.25  ? 378 THR A CB  1 
ATOM   452  O  OG1 . THR A 1 59  ? -6.086  13.010  5.462   1.00 10.23 ? 378 THR A OG1 1 
ATOM   453  C  CG2 . THR A 1 59  ? -3.683  13.224  5.216   1.00 9.70  ? 378 THR A CG2 1 
ATOM   454  N  N   . ARG A 1 60  ? -2.834  9.819   4.584   1.00 9.70  ? 379 ARG A N   1 
ATOM   455  C  CA  . ARG A 1 60  ? -1.550  9.093   4.751   1.00 10.01 ? 379 ARG A CA  1 
ATOM   456  C  C   . ARG A 1 60  ? -1.719  8.011   5.826   1.00 9.41  ? 379 ARG A C   1 
ATOM   457  O  O   . ARG A 1 60  ? -0.820  7.792   6.637   1.00 8.68  ? 379 ARG A O   1 
ATOM   458  C  CB  . ARG A 1 60  ? -0.434  10.089  5.109   1.00 10.08 ? 379 ARG A CB  1 
ATOM   459  C  CG  . ARG A 1 60  ? -0.296  11.226  4.108   1.00 10.70 ? 379 ARG A CG  1 
ATOM   460  C  CD  . ARG A 1 60  ? 1.056   11.911  4.224   1.00 11.08 ? 379 ARG A CD  1 
ATOM   461  N  NE  . ARG A 1 60  ? 2.151   11.022  3.935   1.00 11.74 ? 379 ARG A NE  1 
ATOM   462  C  CZ  . ARG A 1 60  ? 3.440   11.262  4.176   1.00 11.85 ? 379 ARG A CZ  1 
ATOM   463  N  NH1 . ARG A 1 60  ? 3.853   12.427  4.691   1.00 13.17 ? 379 ARG A NH1 1 
ATOM   464  N  NH2 . ARG A 1 60  ? 4.321   10.320  3.883   1.00 12.52 ? 379 ARG A NH2 1 
ATOM   465  N  N   . ARG A 1 61  ? -2.807  7.250   5.794   1.00 9.68  ? 380 ARG A N   1 
ATOM   466  C  CA  . ARG A 1 61  ? -3.077  6.227   6.805   1.00 11.65 ? 380 ARG A CA  1 
ATOM   467  C  C   . ARG A 1 61  ? -3.959  5.145   6.207   1.00 11.97 ? 380 ARG A C   1 
ATOM   468  O  O   . ARG A 1 61  ? -5.065  5.463   5.743   1.00 11.36 ? 380 ARG A O   1 
ATOM   469  C  CB  . ARG A 1 61  ? -3.751  6.845   8.020   1.00 13.27 ? 380 ARG A CB  1 
ATOM   470  C  CG  . ARG A 1 61  ? -4.073  5.819   9.089   1.00 15.93 ? 380 ARG A CG  1 
ATOM   471  C  CD  . ARG A 1 61  ? -4.990  6.378   10.151  1.00 17.74 ? 380 ARG A CD  1 
ATOM   472  N  NE  . ARG A 1 61  ? -4.271  7.405   10.851  1.00 18.91 ? 380 ARG A NE  1 
ATOM   473  C  CZ  . ARG A 1 61  ? -3.514  7.192   11.924  0.50 18.47 ? 380 ARG A CZ  1 
ATOM   474  N  NH2 . ARG A 1 61  ? -2.887  8.202   12.503  0.50 17.92 ? 380 ARG A NH2 1 
ATOM   475  N  N   . LEU A 1 62  ? -3.473  3.905   6.184   1.00 11.50 ? 381 LEU A N   1 
ATOM   476  C  CA  . LEU A 1 62  ? -4.291  2.718   5.909   1.00 11.98 ? 381 LEU A CA  1 
ATOM   477  C  C   . LEU A 1 62  ? -5.090  2.416   7.184   1.00 12.25 ? 381 LEU A C   1 
ATOM   478  O  O   . LEU A 1 62  ? -4.500  2.302   8.269   1.00 16.03 ? 381 LEU A O   1 
ATOM   479  C  CB  . LEU A 1 62  ? -3.401  1.553   5.448   1.00 13.78 ? 381 LEU A CB  1 
ATOM   480  C  CG  . LEU A 1 62  ? -4.164  0.334   4.908   1.00 16.14 ? 381 LEU A CG  1 
ATOM   481  C  CD1 . LEU A 1 62  ? -3.382  -0.375  3.794   1.00 17.44 ? 381 LEU A CD1 1 
ATOM   482  C  CD2 . LEU A 1 62  ? -4.481  -0.683  5.977   1.00 17.51 ? 381 LEU A CD2 1 
ATOM   483  N  N   . ILE A 1 63  ? -6.406  2.346   7.067   1.00 11.42 ? 382 ILE A N   1 
ATOM   484  C  CA  . ILE A 1 63  ? -7.285  2.022   8.211   1.00 11.08 ? 382 ILE A CA  1 
ATOM   485  C  C   . ILE A 1 63  ? -7.586  0.520   8.135   1.00 11.30 ? 382 ILE A C   1 
ATOM   486  O  O   . ILE A 1 63  ? -7.425  -0.172  9.154   1.00 12.65 ? 382 ILE A O   1 
ATOM   487  C  CB  . ILE A 1 63  ? -8.549  2.898   8.160   1.00 13.43 ? 382 ILE A CB  1 
ATOM   488  C  CG1 . ILE A 1 63  ? -8.190  4.374   8.354   1.00 14.80 ? 382 ILE A CG1 1 
ATOM   489  C  CG2 . ILE A 1 63  ? -9.589  2.436   9.181   1.00 14.70 ? 382 ILE A CG2 1 
ATOM   490  C  CD1 . ILE A 1 63  ? -9.342  5.263   8.371   1.00 15.61 ? 382 ILE A CD1 1 
ATOM   491  N  N   . GLN A 1 64  ? -8.053  0.039   6.984   1.00 10.23 ? 383 GLN A N   1 
ATOM   492  C  CA  . GLN A 1 64  ? -8.361  -1.382  6.851   1.00 10.42 ? 383 GLN A CA  1 
ATOM   493  C  C   . GLN A 1 64  ? -8.112  -1.777  5.406   1.00 9.81  ? 383 GLN A C   1 
ATOM   494  O  O   . GLN A 1 64  ? -8.527  -1.039  4.508   1.00 10.89 ? 383 GLN A O   1 
ATOM   495  C  CB  . GLN A 1 64  ? -9.794  -1.649  7.304   1.00 11.76 ? 383 GLN A CB  1 
ATOM   496  C  CG  . GLN A 1 64  ? -10.183 -3.119  7.266   1.00 14.05 ? 383 GLN A CG  1 
ATOM   497  C  CD  . GLN A 1 64  ? -11.602 -3.258  7.772   1.00 15.84 ? 383 GLN A CD  1 
ATOM   498  O  OE1 . GLN A 1 64  ? -12.528 -2.756  7.147   1.00 22.79 ? 383 GLN A OE1 1 
ATOM   499  N  NE2 . GLN A 1 64  ? -11.759 -3.830  8.955   1.00 17.85 ? 383 GLN A NE2 1 
ATOM   500  N  N   . LEU A 1 65  ? -7.537  -2.940  5.202   1.00 8.62  ? 384 LEU A N   1 
ATOM   501  C  CA  . LEU A 1 65  ? -7.460  -3.594  3.881   1.00 8.61  ? 384 LEU A CA  1 
ATOM   502  C  C   . LEU A 1 65  ? -7.962  -5.009  4.054   1.00 8.62  ? 384 LEU A C   1 
ATOM   503  O  O   . LEU A 1 65  ? -7.334  -5.720  4.841   1.00 9.24  ? 384 LEU A O   1 
ATOM   504  C  CB  . LEU A 1 65  ? -6.034  -3.594  3.315   1.00 8.63  ? 384 LEU A CB  1 
ATOM   505  C  CG  . LEU A 1 65  ? -5.940  -4.138  1.886   1.00 9.33  ? 384 LEU A CG  1 
ATOM   506  C  CD1 . LEU A 1 65  ? -6.469  -3.096  0.894   1.00 9.80  ? 384 LEU A CD1 1 
ATOM   507  C  CD2 . LEU A 1 65  ? -4.535  -4.547  1.491   1.00 10.54 ? 384 LEU A CD2 1 
ATOM   508  N  N   . ILE A 1 66  ? -9.053  -5.369  3.389   1.00 8.32  ? 385 ILE A N   1 
ATOM   509  C  CA  . ILE A 1 66  ? -9.549  -6.752  3.376   1.00 9.28  ? 385 ILE A CA  1 
ATOM   510  C  C   . ILE A 1 66  ? -9.187  -7.277  2.006   1.00 9.72  ? 385 ILE A C   1 
ATOM   511  O  O   . ILE A 1 66  ? -9.573  -6.622  1.031   1.00 8.90  ? 385 ILE A O   1 
ATOM   512  C  CB  . ILE A 1 66  ? -11.049 -6.808  3.628   1.00 9.56  ? 385 ILE A CB  1 
ATOM   513  C  CG1 . ILE A 1 66  ? -11.428 -6.129  4.954   1.00 8.92  ? 385 ILE A CG1 1 
ATOM   514  C  CG2 . ILE A 1 66  ? -11.499 -8.243  3.549   1.00 9.18  ? 385 ILE A CG2 1 
ATOM   515  C  CD1 . ILE A 1 66  ? -10.719 -6.630  6.213   1.00 8.82  ? 385 ILE A CD1 1 
ATOM   516  N  N   . VAL A 1 67  ? -8.467  -8.392  1.911   1.00 10.23 ? 386 VAL A N   1 
ATOM   517  C  CA  A VAL A 1 67  ? -8.028  -8.891  0.576   0.50 10.20 ? 386 VAL A CA  1 
ATOM   518  C  CA  B VAL A 1 67  ? -7.972  -8.911  0.593   0.50 10.44 ? 386 VAL A CA  1 
ATOM   519  C  C   . VAL A 1 67  ? -8.354  -10.378 0.423   1.00 10.59 ? 386 VAL A C   1 
ATOM   520  O  O   . VAL A 1 67  ? -8.207  -11.154 1.385   1.00 9.23  ? 386 VAL A O   1 
ATOM   521  C  CB  A VAL A 1 67  ? -6.547  -8.535  0.356   0.50 10.92 ? 386 VAL A CB  1 
ATOM   522  C  CB  B VAL A 1 67  ? -6.448  -8.751  0.448   0.50 11.56 ? 386 VAL A CB  1 
ATOM   523  C  CG1 A VAL A 1 67  ? -5.679  -8.910  1.549   0.50 10.70 ? 386 VAL A CG1 1 
ATOM   524  C  CG1 B VAL A 1 67  ? -5.938  -9.193  -0.910  0.50 11.54 ? 386 VAL A CG1 1 
ATOM   525  C  CG2 A VAL A 1 67  ? -5.971  -9.065  -0.942  0.50 10.75 ? 386 VAL A CG2 1 
ATOM   526  C  CG2 B VAL A 1 67  ? -5.979  -7.336  0.746   0.50 11.79 ? 386 VAL A CG2 1 
ATOM   527  N  N   . SER A 1 68  ? -8.753  -10.746 -0.774  1.00 10.14 ? 387 SER A N   1 
ATOM   528  C  CA  . SER A 1 68  ? -8.897  -12.168 -1.149  1.00 10.13 ? 387 SER A CA  1 
ATOM   529  C  C   . SER A 1 68  ? -8.059  -12.393 -2.402  1.00 11.86 ? 387 SER A C   1 
ATOM   530  O  O   . SER A 1 68  ? -7.857  -11.450 -3.158  1.00 12.06 ? 387 SER A O   1 
ATOM   531  C  CB  . SER A 1 68  ? -10.345 -12.568 -1.328  1.00 10.63 ? 387 SER A CB  1 
ATOM   532  O  OG  . SER A 1 68  ? -10.958 -11.840 -2.382  1.00 10.82 ? 387 SER A OG  1 
ATOM   533  N  N   . GLY A 1 69  ? -7.550  -13.598 -2.609  1.00 12.06 ? 388 GLY A N   1 
ATOM   534  C  CA  . GLY A 1 69  ? -6.682  -13.792 -3.767  1.00 13.99 ? 388 GLY A CA  1 
ATOM   535  C  C   . GLY A 1 69  ? -6.430  -15.242 -4.070  1.00 14.13 ? 388 GLY A C   1 
ATOM   536  O  O   . GLY A 1 69  ? -6.727  -16.083 -3.282  1.00 15.68 ? 388 GLY A O   1 
ATOM   537  N  N   . ARG A 1 70  ? -5.865  -15.473 -5.236  1.00 15.88 ? 389 ARG A N   1 
ATOM   538  C  CA  . ARG A 1 70  ? -5.568  -16.804 -5.802  1.00 16.32 ? 389 ARG A CA  1 
ATOM   539  C  C   . ARG A 1 70  ? -4.509  -17.518 -4.975  1.00 16.59 ? 389 ARG A C   1 
ATOM   540  O  O   . ARG A 1 70  ? -4.601  -18.744 -4.825  1.00 20.74 ? 389 ARG A O   1 
ATOM   541  C  CB  . ARG A 1 70  ? -5.029  -16.604 -7.212  1.00 16.94 ? 389 ARG A CB  1 
ATOM   542  C  CG  . ARG A 1 70  ? -4.888  -17.902 -7.991  1.00 18.16 ? 389 ARG A CG  1 
ATOM   543  C  CD  . ARG A 1 70  ? -4.359  -17.692 -9.399  1.00 18.86 ? 389 ARG A CD  1 
ATOM   544  N  NE  . ARG A 1 70  ? -2.951  -17.283 -9.383  0.50 17.37 ? 389 ARG A NE  1 
ATOM   545  C  CZ  . ARG A 1 70  ? -2.241  -16.900 -10.441 0.50 17.82 ? 389 ARG A CZ  1 
ATOM   546  N  NH1 . ARG A 1 70  ? -0.976  -16.554 -10.279 0.50 17.73 ? 389 ARG A NH1 1 
ATOM   547  N  NH2 . ARG A 1 70  ? -2.791  -16.817 -11.641 0.50 18.63 ? 389 ARG A NH2 1 
ATOM   548  N  N   . ASP A 1 71  ? -3.486  -16.811 -4.502  1.00 16.80 ? 390 ASP A N   1 
ATOM   549  C  CA  . ASP A 1 71  ? -2.369  -17.453 -3.780  1.00 17.18 ? 390 ASP A CA  1 
ATOM   550  C  C   . ASP A 1 71  ? -1.620  -16.375 -2.990  1.00 16.50 ? 390 ASP A C   1 
ATOM   551  O  O   . ASP A 1 71  ? -1.992  -15.176 -3.164  1.00 14.68 ? 390 ASP A O   1 
ATOM   552  C  CB  . ASP A 1 71  ? -1.498  -18.235 -4.770  1.00 18.13 ? 390 ASP A CB  1 
ATOM   553  C  CG  . ASP A 1 71  ? -1.118  -17.435 -5.996  1.00 20.34 ? 390 ASP A CG  1 
ATOM   554  O  OD1 . ASP A 1 71  ? -0.694  -16.266 -5.825  1.00 21.09 ? 390 ASP A OD1 1 
ATOM   555  O  OD2 . ASP A 1 71  ? -1.194  -17.994 -7.109  1.00 23.41 ? 390 ASP A OD2 1 
ATOM   556  N  N   . GLU A 1 72  ? -0.621  -16.758 -2.185  1.00 18.04 ? 391 GLU A N   1 
ATOM   557  C  CA  . GLU A 1 72  ? 0.096   -15.796 -1.309  1.00 17.48 ? 391 GLU A CA  1 
ATOM   558  C  C   . GLU A 1 72  ? 0.757   -14.722 -2.184  1.00 16.68 ? 391 GLU A C   1 
ATOM   559  O  O   . GLU A 1 72  ? 0.725   -13.565 -1.765  1.00 16.12 ? 391 GLU A O   1 
ATOM   560  C  CB  . GLU A 1 72  ? 1.085   -16.446 -0.324  0.50 18.28 ? 391 GLU A CB  1 
ATOM   561  C  CG  . GLU A 1 72  ? 2.526   -16.540 -0.818  0.50 19.58 ? 391 GLU A CG  1 
ATOM   562  C  CD  . GLU A 1 72  ? 3.642   -16.695 0.219   0.50 21.22 ? 391 GLU A CD  1 
ATOM   563  O  OE1 . GLU A 1 72  ? 3.423   -17.362 1.258   0.50 21.63 ? 391 GLU A OE1 1 
ATOM   564  O  OE2 . GLU A 1 72  ? 4.748   -16.153 -0.034  0.50 22.35 ? 391 GLU A OE2 1 
ATOM   565  N  N   . GLN A 1 73  ? 1.327   -15.069 -3.339  1.00 17.88 ? 392 GLN A N   1 
ATOM   566  C  CA  . GLN A 1 73  ? 1.998   -14.054 -4.198  1.00 17.29 ? 392 GLN A CA  1 
ATOM   567  C  C   . GLN A 1 73  ? 0.994   -13.023 -4.714  1.00 15.23 ? 392 GLN A C   1 
ATOM   568  O  O   . GLN A 1 73  ? 1.331   -11.849 -4.772  1.00 13.94 ? 392 GLN A O   1 
ATOM   569  C  CB  . GLN A 1 73  ? 2.798   -14.693 -5.329  1.00 19.49 ? 392 GLN A CB  1 
ATOM   570  C  CG  . GLN A 1 73  ? 4.077   -15.360 -4.834  0.50 21.12 ? 392 GLN A CG  1 
ATOM   571  C  CD  . GLN A 1 73  ? 5.195   -14.400 -4.505  0.50 20.95 ? 392 GLN A CD  1 
ATOM   572  O  OE1 . GLN A 1 73  ? 5.204   -13.246 -4.938  0.50 23.29 ? 392 GLN A OE1 1 
ATOM   573  N  NE2 . GLN A 1 73  ? 6.197   -14.894 -3.790  0.50 23.11 ? 392 GLN A NE2 1 
ATOM   574  N  N   . SER A 1 74  ? -0.208  -13.444 -5.098  1.00 13.40 ? 393 SER A N   1 
ATOM   575  C  CA  . SER A 1 74  ? -1.267  -12.539 -5.612  1.00 14.02 ? 393 SER A CA  1 
ATOM   576  C  C   . SER A 1 74  ? -1.739  -11.617 -4.479  1.00 12.73 ? 393 SER A C   1 
ATOM   577  O  O   . SER A 1 74  ? -1.990  -10.444 -4.731  1.00 11.84 ? 393 SER A O   1 
ATOM   578  C  CB  . SER A 1 74  ? -2.393  -13.331 -6.190  1.00 15.70 ? 393 SER A CB  1 
ATOM   579  O  OG  . SER A 1 74  ? -1.936  -14.007 -7.362  1.00 19.06 ? 393 SER A OG  1 
ATOM   580  N  N   . ILE A 1 75  ? -1.951  -12.170 -3.313  1.00 12.38 ? 394 ILE A N   1 
ATOM   581  C  CA  . ILE A 1 75  ? -2.328  -11.365 -2.115  1.00 11.80 ? 394 ILE A CA  1 
ATOM   582  C  C   . ILE A 1 75  ? -1.210  -10.364 -1.783  1.00 11.76 ? 394 ILE A C   1 
ATOM   583  O  O   . ILE A 1 75  ? -1.492  -9.148  -1.568  1.00 11.18 ? 394 ILE A O   1 
ATOM   584  C  CB  . ILE A 1 75  ? -2.663  -12.273 -0.925  1.00 13.23 ? 394 ILE A CB  1 
ATOM   585  C  CG1 . ILE A 1 75  ? -3.980  -13.000 -1.161  1.00 15.03 ? 394 ILE A CG1 1 
ATOM   586  C  CG2 . ILE A 1 75  ? -2.651  -11.460 0.364   1.00 12.25 ? 394 ILE A CG2 1 
ATOM   587  C  CD1 . ILE A 1 75  ? -4.074  -14.292 -0.413  1.00 16.22 ? 394 ILE A CD1 1 
ATOM   588  N  N   . ALA A 1 76  ? 0.040   -10.801 -1.789  1.00 10.85 ? 395 ALA A N   1 
ATOM   589  C  CA  . ALA A 1 76  ? 1.159   -9.873  -1.489  1.00 10.40 ? 395 ALA A CA  1 
ATOM   590  C  C   . ALA A 1 76  ? 1.193   -8.744  -2.522  1.00 11.64 ? 395 ALA A C   1 
ATOM   591  O  O   . ALA A 1 76  ? 1.437   -7.614  -2.147  1.00 10.31 ? 395 ALA A O   1 
ATOM   592  C  CB  . ALA A 1 76  ? 2.488   -10.557 -1.429  1.00 11.86 ? 395 ALA A CB  1 
ATOM   593  N  N   . GLU A 1 77  ? 0.865   -9.034  -3.777  1.00 11.81 ? 396 GLU A N   1 
ATOM   594  C  CA  . GLU A 1 77  ? 0.893   -8.025  -4.858  1.00 12.36 ? 396 GLU A CA  1 
ATOM   595  C  C   . GLU A 1 77  ? -0.137  -6.939  -4.514  1.00 12.45 ? 396 GLU A C   1 
ATOM   596  O  O   . GLU A 1 77  ? 0.165   -5.741  -4.595  1.00 11.93 ? 396 GLU A O   1 
ATOM   597  C  CB  . GLU A 1 77  ? 0.731   -8.773  -6.179  1.00 15.22 ? 396 GLU A CB  1 
ATOM   598  C  CG  . GLU A 1 77  ? 0.887   -7.912  -7.393  1.00 18.07 ? 396 GLU A CG  1 
ATOM   599  C  CD  . GLU A 1 77  ? 0.245   -8.438  -8.670  1.00 18.90 ? 396 GLU A CD  1 
ATOM   600  O  OE1 . GLU A 1 77  ? 0.100   -7.625  -9.610  1.00 23.71 ? 396 GLU A OE1 1 
ATOM   601  O  OE2 . GLU A 1 77  ? -0.087  -9.652  -8.723  1.00 17.94 ? 396 GLU A OE2 1 
ATOM   602  N  N   . ALA A 1 78  ? -1.321  -7.327  -4.080  1.00 10.48 ? 397 ALA A N   1 
ATOM   603  C  CA  . ALA A 1 78  ? -2.402  -6.399  -3.687  1.00 10.51 ? 397 ALA A CA  1 
ATOM   604  C  C   . ALA A 1 78  ? -1.985  -5.587  -2.458  1.00 9.91  ? 397 ALA A C   1 
ATOM   605  O  O   . ALA A 1 78  ? -2.217  -4.353  -2.410  1.00 10.71 ? 397 ALA A O   1 
ATOM   606  C  CB  . ALA A 1 78  ? -3.677  -7.143  -3.441  1.00 10.52 ? 397 ALA A CB  1 
ATOM   607  N  N   . ILE A 1 79  ? -1.356  -6.251  -1.500  1.00 9.56  ? 398 ILE A N   1 
ATOM   608  C  CA  . ILE A 1 79  ? -0.937  -5.560  -0.253  1.00 9.52  ? 398 ILE A CA  1 
ATOM   609  C  C   . ILE A 1 79  ? 0.124   -4.481  -0.559  1.00 9.04  ? 398 ILE A C   1 
ATOM   610  O  O   . ILE A 1 79  ? -0.007  -3.350  -0.052  1.00 9.42  ? 398 ILE A O   1 
ATOM   611  C  CB  . ILE A 1 79  ? -0.462  -6.598  0.782   1.00 9.80  ? 398 ILE A CB  1 
ATOM   612  C  CG1 . ILE A 1 79  ? -1.632  -7.460  1.251   1.00 10.28 ? 398 ILE A CG1 1 
ATOM   613  C  CG2 . ILE A 1 79  ? 0.205   -5.862  1.929   1.00 10.82 ? 398 ILE A CG2 1 
ATOM   614  C  CD1 . ILE A 1 79  ? -1.189  -8.612  2.099   1.00 10.27 ? 398 ILE A CD1 1 
ATOM   615  N  N   . ILE A 1 80  ? 1.131   -4.747  -1.389  1.00 8.12  ? 399 ILE A N   1 
ATOM   616  C  CA  . ILE A 1 80  ? 2.154   -3.764  -1.824  1.00 8.93  ? 399 ILE A CA  1 
ATOM   617  C  C   . ILE A 1 80  ? 1.454   -2.543  -2.413  1.00 8.18  ? 399 ILE A C   1 
ATOM   618  O  O   . ILE A 1 80  ? 1.775   -1.434  -2.074  1.00 7.87  ? 399 ILE A O   1 
ATOM   619  C  CB  . ILE A 1 80  ? 3.161   -4.386  -2.797  1.00 9.58  ? 399 ILE A CB  1 
ATOM   620  C  CG1 . ILE A 1 80  ? 3.931   -5.505  -2.106  1.00 10.27 ? 399 ILE A CG1 1 
ATOM   621  C  CG2 . ILE A 1 80  ? 4.079   -3.316  -3.364  1.00 9.35  ? 399 ILE A CG2 1 
ATOM   622  C  CD1 . ILE A 1 80  ? 4.700   -6.325  -3.077  1.00 11.10 ? 399 ILE A CD1 1 
ATOM   623  N  N   . VAL A 1 81  ? 0.531   -2.763  -3.343  1.00 8.32  ? 400 VAL A N   1 
ATOM   624  C  CA  . VAL A 1 81  ? -0.142  -1.612  -3.999  1.00 7.75  ? 400 VAL A CA  1 
ATOM   625  C  C   . VAL A 1 81  ? -0.878  -0.770  -2.968  1.00 7.46  ? 400 VAL A C   1 
ATOM   626  O  O   . VAL A 1 81  ? -0.847  0.447   -3.038  1.00 7.71  ? 400 VAL A O   1 
ATOM   627  C  CB  . VAL A 1 81  ? -1.051  -2.115  -5.123  1.00 7.65  ? 400 VAL A CB  1 
ATOM   628  C  CG1 . VAL A 1 81  ? -1.843  -0.965  -5.701  1.00 7.53  ? 400 VAL A CG1 1 
ATOM   629  C  CG2 . VAL A 1 81  ? -0.229  -2.830  -6.166  1.00 8.15  ? 400 VAL A CG2 1 
ATOM   630  N  N   . ALA A 1 82  ? -1.616  -1.424  -2.092  1.00 7.47  ? 401 ALA A N   1 
ATOM   631  C  CA  . ALA A 1 82  ? -2.416  -0.742  -1.076  1.00 8.06  ? 401 ALA A CA  1 
ATOM   632  C  C   . ALA A 1 82  ? -1.462  0.033   -0.157  1.00 8.01  ? 401 ALA A C   1 
ATOM   633  O  O   . ALA A 1 82  ? -1.809  1.143   0.223   1.00 8.12  ? 401 ALA A O   1 
ATOM   634  C  CB  . ALA A 1 82  ? -3.242  -1.771  -0.357  1.00 8.35  ? 401 ALA A CB  1 
ATOM   635  N  N   . MET A 1 83  ? -0.332  -0.549  0.238   1.00 7.76  ? 402 MET A N   1 
ATOM   636  C  CA  . MET A 1 83  ? 0.590   0.142   1.175   1.00 8.04  ? 402 MET A CA  1 
ATOM   637  C  C   . MET A 1 83  ? 1.127   1.384   0.464   1.00 7.07  ? 402 MET A C   1 
ATOM   638  O  O   . MET A 1 83  ? 1.252   2.472   1.065   1.00 7.61  ? 402 MET A O   1 
ATOM   639  C  CB  . MET A 1 83  ? 1.742   -0.756  1.562   1.00 8.84  ? 402 MET A CB  1 
ATOM   640  C  CG  . MET A 1 83  ? 1.376   -1.778  2.600   1.00 8.70  ? 402 MET A CG  1 
ATOM   641  S  SD  . MET A 1 83  ? 2.711   -2.946  2.889   1.00 10.64 ? 402 MET A SD  1 
ATOM   642  C  CE  . MET A 1 83  ? 2.062   -3.956  4.224   1.00 10.36 ? 402 MET A CE  1 
ATOM   643  N  N   . VAL A 1 84  ? 1.434   1.292   -0.817  1.00 7.24  ? 403 VAL A N   1 
ATOM   644  C  CA  . VAL A 1 84  ? 1.917   2.506   -1.536  1.00 7.25  ? 403 VAL A CA  1 
ATOM   645  C  C   . VAL A 1 84  ? 0.788   3.515   -1.633  1.00 7.82  ? 403 VAL A C   1 
ATOM   646  O  O   . VAL A 1 84  ? 0.991   4.689   -1.397  1.00 7.20  ? 403 VAL A O   1 
ATOM   647  C  CB  . VAL A 1 84  ? 2.509   2.149   -2.907  1.00 8.20  ? 403 VAL A CB  1 
ATOM   648  C  CG1 . VAL A 1 84  ? 2.842   3.388   -3.730  1.00 8.03  ? 403 VAL A CG1 1 
ATOM   649  C  CG2 . VAL A 1 84  ? 3.723   1.255   -2.759  1.00 8.59  ? 403 VAL A CG2 1 
ATOM   650  N  N   . PHE A 1 85  ? -0.386  3.063   -2.017  1.00 7.95  ? 404 PHE A N   1 
ATOM   651  C  CA  . PHE A 1 85  ? -1.551  3.953   -2.242  1.00 8.48  ? 404 PHE A CA  1 
ATOM   652  C  C   . PHE A 1 85  ? -1.927  4.696   -0.952  1.00 8.52  ? 404 PHE A C   1 
ATOM   653  O  O   . PHE A 1 85  ? -2.442  5.847   -0.957  1.00 9.05  ? 404 PHE A O   1 
ATOM   654  C  CB  . PHE A 1 85  ? -2.697  3.116   -2.796  1.00 9.13  ? 404 PHE A CB  1 
ATOM   655  C  CG  . PHE A 1 85  ? -3.935  3.891   -3.168  1.00 8.84  ? 404 PHE A CG  1 
ATOM   656  C  CD1 . PHE A 1 85  ? -3.995  4.540   -4.391  1.00 9.13  ? 404 PHE A CD1 1 
ATOM   657  C  CD2 . PHE A 1 85  ? -4.963  4.080   -2.257  1.00 7.82  ? 404 PHE A CD2 1 
ATOM   658  C  CE1 . PHE A 1 85  ? -5.140  5.273   -4.733  1.00 9.11  ? 404 PHE A CE1 1 
ATOM   659  C  CE2 . PHE A 1 85  ? -6.073  4.820   -2.595  1.00 8.88  ? 404 PHE A CE2 1 
ATOM   660  C  CZ  . PHE A 1 85  ? -6.173  5.393   -3.842  1.00 8.69  ? 404 PHE A CZ  1 
ATOM   661  N  N   . SER A 1 86  ? -1.681  4.063   0.192   1.00 8.16  ? 405 SER A N   1 
ATOM   662  C  CA  . SER A 1 86  ? -1.926  4.653   1.520   1.00 8.14  ? 405 SER A CA  1 
ATOM   663  C  C   . SER A 1 86  ? -1.146  5.955   1.702   1.00 8.02  ? 405 SER A C   1 
ATOM   664  O  O   . SER A 1 86  ? -1.590  6.768   2.544   1.00 9.51  ? 405 SER A O   1 
ATOM   665  C  CB  . SER A 1 86  ? -1.570  3.704   2.615   1.00 8.26  ? 405 SER A CB  1 
ATOM   666  O  OG  . SER A 1 86  ? -0.183  3.643   2.868   1.00 7.98  ? 405 SER A OG  1 
ATOM   667  N  N   . GLN A 1 87  ? 0.009   6.093   1.055   1.00 8.16  ? 406 GLN A N   1 
ATOM   668  C  CA  . GLN A 1 87  ? 0.954   7.250   1.222   1.00 8.10  ? 406 GLN A CA  1 
ATOM   669  C  C   . GLN A 1 87  ? 1.485   7.305   2.652   1.00 9.59  ? 406 GLN A C   1 
ATOM   670  O  O   . GLN A 1 87  ? 1.983   8.376   3.063   1.00 8.76  ? 406 GLN A O   1 
ATOM   671  C  CB  . GLN A 1 87  ? 0.270   8.547   0.812   1.00 8.80  ? 406 GLN A CB  1 
ATOM   672  C  CG  . GLN A 1 87  ? -0.252  8.507   -0.597  1.00 8.73  ? 406 GLN A CG  1 
ATOM   673  C  CD  . GLN A 1 87  ? -0.839  9.822   -1.060  1.00 9.36  ? 406 GLN A CD  1 
ATOM   674  O  OE1 . GLN A 1 87  ? -1.672  10.429  -0.390  1.00 9.64  ? 406 GLN A OE1 1 
ATOM   675  N  NE2 . GLN A 1 87  ? -0.447  10.247  -2.237  1.00 9.94  ? 406 GLN A NE2 1 
ATOM   676  N  N   . GLU A 1 88  ? 1.455   6.201   3.390   1.00 9.15  ? 407 GLU A N   1 
ATOM   677  C  CA  . GLU A 1 88  ? 1.951   6.194   4.786   1.00 9.30  ? 407 GLU A CA  1 
ATOM   678  C  C   . GLU A 1 88  ? 3.434   6.564   4.831   1.00 9.76  ? 407 GLU A C   1 
ATOM   679  O  O   . GLU A 1 88  ? 4.228   6.184   3.942   1.00 8.56  ? 407 GLU A O   1 
ATOM   680  C  CB  . GLU A 1 88  ? 1.752   4.846   5.463   1.00 10.01 ? 407 GLU A CB  1 
ATOM   681  C  CG  . GLU A 1 88  ? 0.354   4.688   5.924   1.00 10.46 ? 407 GLU A CG  1 
ATOM   682  C  CD  . GLU A 1 88  ? 0.145   3.953   7.228   1.00 12.22 ? 407 GLU A CD  1 
ATOM   683  O  OE1 . GLU A 1 88  ? -0.972  3.432   7.397   1.00 11.93 ? 407 GLU A OE1 1 
ATOM   684  O  OE2 . GLU A 1 88  ? 1.083   3.868   8.066   1.00 13.99 ? 407 GLU A OE2 1 
ATOM   685  N  N   . ASP A 1 89  ? 3.824   7.261   5.893   1.00 11.11 ? 408 ASP A N   1 
ATOM   686  C  CA  . ASP A 1 89  ? 5.229   7.641   6.171   1.00 11.94 ? 408 ASP A CA  1 
ATOM   687  C  C   . ASP A 1 89  ? 6.084   6.379   6.254   1.00 10.84 ? 408 ASP A C   1 
ATOM   688  O  O   . ASP A 1 89  ? 7.214   6.430   5.805   1.00 10.38 ? 408 ASP A O   1 
ATOM   689  C  CB  . ASP A 1 89  ? 5.285   8.452   7.460   1.00 14.53 ? 408 ASP A CB  1 
ATOM   690  C  CG  . ASP A 1 89  ? 6.679   8.914   7.844   1.00 17.38 ? 408 ASP A CG  1 
ATOM   691  O  OD1 . ASP A 1 89  ? 7.268   9.655   7.055   1.00 20.43 ? 408 ASP A OD1 1 
ATOM   692  O  OD2 . ASP A 1 89  ? 7.180   8.436   8.885   1.00 20.63 ? 408 ASP A OD2 1 
ATOM   693  N  N   . CYS A 1 90  ? 5.603   5.302   6.877   1.00 10.14 ? 409 CYS A N   1 
ATOM   694  C  CA  . CYS A 1 90  ? 6.474   4.105   7.040   1.00 10.79 ? 409 CYS A CA  1 
ATOM   695  C  C   . CYS A 1 90  ? 6.769   3.511   5.667   1.00 9.31  ? 409 CYS A C   1 
ATOM   696  O  O   . CYS A 1 90  ? 7.784   2.852   5.537   1.00 9.87  ? 409 CYS A O   1 
ATOM   697  C  CB  . CYS A 1 90  ? 5.913   3.035   7.957   1.00 10.87 ? 409 CYS A CB  1 
ATOM   698  S  SG  . CYS A 1 90  ? 4.315   2.397   7.408   1.00 13.94 ? 409 CYS A SG  1 
ATOM   699  N  N   . MET A 1 91  ? 5.866   3.671   4.679   1.00 9.15  ? 410 MET A N   1 
ATOM   700  C  CA  . MET A 1 91  ? 6.148   3.210   3.292   1.00 8.33  ? 410 MET A CA  1 
ATOM   701  C  C   . MET A 1 91  ? 7.213   4.145   2.694   1.00 7.77  ? 410 MET A C   1 
ATOM   702  O  O   . MET A 1 91  ? 8.172   3.659   2.103   1.00 8.08  ? 410 MET A O   1 
ATOM   703  C  CB  . MET A 1 91  ? 4.837   3.176   2.489   1.00 8.50  ? 410 MET A CB  1 
ATOM   704  C  CG  . MET A 1 91  ? 4.965   2.811   1.015   1.00 8.38  ? 410 MET A CG  1 
ATOM   705  S  SD  . MET A 1 91  ? 5.319   4.224   -0.002  1.00 9.15  ? 410 MET A SD  1 
ATOM   706  C  CE  . MET A 1 91  ? 3.860   5.233   0.282   1.00 9.32  ? 410 MET A CE  1 
ATOM   707  N  N   . ILE A 1 92  ? 7.050   5.461   2.840   1.00 8.20  ? 411 ILE A N   1 
ATOM   708  C  CA  . ILE A 1 92  ? 8.048   6.440   2.278   1.00 8.73  ? 411 ILE A CA  1 
ATOM   709  C  C   . ILE A 1 92  ? 9.425   6.140   2.873   1.00 8.98  ? 411 ILE A C   1 
ATOM   710  O  O   . ILE A 1 92  ? 10.426  6.104   2.133   1.00 8.04  ? 411 ILE A O   1 
ATOM   711  C  CB  . ILE A 1 92  ? 7.618   7.890   2.561   1.00 9.32  ? 411 ILE A CB  1 
ATOM   712  C  CG1 . ILE A 1 92  ? 6.325   8.259   1.809   1.00 9.72  ? 411 ILE A CG1 1 
ATOM   713  C  CG2 . ILE A 1 92  ? 8.754   8.875   2.296   1.00 9.65  ? 411 ILE A CG2 1 
ATOM   714  C  CD1 . ILE A 1 92  ? 6.375   8.078   0.325   1.00 10.59 ? 411 ILE A CD1 1 
ATOM   715  N  N   . LYS A 1 93  ? 9.483   5.885   4.178   1.00 9.45  ? 412 LYS A N   1 
ATOM   716  C  CA  A LYS A 1 93  ? 10.758  5.667   4.903   0.50 10.80 ? 412 LYS A CA  1 
ATOM   717  C  CA  B LYS A 1 93  ? 10.773  5.679   4.873   0.50 10.14 ? 412 LYS A CA  1 
ATOM   718  C  C   . LYS A 1 93  ? 11.348  4.292   4.576   1.00 10.22 ? 412 LYS A C   1 
ATOM   719  O  O   . LYS A 1 93  ? 12.514  4.069   4.881   1.00 10.63 ? 412 LYS A O   1 
ATOM   720  C  CB  A LYS A 1 93  ? 10.565  5.789   6.415   0.50 11.90 ? 412 LYS A CB  1 
ATOM   721  C  CB  B LYS A 1 93  ? 10.610  5.920   6.371   0.50 10.25 ? 412 LYS A CB  1 
ATOM   722  C  CG  A LYS A 1 93  ? 10.210  7.166   6.959   0.50 13.94 ? 412 LYS A CG  1 
ATOM   723  C  CG  B LYS A 1 93  ? 10.295  7.357   6.766   0.50 11.02 ? 412 LYS A CG  1 
ATOM   724  C  CD  A LYS A 1 93  ? 10.678  8.318   6.144   0.50 15.80 ? 412 LYS A CD  1 
ATOM   725  C  CD  B LYS A 1 93  ? 11.193  8.398   6.156   0.50 12.04 ? 412 LYS A CD  1 
ATOM   726  C  CE  A LYS A 1 93  ? 10.567  9.621   6.901   0.50 16.46 ? 412 LYS A CE  1 
ATOM   727  C  CE  B LYS A 1 93  ? 10.838  9.786   6.643   0.50 12.24 ? 412 LYS A CE  1 
ATOM   728  N  NZ  A LYS A 1 93  ? 11.319  9.559   8.176   0.50 16.07 ? 412 LYS A NZ  1 
ATOM   729  N  NZ  B LYS A 1 93  ? 10.062  10.592  5.672   0.50 11.19 ? 412 LYS A NZ  1 
ATOM   730  N  N   . ALA A 1 94  ? 10.582  3.400   3.958   1.00 9.95  ? 413 ALA A N   1 
ATOM   731  C  CA  . ALA A 1 94  ? 11.081  2.043   3.639   1.00 9.01  ? 413 ALA A CA  1 
ATOM   732  C  C   . ALA A 1 94  ? 11.893  1.987   2.332   1.00 8.83  ? 413 ALA A C   1 
ATOM   733  O  O   . ALA A 1 94  ? 12.459  0.923   2.013   1.00 9.64  ? 413 ALA A O   1 
ATOM   734  C  CB  . ALA A 1 94  ? 9.939   1.070   3.621   1.00 8.84  ? 413 ALA A CB  1 
ATOM   735  N  N   . VAL A 1 95  ? 11.915  3.061   1.546   1.00 8.68  ? 414 VAL A N   1 
ATOM   736  C  CA  . VAL A 1 95  ? 12.734  3.121   0.314   1.00 9.42  ? 414 VAL A CA  1 
ATOM   737  C  C   . VAL A 1 95  ? 14.204  2.961   0.707   1.00 9.83  ? 414 VAL A C   1 
ATOM   738  O  O   . VAL A 1 95  ? 14.679  3.604   1.696   1.00 11.59 ? 414 VAL A O   1 
ATOM   739  C  CB  . VAL A 1 95  ? 12.464  4.443   -0.452  1.00 9.62  ? 414 VAL A CB  1 
ATOM   740  C  CG1 . VAL A 1 95  ? 13.383  4.644   -1.654  1.00 9.88  ? 414 VAL A CG1 1 
ATOM   741  C  CG2 . VAL A 1 95  ? 11.024  4.506   -0.915  1.00 9.28  ? 414 VAL A CG2 1 
ATOM   742  N  N   . ARG A 1 96  ? 14.910  2.123   -0.043  1.00 10.18 ? 415 ARG A N   1 
ATOM   743  C  CA  . ARG A 1 96  ? 16.333  1.784   0.208   1.00 11.82 ? 415 ARG A CA  1 
ATOM   744  C  C   . ARG A 1 96  ? 17.096  1.745   -1.102  1.00 11.60 ? 415 ARG A C   1 
ATOM   745  O  O   . ARG A 1 96  ? 16.473  1.561   -2.168  1.00 12.97 ? 415 ARG A O   1 
ATOM   746  C  CB  . ARG A 1 96  ? 16.459  0.361   0.744   1.00 12.08 ? 415 ARG A CB  1 
ATOM   747  C  CG  . ARG A 1 96  ? 15.867  0.144   2.127   1.00 12.59 ? 415 ARG A CG  1 
ATOM   748  C  CD  . ARG A 1 96  ? 16.756  0.722   3.237   1.00 12.50 ? 415 ARG A CD  1 
ATOM   749  N  NE  . ARG A 1 96  ? 16.145  0.630   4.552   1.00 12.56 ? 415 ARG A NE  1 
ATOM   750  C  CZ  . ARG A 1 96  ? 15.204  1.461   5.046   1.00 13.28 ? 415 ARG A CZ  1 
ATOM   751  N  NH1 . ARG A 1 96  ? 14.794  2.526   4.371   1.00 11.81 ? 415 ARG A NH1 1 
ATOM   752  N  NH2 . ARG A 1 96  ? 14.661  1.207   6.224   1.00 14.47 ? 415 ARG A NH2 1 
ATOM   753  N  N   . GLY A 1 97  ? 18.404  1.939   -1.041  1.00 10.81 ? 416 GLY A N   1 
ATOM   754  C  CA  . GLY A 1 97  ? 19.244  1.515   -2.171  1.00 11.74 ? 416 GLY A CA  1 
ATOM   755  C  C   . GLY A 1 97  ? 19.646  2.676   -3.042  1.00 11.33 ? 416 GLY A C   1 
ATOM   756  O  O   . GLY A 1 97  ? 19.733  3.790   -2.555  1.00 9.90  ? 416 GLY A O   1 
ATOM   757  N  N   . ASP A 1 98  ? 19.824  2.393   -4.321  1.00 12.58 ? 417 ASP A N   1 
ATOM   758  C  CA  . ASP A 1 98  ? 20.275  3.331   -5.385  1.00 13.61 ? 417 ASP A CA  1 
ATOM   759  C  C   . ASP A 1 98  ? 19.362  4.561   -5.348  1.00 13.24 ? 417 ASP A C   1 
ATOM   760  O  O   . ASP A 1 98  ? 18.162  4.433   -5.130  1.00 11.38 ? 417 ASP A O   1 
ATOM   761  C  CB  . ASP A 1 98  ? 20.242  2.629   -6.753  1.00 16.43 ? 417 ASP A CB  1 
ATOM   762  C  CG  . ASP A 1 98  ? 20.880  3.445   -7.864  0.50 18.66 ? 417 ASP A CG  1 
ATOM   763  O  OD1 . ASP A 1 98  ? 22.067  3.808   -7.718  0.50 21.13 ? 417 ASP A OD1 1 
ATOM   764  O  OD2 . ASP A 1 98  ? 20.175  3.768   -8.835  0.50 25.73 ? 417 ASP A OD2 1 
ATOM   765  N  N   . LEU A 1 99  ? 19.919  5.745   -5.567  1.00 11.14 ? 418 LEU A N   1 
ATOM   766  C  CA  . LEU A 1 99  ? 19.100  6.970   -5.655  1.00 11.59 ? 418 LEU A CA  1 
ATOM   767  C  C   . LEU A 1 99  ? 18.487  7.064   -7.042  1.00 11.41 ? 418 LEU A C   1 
ATOM   768  O  O   . LEU A 1 99  ? 18.901  7.898   -7.810  1.00 12.24 ? 418 LEU A O   1 
ATOM   769  C  CB  . LEU A 1 99  ? 19.991  8.160   -5.318  1.00 11.02 ? 418 LEU A CB  1 
ATOM   770  C  CG  . LEU A 1 99  ? 20.760  8.036   -4.010  1.00 11.43 ? 418 LEU A CG  1 
ATOM   771  C  CD1 . LEU A 1 99  ? 21.837  9.142   -3.899  1.00 11.85 ? 418 LEU A CD1 1 
ATOM   772  C  CD2 . LEU A 1 99  ? 19.804  8.062   -2.851  1.00 11.88 ? 418 LEU A CD2 1 
ATOM   773  N  N   . ASN A 1 100 ? 17.490  6.236   -7.342  1.00 12.49 ? 419 ASN A N   1 
ATOM   774  C  CA  . ASN A 1 100 ? 17.047  6.148   -8.745  1.00 14.83 ? 419 ASN A CA  1 
ATOM   775  C  C   . ASN A 1 100 ? 15.750  6.926   -8.944  1.00 15.44 ? 419 ASN A C   1 
ATOM   776  O  O   . ASN A 1 100 ? 15.190  6.809   -9.998  1.00 18.55 ? 419 ASN A O   1 
ATOM   777  C  CB  . ASN A 1 100 ? 17.052  4.717   -9.263  1.00 19.35 ? 419 ASN A CB  1 
ATOM   778  C  CG  . ASN A 1 100 ? 16.217  3.806   -8.411  1.00 22.26 ? 419 ASN A CG  1 
ATOM   779  O  OD1 . ASN A 1 100 ? 15.274  4.257   -7.755  1.00 24.94 ? 419 ASN A OD1 1 
ATOM   780  N  ND2 . ASN A 1 100 ? 16.556  2.532   -8.412  1.00 22.31 ? 419 ASN A ND2 1 
ATOM   781  N  N   . PHE A 1 101 ? 15.313  7.749   -7.992  1.00 13.73 ? 420 PHE A N   1 
ATOM   782  C  CA  . PHE A 1 101 ? 14.248  8.746   -8.238  1.00 15.23 ? 420 PHE A CA  1 
ATOM   783  C  C   . PHE A 1 101 ? 14.921  10.017  -8.718  1.00 17.72 ? 420 PHE A C   1 
ATOM   784  O  O   . PHE A 1 101 ? 14.249  10.755  -9.439  1.00 24.22 ? 420 PHE A O   1 
ATOM   785  C  CB  . PHE A 1 101 ? 13.400  8.998   -6.991  1.00 12.88 ? 420 PHE A CB  1 
ATOM   786  C  CG  . PHE A 1 101 ? 12.722  7.795   -6.380  1.00 12.55 ? 420 PHE A CG  1 
ATOM   787  C  CD1 . PHE A 1 101 ? 12.465  6.654   -7.110  1.00 14.07 ? 420 PHE A CD1 1 
ATOM   788  C  CD2 . PHE A 1 101 ? 12.263  7.863   -5.069  1.00 12.62 ? 420 PHE A CD2 1 
ATOM   789  C  CE1 . PHE A 1 101 ? 11.807  5.583   -6.533  1.00 11.61 ? 420 PHE A CE1 1 
ATOM   790  C  CE2 . PHE A 1 101 ? 11.678  6.760   -4.473  1.00 12.34 ? 420 PHE A CE2 1 
ATOM   791  C  CZ  . PHE A 1 101 ? 11.402  5.647   -5.220  1.00 11.47 ? 420 PHE A CZ  1 
ATOM   792  N  N   . VAL A 1 102 ? 16.163  10.242  -8.242  1.00 21.66 ? 421 VAL A N   1 
ATOM   793  C  CA  . VAL A 1 102 ? 17.077  11.394  -8.520  1.00 24.22 ? 421 VAL A CA  1 
ATOM   794  C  C   . VAL A 1 102 ? 17.709  11.206  -9.904  1.00 24.48 ? 421 VAL A C   1 
ATOM   795  O  O   . VAL A 1 102 ? 17.857  12.253  -10.580 1.00 26.55 ? 421 VAL A O   1 
ATOM   796  C  CB  . VAL A 1 102 ? 18.158  11.504  -7.421  1.00 24.41 ? 421 VAL A CB  1 
ATOM   797  C  CG1 . VAL A 1 102 ? 19.306  12.432  -7.797  1.00 25.11 ? 421 VAL A CG1 1 
ATOM   798  C  CG2 . VAL A 1 102 ? 17.556  11.931  -6.092  1.00 25.63 ? 421 VAL A CG2 1 
ATOM   799  N  N   . ASN A 1 103 ? 18.134  9.973   -10.256 0.50 24.57 ? 422 ASN A N   1 
ATOM   800  C  CA  A ASN A 1 103 ? 18.701  9.540   -11.498 0.25 24.77 ? 422 ASN A CA  1 
ATOM   801  C  CA  B ASN A 1 103 ? 18.817  9.641   -11.542 0.25 25.33 ? 422 ASN A CA  1 
ATOM   802  C  C   . ASN A 1 103 ? 17.858  9.883   -12.712 0.50 27.00 ? 422 ASN A C   1 
ATOM   803  O  O   . ASN A 1 103 ? 18.339  9.995   -13.851 0.50 26.70 ? 422 ASN A O   1 
ATOM   804  C  CB  A ASN A 1 103 ? 19.086  8.057   -11.510 0.25 24.07 ? 422 ASN A CB  1 
ATOM   805  C  CB  B ASN A 1 103 ? 19.382  8.216   -11.585 0.25 24.58 ? 422 ASN A CB  1 
ATOM   806  C  CG  A ASN A 1 103 ? 19.965  7.665   -10.341 0.25 23.94 ? 422 ASN A CG  1 
ATOM   807  C  CG  B ASN A 1 103 ? 19.991  7.870   -12.932 0.25 25.35 ? 422 ASN A CG  1 
ATOM   808  O  OD1 A ASN A 1 103 ? 20.577  8.519   -9.705  0.25 25.20 ? 422 ASN A OD1 1 
ATOM   809  O  OD1 B ASN A 1 103 ? 21.162  7.508   -13.030 0.25 24.51 ? 422 ASN A OD1 1 
ATOM   810  N  ND2 A ASN A 1 103 ? 20.031  6.376   -10.051 0.25 24.41 ? 422 ASN A ND2 1 
ATOM   811  N  ND2 B ASN A 1 103 ? 19.219  8.019   -13.994 0.25 24.94 ? 422 ASN A ND2 1 
ATOM   812  N  N   . ARG A 1 104 ? 16.556  9.980   -12.440 0.50 32.40 ? 423 ARG A N   1 
ATOM   813  C  CA  . ARG A 1 104 ? 15.561  10.469  -13.431 0.50 34.63 ? 423 ARG A CA  1 
ATOM   814  C  C   . ARG A 1 104 ? 15.230  11.925  -13.107 0.50 34.81 ? 423 ARG A C   1 
ATOM   815  O  O   . ARG A 1 104 ? 14.639  12.188  -12.046 0.50 30.75 ? 423 ARG A O   1 
ATOM   816  C  CB  . ARG A 1 104 ? 14.298  9.603   -13.435 1.00 39.67 ? 423 ARG A CB  1 
ATOM   817  C  CG  . ARG A 1 104 ? 14.584  8.128   -13.219 1.00 36.24 ? 423 ARG A CG  1 
ATOM   818  C  CD  . ARG A 1 104 ? 13.614  7.494   -12.251 1.00 36.98 ? 423 ARG A CD  1 
ATOM   819  N  NE  . ARG A 1 104 ? 13.927  6.073   -12.196 1.00 38.50 ? 423 ARG A NE  1 
ATOM   820  C  CZ  . ARG A 1 104 ? 13.249  5.172   -11.494 1.00 31.56 ? 423 ARG A CZ  1 
ATOM   821  N  NH1 . ARG A 1 104 ? 12.223  5.567   -10.795 1.00 21.84 ? 423 ARG A NH1 1 
ATOM   822  N  NH2 . ARG A 1 104 ? 13.609  3.895   -11.499 1.00 35.44 ? 423 ARG A NH2 1 
ATOM   823  N  N   . ALA A 1 105 ? 15.644  12.847  -13.977 0.50 37.73 ? 424 ALA A N   1 
ATOM   824  C  CA  . ALA A 1 105 ? 15.324  14.282  -13.840 0.50 38.98 ? 424 ALA A CA  1 
ATOM   825  C  C   . ALA A 1 105 ? 14.159  14.587  -14.783 0.50 40.52 ? 424 ALA A C   1 
ATOM   826  O  O   . ALA A 1 105 ? 13.000  14.409  -14.336 0.50 40.01 ? 424 ALA A O   1 
ATOM   827  C  CB  . ALA A 1 105 ? 16.548  15.127  -14.110 0.50 39.31 ? 424 ALA A CB  1 
ATOM   828  N  N   . ASN A 1 106 ? 14.470  14.910  -16.046 0.60 39.66 ? 425 ASN A N   1 
ATOM   829  C  CA  . ASN A 1 106 ? 13.549  15.522  -17.047 0.60 40.13 ? 425 ASN A CA  1 
ATOM   830  C  C   . ASN A 1 106 ? 12.589  14.481  -17.633 0.80 33.93 ? 425 ASN A C   1 
ATOM   831  O  O   . ASN A 1 106 ? 11.834  14.853  -18.579 0.80 38.55 ? 425 ASN A O   1 
ATOM   832  C  CB  . ASN A 1 106 ? 14.308  16.163  -18.211 1.00 43.63 ? 425 ASN A CB  1 
ATOM   833  C  CG  . ASN A 1 106 ? 14.919  17.501  -17.856 1.00 48.06 ? 425 ASN A CG  1 
ATOM   834  O  OD1 . ASN A 1 106 ? 14.727  18.011  -16.749 1.00 49.92 ? 425 ASN A OD1 1 
ATOM   835  N  ND2 . ASN A 1 106 ? 15.656  18.074  -18.794 1.00 48.88 ? 425 ASN A ND2 1 
ATOM   836  N  N   . GLN A 1 107 ? 12.632  13.243  -17.129 0.50 29.64 ? 426 GLN A N   1 
ATOM   837  C  CA  . GLN A 1 107 ? 11.632  12.193  -17.462 0.50 25.16 ? 426 GLN A CA  1 
ATOM   838  C  C   . GLN A 1 107 ? 10.333  12.515  -16.722 0.50 22.47 ? 426 GLN A C   1 
ATOM   839  O  O   . GLN A 1 107 ? 9.295   12.040  -17.148 0.50 21.25 ? 426 GLN A O   1 
ATOM   840  C  CB  . GLN A 1 107 ? 12.154  10.793  -17.141 0.50 25.56 ? 426 GLN A CB  1 
ATOM   841  C  CG  . GLN A 1 107 ? 13.355  10.404  -17.995 0.50 25.98 ? 426 GLN A CG  1 
ATOM   842  C  CD  . GLN A 1 107 ? 13.660  8.924   -17.999 0.50 26.99 ? 426 GLN A CD  1 
ATOM   843  O  OE1 . GLN A 1 107 ? 14.088  8.360   -16.994 0.50 27.44 ? 426 GLN A OE1 1 
ATOM   844  N  NE2 . GLN A 1 107 ? 13.474  8.289   -19.148 0.50 26.20 ? 426 GLN A NE2 1 
ATOM   845  N  N   . ARG A 1 108 ? 10.407  13.285  -15.637 0.80 20.40 ? 427 ARG A N   1 
ATOM   846  C  CA  . ARG A 1 108 ? 9.232   13.867  -14.933 0.60 18.15 ? 427 ARG A CA  1 
ATOM   847  C  C   . ARG A 1 108 ? 8.204   12.753  -14.735 0.80 17.10 ? 427 ARG A C   1 
ATOM   848  O  O   . ARG A 1 108 ? 7.079   12.846  -15.282 0.80 17.23 ? 427 ARG A O   1 
ATOM   849  C  CB  . ARG A 1 108 ? 8.695   15.064  -15.718 0.60 19.39 ? 427 ARG A CB  1 
ATOM   850  C  CG  . ARG A 1 108 ? 9.680   16.222  -15.799 0.50 19.19 ? 427 ARG A CG  1 
ATOM   851  C  CD  . ARG A 1 108 ? 9.269   17.347  -16.735 0.50 21.04 ? 427 ARG A CD  1 
ATOM   852  N  NE  . ARG A 1 108 ? 8.976   16.868  -18.081 0.50 21.06 ? 427 ARG A NE  1 
ATOM   853  C  CZ  . ARG A 1 108 ? 8.181   17.493  -18.957 0.80 22.49 ? 427 ARG A CZ  1 
ATOM   854  N  NH1 . ARG A 1 108 ? 7.986   16.974  -20.152 0.80 23.07 ? 427 ARG A NH1 1 
ATOM   855  N  NH2 . ARG A 1 108 ? 7.587   18.631  -18.643 0.80 25.64 ? 427 ARG A NH2 1 
ATOM   856  N  N   . LEU A 1 109 ? 8.636   11.671  -14.087 1.00 16.69 ? 428 LEU A N   1 
ATOM   857  C  CA  . LEU A 1 109 ? 7.776   10.488  -13.856 1.00 16.65 ? 428 LEU A CA  1 
ATOM   858  C  C   . LEU A 1 109 ? 6.831   10.773  -12.684 1.00 16.35 ? 428 LEU A C   1 
ATOM   859  O  O   . LEU A 1 109 ? 7.038   11.754  -11.924 1.00 17.94 ? 428 LEU A O   1 
ATOM   860  C  CB  . LEU A 1 109 ? 8.657   9.252   -13.634 1.00 17.17 ? 428 LEU A CB  1 
ATOM   861  C  CG  . LEU A 1 109 ? 9.631   8.917   -14.774 1.00 17.04 ? 428 LEU A CG  1 
ATOM   862  C  CD1 . LEU A 1 109 ? 10.492  7.725   -14.414 1.00 17.01 ? 428 LEU A CD1 1 
ATOM   863  C  CD2 . LEU A 1 109 ? 8.904   8.641   -16.079 0.50 15.84 ? 428 LEU A CD2 1 
ATOM   864  N  N   . ASN A 1 110 ? 5.792   9.949   -12.583 1.00 14.84 ? 429 ASN A N   1 
ATOM   865  C  CA  . ASN A 1 110 ? 4.761   10.037  -11.530 1.00 13.56 ? 429 ASN A CA  1 
ATOM   866  C  C   . ASN A 1 110 ? 5.387   9.458   -10.255 1.00 12.36 ? 429 ASN A C   1 
ATOM   867  O  O   . ASN A 1 110 ? 5.825   8.307   -10.239 1.00 13.27 ? 429 ASN A O   1 
ATOM   868  C  CB  . ASN A 1 110 ? 3.487   9.295   -11.951 1.00 14.11 ? 429 ASN A CB  1 
ATOM   869  C  CG  . ASN A 1 110 ? 2.444   9.364   -10.865 1.00 14.71 ? 429 ASN A CG  1 
ATOM   870  O  OD1 . ASN A 1 110 ? 2.537   8.671   -9.848  1.00 15.56 ? 429 ASN A OD1 1 
ATOM   871  N  ND2 . ASN A 1 110 ? 1.487   10.250  -11.041 1.00 15.28 ? 429 ASN A ND2 1 
ATOM   872  N  N   . PRO A 1 111 ? 5.512   10.220  -9.149  1.00 11.62 ? 430 PRO A N   1 
ATOM   873  C  CA  . PRO A 1 111 ? 6.219   9.711   -7.959  1.00 11.43 ? 430 PRO A CA  1 
ATOM   874  C  C   . PRO A 1 111 ? 5.539   8.505   -7.296  1.00 10.20 ? 430 PRO A C   1 
ATOM   875  O  O   . PRO A 1 111 ? 6.199   7.628   -6.695  1.00 9.86  ? 430 PRO A O   1 
ATOM   876  C  CB  . PRO A 1 111 ? 6.183   10.883  -6.981  1.00 12.34 ? 430 PRO A CB  1 
ATOM   877  C  CG  . PRO A 1 111 ? 5.230   11.878  -7.542  1.00 14.44 ? 430 PRO A CG  1 
ATOM   878  C  CD  . PRO A 1 111 ? 5.111   11.610  -9.016  1.00 12.75 ? 430 PRO A CD  1 
ATOM   879  N  N   . MET A 1 112 ? 4.220   8.436   -7.355  1.00 9.69  ? 431 MET A N   1 
ATOM   880  C  CA  . MET A 1 112 ? 3.535   7.278   -6.762  1.00 8.96  ? 431 MET A CA  1 
ATOM   881  C  C   . MET A 1 112 ? 3.841   6.031   -7.590  1.00 9.32  ? 431 MET A C   1 
ATOM   882  O  O   . MET A 1 112 ? 4.030   5.014   -7.035  1.00 9.42  ? 431 MET A O   1 
ATOM   883  C  CB  . MET A 1 112 ? 2.020   7.466   -6.744  1.00 9.12  ? 431 MET A CB  1 
ATOM   884  C  CG  . MET A 1 112 ? 1.609   8.530   -5.747  1.00 9.62  ? 431 MET A CG  1 
ATOM   885  S  SD  . MET A 1 112 ? 1.889   8.057   -4.002  1.00 11.54 ? 431 MET A SD  1 
ATOM   886  C  CE  . MET A 1 112 ? 0.718   6.708   -3.859  1.00 12.33 ? 431 MET A CE  1 
ATOM   887  N  N   . HIS A 1 113 ? 3.898   6.153   -8.918  1.00 9.59  ? 432 HIS A N   1 
ATOM   888  C  CA  . HIS A 1 113 ? 4.346   5.039   -9.786  1.00 9.13  ? 432 HIS A CA  1 
ATOM   889  C  C   . HIS A 1 113 ? 5.805   4.690   -9.496  1.00 8.29  ? 432 HIS A C   1 
ATOM   890  O  O   . HIS A 1 113 ? 6.169   3.501   -9.546  1.00 9.86  ? 432 HIS A O   1 
ATOM   891  C  CB  . HIS A 1 113 ? 4.092   5.386   -11.257 1.00 9.95  ? 432 HIS A CB  1 
ATOM   892  C  CG  . HIS A 1 113 ? 2.710   5.008   -11.674 1.00 11.07 ? 432 HIS A CG  1 
ATOM   893  N  ND1 . HIS A 1 113 ? 1.657   5.906   -11.831 1.00 12.76 ? 432 HIS A ND1 1 
ATOM   894  C  CD2 . HIS A 1 113 ? 2.196   3.777   -11.903 1.00 10.83 ? 432 HIS A CD2 1 
ATOM   895  C  CE1 . HIS A 1 113 ? 0.582   5.236   -12.187 1.00 10.81 ? 432 HIS A CE1 1 
ATOM   896  N  NE2 . HIS A 1 113 ? 0.883   3.940   -12.255 1.00 13.53 ? 432 HIS A NE2 1 
ATOM   897  N  N   . GLN A 1 114 ? 6.661   5.688   -9.240  1.00 9.01  ? 433 GLN A N   1 
ATOM   898  C  CA  . GLN A 1 114 ? 8.073   5.383   -8.913  1.00 8.77  ? 433 GLN A CA  1 
ATOM   899  C  C   . GLN A 1 114 ? 8.117   4.539   -7.639  1.00 8.06  ? 433 GLN A C   1 
ATOM   900  O  O   . GLN A 1 114 ? 8.943   3.626   -7.528  1.00 8.06  ? 433 GLN A O   1 
ATOM   901  C  CB  . GLN A 1 114 ? 8.904   6.669   -8.748  1.00 9.91  ? 433 GLN A CB  1 
ATOM   902  C  CG  . GLN A 1 114 ? 9.134   7.387   -10.070 1.00 11.54 ? 433 GLN A CG  1 
ATOM   903  C  CD  . GLN A 1 114 ? 9.785   8.729   -9.846  1.00 13.86 ? 433 GLN A CD  1 
ATOM   904  O  OE1 . GLN A 1 114 ? 9.164   9.689   -9.353  1.00 18.17 ? 433 GLN A OE1 1 
ATOM   905  N  NE2 . GLN A 1 114 ? 11.070  8.781   -10.147 1.00 14.50 ? 433 GLN A NE2 1 
ATOM   906  N  N   . LEU A 1 115 ? 7.359   4.957   -6.635  1.00 7.84  ? 434 LEU A N   1 
ATOM   907  C  CA  . LEU A 1 115 ? 7.330   4.251   -5.336  1.00 7.97  ? 434 LEU A CA  1 
ATOM   908  C  C   . LEU A 1 115 ? 6.842   2.828   -5.585  1.00 8.31  ? 434 LEU A C   1 
ATOM   909  O  O   . LEU A 1 115 ? 7.451   1.899   -5.121  1.00 8.33  ? 434 LEU A O   1 
ATOM   910  C  CB  . LEU A 1 115 ? 6.424   5.026   -4.386  1.00 8.54  ? 434 LEU A CB  1 
ATOM   911  C  CG  . LEU A 1 115 ? 7.049   6.258   -3.759  1.00 8.65  ? 434 LEU A CG  1 
ATOM   912  C  CD1 . LEU A 1 115 ? 5.982   7.089   -3.098  1.00 8.53  ? 434 LEU A CD1 1 
ATOM   913  C  CD2 . LEU A 1 115 ? 8.139   5.907   -2.763  1.00 8.85  ? 434 LEU A CD2 1 
ATOM   914  N  N   . LEU A 1 116 ? 5.702   2.652   -6.245  1.00 9.25  ? 435 LEU A N   1 
ATOM   915  C  CA  . LEU A 1 116 ? 5.241   1.278   -6.459  1.00 9.08  ? 435 LEU A CA  1 
ATOM   916  C  C   . LEU A 1 116 ? 6.300   0.468   -7.205  1.00 9.03  ? 435 LEU A C   1 
ATOM   917  O  O   . LEU A 1 116 ? 6.568   -0.681  -6.804  1.00 8.63  ? 435 LEU A O   1 
ATOM   918  C  CB  . LEU A 1 116 ? 3.965   1.296   -7.276  1.00 9.47  ? 435 LEU A CB  1 
ATOM   919  C  CG  . LEU A 1 116 ? 3.333   -0.075  -7.565  1.00 10.55 ? 435 LEU A CG  1 
ATOM   920  C  CD1 . LEU A 1 116 ? 3.179   -0.886  -6.299  1.00 11.78 ? 435 LEU A CD1 1 
ATOM   921  C  CD2 . LEU A 1 116 ? 1.977   0.119   -8.244  1.00 10.98 ? 435 LEU A CD2 1 
ATOM   922  N  N   . ARG A 1 117 ? 6.906   1.034   -8.243  1.00 8.76  ? 436 ARG A N   1 
ATOM   923  C  CA  . ARG A 1 117 ? 7.890   0.233   -9.012  1.00 9.75  ? 436 ARG A CA  1 
ATOM   924  C  C   . ARG A 1 117 ? 9.050   -0.131  -8.097  1.00 9.70  ? 436 ARG A C   1 
ATOM   925  O  O   . ARG A 1 117 ? 9.621   -1.196  -8.243  1.00 10.43 ? 436 ARG A O   1 
ATOM   926  C  CB  . ARG A 1 117 ? 8.361   0.931   -10.284 1.00 10.82 ? 436 ARG A CB  1 
ATOM   927  C  CG  . ARG A 1 117 ? 7.277   0.826   -11.345 1.00 12.63 ? 436 ARG A CG  1 
ATOM   928  C  CD  . ARG A 1 117 ? 7.814   1.243   -12.690 1.00 15.21 ? 436 ARG A CD  1 
ATOM   929  N  NE  . ARG A 1 117 ? 8.311   2.601   -12.631 1.00 17.24 ? 436 ARG A NE  1 
ATOM   930  C  CZ  . ARG A 1 117 ? 7.613   3.648   -13.027 1.00 19.21 ? 436 ARG A CZ  1 
ATOM   931  N  NH1 . ARG A 1 117 ? 6.394   3.455   -13.499 1.00 19.81 ? 436 ARG A NH1 1 
ATOM   932  N  NH2 . ARG A 1 117 ? 8.130   4.857   -12.934 1.00 18.91 ? 436 ARG A NH2 1 
ATOM   933  N  N   . HIS A 1 118 ? 9.434   0.743   -7.166  1.00 8.87  ? 437 HIS A N   1 
ATOM   934  C  CA  . HIS A 1 118 ? 10.540  0.443   -6.239  1.00 8.61  ? 437 HIS A CA  1 
ATOM   935  C  C   . HIS A 1 118 ? 10.182  -0.804  -5.413  1.00 8.87  ? 437 HIS A C   1 
ATOM   936  O  O   . HIS A 1 118 ? 11.007  -1.693  -5.210  1.00 9.59  ? 437 HIS A O   1 
ATOM   937  C  CB  . HIS A 1 118 ? 10.799  1.640   -5.328  1.00 8.49  ? 437 HIS A CB  1 
ATOM   938  C  CG  . HIS A 1 118 ? 11.744  1.284   -4.237  1.00 8.68  ? 437 HIS A CG  1 
ATOM   939  N  ND1 . HIS A 1 118 ? 13.087  1.096   -4.470  1.00 9.50  ? 437 HIS A ND1 1 
ATOM   940  C  CD2 . HIS A 1 118 ? 11.528  0.940   -2.955  1.00 9.28  ? 437 HIS A CD2 1 
ATOM   941  C  CE1 . HIS A 1 118 ? 13.667  0.692   -3.360  1.00 10.18 ? 437 HIS A CE1 1 
ATOM   942  N  NE2 . HIS A 1 118 ? 12.742  0.573   -2.408  1.00 10.02 ? 437 HIS A NE2 1 
ATOM   943  N  N   . PHE A 1 119 ? 9.000   -0.811  -4.824  1.00 8.80  ? 438 PHE A N   1 
ATOM   944  C  CA  . PHE A 1 119 ? 8.641   -1.889  -3.883  1.00 10.23 ? 438 PHE A CA  1 
ATOM   945  C  C   . PHE A 1 119 ? 8.325   -3.173  -4.662  1.00 11.29 ? 438 PHE A C   1 
ATOM   946  O  O   . PHE A 1 119 ? 8.488   -4.234  -4.066  1.00 13.83 ? 438 PHE A O   1 
ATOM   947  C  CB  . PHE A 1 119 ? 7.518   -1.455  -2.951  1.00 10.37 ? 438 PHE A CB  1 
ATOM   948  C  CG  . PHE A 1 119 ? 7.987   -0.426  -1.965  1.00 9.58  ? 438 PHE A CG  1 
ATOM   949  C  CD1 . PHE A 1 119 ? 8.942   -0.758  -1.027  1.00 9.60  ? 438 PHE A CD1 1 
ATOM   950  C  CD2 . PHE A 1 119 ? 7.509   0.884   -1.950  1.00 9.78  ? 438 PHE A CD2 1 
ATOM   951  C  CE1 . PHE A 1 119 ? 9.420   0.193   -0.142  1.00 9.61  ? 438 PHE A CE1 1 
ATOM   952  C  CE2 . PHE A 1 119 ? 8.002   1.823   -1.056  1.00 9.89  ? 438 PHE A CE2 1 
ATOM   953  C  CZ  . PHE A 1 119 ? 8.952   1.464   -0.150  1.00 9.52  ? 438 PHE A CZ  1 
ATOM   954  N  N   . GLN A 1 120 ? 7.920   -3.101  -5.925  1.00 11.30 ? 439 GLN A N   1 
ATOM   955  C  CA  . GLN A 1 120 ? 7.728   -4.320  -6.767  1.00 13.37 ? 439 GLN A CA  1 
ATOM   956  C  C   . GLN A 1 120 ? 9.086   -5.000  -6.996  1.00 14.19 ? 439 GLN A C   1 
ATOM   957  O  O   . GLN A 1 120 ? 9.075   -6.193  -7.319  1.00 16.85 ? 439 GLN A O   1 
ATOM   958  C  CB  . GLN A 1 120 ? 7.114   -3.982  -8.111  1.00 15.51 ? 439 GLN A CB  1 
ATOM   959  C  CG  . GLN A 1 120 ? 5.695   -3.433  -8.045  1.00 17.82 ? 439 GLN A CG  1 
ATOM   960  C  CD  . GLN A 1 120 ? 5.188   -3.089  -9.426  1.00 18.32 ? 439 GLN A CD  1 
ATOM   961  O  OE1 . GLN A 1 120 ? 5.918   -2.564  -10.285 1.00 25.13 ? 439 GLN A OE1 1 
ATOM   962  N  NE2 . GLN A 1 120 ? 3.953   -3.475  -9.715  1.00 19.94 ? 439 GLN A NE2 1 
ATOM   963  N  N   . LYS A 1 121 ? 10.226  -4.304  -6.822  1.00 13.83 ? 440 LYS A N   1 
ATOM   964  C  CA  . LYS A 1 121 ? 11.547  -4.960  -6.947  1.00 13.42 ? 440 LYS A CA  1 
ATOM   965  C  C   . LYS A 1 121 ? 11.812  -5.865  -5.739  1.00 14.36 ? 440 LYS A C   1 
ATOM   966  O  O   . LYS A 1 121 ? 12.543  -6.858  -5.883  1.00 18.06 ? 440 LYS A O   1 
ATOM   967  C  CB  . LYS A 1 121 ? 12.680  -3.938  -7.017  1.00 13.80 ? 440 LYS A CB  1 
ATOM   968  C  CG  . LYS A 1 121 ? 12.646  -3.063  -8.254  1.00 14.35 ? 440 LYS A CG  1 
ATOM   969  C  CD  . LYS A 1 121 ? 13.651  -1.892  -8.159  1.00 15.84 ? 440 LYS A CD  1 
ATOM   970  C  CE  . LYS A 1 121 ? 13.474  -0.935  -9.323  1.00 17.56 ? 440 LYS A CE  1 
ATOM   971  N  NZ  . LYS A 1 121 ? 14.336  0.282   -9.222  1.00 19.79 ? 440 LYS A NZ  1 
ATOM   972  N  N   . ASP A 1 122 ? 11.338  -5.490  -4.554  1.00 14.14 ? 441 ASP A N   1 
ATOM   973  C  CA  . ASP A 1 122 ? 11.690  -6.162  -3.288  1.00 14.60 ? 441 ASP A CA  1 
ATOM   974  C  C   . ASP A 1 122 ? 10.893  -5.494  -2.171  1.00 14.22 ? 441 ASP A C   1 
ATOM   975  O  O   . ASP A 1 122 ? 11.266  -4.375  -1.823  1.00 16.32 ? 441 ASP A O   1 
ATOM   976  C  CB  . ASP A 1 122 ? 13.184  -6.035  -2.996  1.00 15.15 ? 441 ASP A CB  1 
ATOM   977  N  N   . ALA A 1 123 ? 9.844   -6.160  -1.665  1.00 12.93 ? 442 ALA A N   1 
ATOM   978  C  CA  . ALA A 1 123 ? 8.972   -5.589  -0.628  1.00 12.00 ? 442 ALA A CA  1 
ATOM   979  C  C   . ALA A 1 123 ? 9.379   -5.996  0.789   1.00 11.43 ? 442 ALA A C   1 
ATOM   980  O  O   . ALA A 1 123 ? 8.655   -5.673  1.704   1.00 11.56 ? 442 ALA A O   1 
ATOM   981  C  CB  . ALA A 1 123 ? 7.551   -5.979  -0.924  1.00 10.77 ? 442 ALA A CB  1 
ATOM   982  N  N   . LYS A 1 124 ? 10.507  -6.662  0.991   1.00 12.57 ? 443 LYS A N   1 
ATOM   983  C  CA  . LYS A 1 124 ? 10.821  -7.188  2.333   1.00 11.64 ? 443 LYS A CA  1 
ATOM   984  C  C   . LYS A 1 124 ? 10.924  -6.026  3.335   1.00 11.68 ? 443 LYS A C   1 
ATOM   985  O  O   . LYS A 1 124 ? 10.419  -6.149  4.431   1.00 11.72 ? 443 LYS A O   1 
ATOM   986  C  CB  . LYS A 1 124 ? 12.084  -8.057  2.333   1.00 13.25 ? 443 LYS A CB  1 
ATOM   987  C  CG  . LYS A 1 124 ? 12.420  -8.685  3.678   1.00 14.15 ? 443 LYS A CG  1 
ATOM   988  N  N   . VAL A 1 125 ? 11.609  -4.946  3.009   1.00 10.38 ? 444 VAL A N   1 
ATOM   989  C  CA  . VAL A 1 125 ? 11.804  -3.854  4.000   1.00 10.74 ? 444 VAL A CA  1 
ATOM   990  C  C   . VAL A 1 125 ? 10.466  -3.151  4.214   1.00 9.58  ? 444 VAL A C   1 
ATOM   991  O  O   . VAL A 1 125 ? 10.162  -2.820  5.361   1.00 9.36  ? 444 VAL A O   1 
ATOM   992  C  CB  . VAL A 1 125 ? 12.911  -2.861  3.594   1.00 11.57 ? 444 VAL A CB  1 
ATOM   993  C  CG1 . VAL A 1 125 ? 12.906  -1.593  4.418   1.00 11.31 ? 444 VAL A CG1 1 
ATOM   994  C  CG2 . VAL A 1 125 ? 14.258  -3.531  3.690   1.00 13.52 ? 444 VAL A CG2 1 
ATOM   995  N  N   . LEU A 1 126 ? 9.654   -3.001  3.160   1.00 8.56  ? 445 LEU A N   1 
ATOM   996  C  CA  . LEU A 1 126 ? 8.317   -2.385  3.303   1.00 8.71  ? 445 LEU A CA  1 
ATOM   997  C  C   . LEU A 1 126 ? 7.538   -3.202  4.344   1.00 8.33  ? 445 LEU A C   1 
ATOM   998  O  O   . LEU A 1 126 ? 6.944   -2.651  5.263   1.00 8.46  ? 445 LEU A O   1 
ATOM   999  C  CB  . LEU A 1 126 ? 7.624   -2.398  1.940   1.00 8.72  ? 445 LEU A CB  1 
ATOM   1000 C  CG  . LEU A 1 126 ? 6.158   -1.997  1.937   1.00 8.49  ? 445 LEU A CG  1 
ATOM   1001 C  CD1 . LEU A 1 126 ? 6.058   -0.558  2.357   1.00 9.90  ? 445 LEU A CD1 1 
ATOM   1002 C  CD2 . LEU A 1 126 ? 5.527   -2.213  0.574   1.00 9.50  ? 445 LEU A CD2 1 
ATOM   1003 N  N   . PHE A 1 127 ? 7.525   -4.516  4.191   1.00 9.73  ? 446 PHE A N   1 
ATOM   1004 C  CA  . PHE A 1 127 ? 6.677   -5.361  5.067   1.00 10.46 ? 446 PHE A CA  1 
ATOM   1005 C  C   . PHE A 1 127 ? 7.261   -5.383  6.461   1.00 11.46 ? 446 PHE A C   1 
ATOM   1006 O  O   . PHE A 1 127 ? 6.474   -5.375  7.433   1.00 11.46 ? 446 PHE A O   1 
ATOM   1007 C  CB  . PHE A 1 127 ? 6.555   -6.788  4.541   1.00 11.55 ? 446 PHE A CB  1 
ATOM   1008 C  CG  . PHE A 1 127 ? 5.783   -6.960  3.264   1.00 13.03 ? 446 PHE A CG  1 
ATOM   1009 C  CD1 . PHE A 1 127 ? 4.831   -6.061  2.833   1.00 13.37 ? 446 PHE A CD1 1 
ATOM   1010 C  CD2 . PHE A 1 127 ? 6.094   -8.025  2.424   1.00 16.20 ? 446 PHE A CD2 1 
ATOM   1011 C  CE1 . PHE A 1 127 ? 4.115   -6.283  1.663   1.00 13.00 ? 446 PHE A CE1 1 
ATOM   1012 C  CE2 . PHE A 1 127 ? 5.429   -8.215  1.231   1.00 16.25 ? 446 PHE A CE2 1 
ATOM   1013 C  CZ  . PHE A 1 127 ? 4.426   -7.351  0.857   1.00 15.53 ? 446 PHE A CZ  1 
ATOM   1014 N  N   . GLN A 1 128 ? 8.590   -5.357  6.583   1.00 12.05 ? 447 GLN A N   1 
ATOM   1015 C  CA  . GLN A 1 128 ? 9.208   -5.474  7.934   1.00 13.42 ? 447 GLN A CA  1 
ATOM   1016 C  C   . GLN A 1 128 ? 9.002   -4.171  8.696   1.00 13.27 ? 447 GLN A C   1 
ATOM   1017 O  O   . GLN A 1 128 ? 8.939   -4.239  9.940   1.00 15.14 ? 447 GLN A O   1 
ATOM   1018 C  CB  . GLN A 1 128 ? 10.664  -5.901  7.837   1.00 16.46 ? 447 GLN A CB  1 
ATOM   1019 C  CG  . GLN A 1 128 ? 10.781  -7.251  7.125   1.00 19.92 ? 447 GLN A CG  1 
ATOM   1020 C  CD  . GLN A 1 128 ? 10.783  -8.516  7.950   1.00 25.14 ? 447 GLN A CD  1 
ATOM   1021 O  OE1 . GLN A 1 128 ? 9.921   -8.758  8.782   1.00 33.48 ? 447 GLN A OE1 1 
ATOM   1022 N  NE2 . GLN A 1 128 ? 11.767  -9.362  7.690   1.00 28.15 ? 447 GLN A NE2 1 
ATOM   1023 N  N   . ASN A 1 129 ? 8.765   -3.053  7.998   1.00 11.52 ? 448 ASN A N   1 
ATOM   1024 C  CA  A ASN A 1 129 ? 8.661   -1.738  8.681   0.50 12.26 ? 448 ASN A CA  1 
ATOM   1025 C  CA  B ASN A 1 129 ? 8.665   -1.724  8.657   0.50 12.21 ? 448 ASN A CA  1 
ATOM   1026 C  C   . ASN A 1 129 ? 7.218   -1.255  8.798   1.00 11.28 ? 448 ASN A C   1 
ATOM   1027 O  O   . ASN A 1 129 ? 6.996   -0.191  9.411   1.00 11.82 ? 448 ASN A O   1 
ATOM   1028 C  CB  A ASN A 1 129 ? 9.534   -0.712  7.982   0.50 13.18 ? 448 ASN A CB  1 
ATOM   1029 C  CB  B ASN A 1 129 ? 9.416   -0.660  7.871   0.50 12.96 ? 448 ASN A CB  1 
ATOM   1030 C  CG  A ASN A 1 129 ? 10.963  -0.875  8.431   0.50 13.21 ? 448 ASN A CG  1 
ATOM   1031 C  CG  B ASN A 1 129 ? 10.913  -0.740  8.071   0.50 12.95 ? 448 ASN A CG  1 
ATOM   1032 O  OD1 A ASN A 1 129 ? 11.376  -0.250  9.407   0.50 15.38 ? 448 ASN A OD1 1 
ATOM   1033 O  OD1 B ASN A 1 129 ? 11.442  -1.757  8.521   0.50 14.14 ? 448 ASN A OD1 1 
ATOM   1034 N  ND2 A ASN A 1 129 ? 11.681  -1.790  7.797   0.50 13.94 ? 448 ASN A ND2 1 
ATOM   1035 N  ND2 B ASN A 1 129 ? 11.601  0.334   7.732   0.50 14.65 ? 448 ASN A ND2 1 
ATOM   1036 N  N   . TRP A 1 130 ? 6.278   -2.000  8.246   1.00 10.27 ? 449 TRP A N   1 
ATOM   1037 C  CA  . TRP A 1 130 ? 4.870   -1.537  8.255   1.00 9.48  ? 449 TRP A CA  1 
ATOM   1038 C  C   . TRP A 1 130 ? 4.279   -1.622  9.657   1.00 9.73  ? 449 TRP A C   1 
ATOM   1039 O  O   . TRP A 1 130 ? 3.577   -0.676  10.082  1.00 9.01  ? 449 TRP A O   1 
ATOM   1040 C  CB  . TRP A 1 130 ? 4.105   -2.418  7.270   1.00 8.81  ? 449 TRP A CB  1 
ATOM   1041 C  CG  . TRP A 1 130 ? 2.674   -2.027  7.174   1.00 8.20  ? 449 TRP A CG  1 
ATOM   1042 C  CD1 . TRP A 1 130 ? 1.622   -2.601  7.824   1.00 8.33  ? 449 TRP A CD1 1 
ATOM   1043 C  CD2 . TRP A 1 130 ? 2.150   -0.957  6.380   1.00 8.30  ? 449 TRP A CD2 1 
ATOM   1044 N  NE1 . TRP A 1 130 ? 0.478   -1.928  7.530   1.00 8.16  ? 449 TRP A NE1 1 
ATOM   1045 C  CE2 . TRP A 1 130 ? 0.758   -0.939  6.619   1.00 8.18  ? 449 TRP A CE2 1 
ATOM   1046 C  CE3 . TRP A 1 130 ? 2.711   -0.003  5.523   1.00 8.13  ? 449 TRP A CE3 1 
ATOM   1047 C  CZ2 . TRP A 1 130 ? -0.083  -0.025  6.002   1.00 8.21  ? 449 TRP A CZ2 1 
ATOM   1048 C  CZ3 . TRP A 1 130 ? 1.868   0.912   4.945   1.00 7.76  ? 449 TRP A CZ3 1 
ATOM   1049 C  CH2 . TRP A 1 130 ? 0.487   0.870   5.140   1.00 8.33  ? 449 TRP A CH2 1 
ATOM   1050 N  N   . GLY A 1 131 ? 4.519   -2.734  10.328  1.00 9.14  ? 450 GLY A N   1 
ATOM   1051 C  CA  . GLY A 1 131 ? 4.017   -2.962  11.684  1.00 9.60  ? 450 GLY A CA  1 
ATOM   1052 C  C   . GLY A 1 131 ? 3.028   -4.122  11.703  1.00 9.39  ? 450 GLY A C   1 
ATOM   1053 O  O   . GLY A 1 131 ? 2.346   -4.376  10.727  1.00 9.48  ? 450 GLY A O   1 
ATOM   1054 N  N   . ILE A 1 132 ? 2.963   -4.777  12.846  1.00 10.83 ? 451 ILE A N   1 
ATOM   1055 C  CA  . ILE A 1 132 ? 2.004   -5.877  13.078  1.00 10.77 ? 451 ILE A CA  1 
ATOM   1056 C  C   . ILE A 1 132 ? 1.203   -5.558  14.333  1.00 11.38 ? 451 ILE A C   1 
ATOM   1057 O  O   . ILE A 1 132 ? 1.583   -4.703  15.117  1.00 11.18 ? 451 ILE A O   1 
ATOM   1058 C  CB  . ILE A 1 132 ? 2.704   -7.226  13.176  1.00 12.38 ? 451 ILE A CB  1 
ATOM   1059 C  CG1 . ILE A 1 132 ? 3.682   -7.243  14.346  1.00 13.06 ? 451 ILE A CG1 1 
ATOM   1060 C  CG2 . ILE A 1 132 ? 3.383   -7.576  11.863  1.00 13.02 ? 451 ILE A CG2 1 
ATOM   1061 C  CD1 . ILE A 1 132 ? 4.229   -8.623  14.639  1.00 13.37 ? 451 ILE A CD1 1 
ATOM   1062 N  N   . GLU A 1 133 ? 0.046   -6.177  14.423  1.00 10.86 ? 452 GLU A N   1 
ATOM   1063 C  CA  . GLU A 1 133 ? -0.886  -5.950  15.530  1.00 11.05 ? 452 GLU A CA  1 
ATOM   1064 C  C   . GLU A 1 133 ? -1.558  -7.272  15.849  1.00 11.60 ? 452 GLU A C   1 
ATOM   1065 O  O   . GLU A 1 133 ? -1.695  -8.127  14.968  1.00 10.55 ? 452 GLU A O   1 
ATOM   1066 C  CB  . GLU A 1 133 ? -1.872  -4.859  15.149  1.00 11.84 ? 452 GLU A CB  1 
ATOM   1067 C  CG  . GLU A 1 133 ? -2.866  -5.300  14.084  1.00 11.70 ? 452 GLU A CG  1 
ATOM   1068 C  CD  . GLU A 1 133 ? -3.680  -4.199  13.471  1.00 13.48 ? 452 GLU A CD  1 
ATOM   1069 O  OE1 . GLU A 1 133 ? -3.504  -3.007  13.932  1.00 17.56 ? 452 GLU A OE1 1 
ATOM   1070 O  OE2 . GLU A 1 133 ? -4.436  -4.512  12.506  1.00 14.35 ? 452 GLU A OE2 1 
ATOM   1071 N  N   . SER A 1 134 ? -2.069  -7.379  17.070  1.00 11.92 ? 453 SER A N   1 
ATOM   1072 C  CA  . SER A 1 134 ? -2.967  -8.497  17.426  1.00 12.08 ? 453 SER A CA  1 
ATOM   1073 C  C   . SER A 1 134 ? -4.326  -8.240  16.787  1.00 12.19 ? 453 SER A C   1 
ATOM   1074 O  O   . SER A 1 134 ? -4.671  -7.062  16.537  1.00 15.34 ? 453 SER A O   1 
ATOM   1075 C  CB  . SER A 1 134 ? -3.062  -8.671  18.898  1.00 13.44 ? 453 SER A CB  1 
ATOM   1076 O  OG  . SER A 1 134 ? -3.348  -7.443  19.556  1.00 18.06 ? 453 SER A OG  1 
ATOM   1077 N  N   . ILE A 1 135 ? -5.030  -9.313  16.465  1.00 10.28 ? 454 ILE A N   1 
ATOM   1078 C  CA  . ILE A 1 135 ? -6.302  -9.254  15.691  1.00 12.06 ? 454 ILE A CA  1 
ATOM   1079 C  C   . ILE A 1 135 ? -7.408  -9.932  16.503  1.00 13.06 ? 454 ILE A C   1 
ATOM   1080 O  O   . ILE A 1 135 ? -7.153  -10.919 17.243  1.00 13.47 ? 454 ILE A O   1 
ATOM   1081 C  CB  . ILE A 1 135 ? -6.138  -9.834  14.278  1.00 12.71 ? 454 ILE A CB  1 
ATOM   1082 C  CG1 . ILE A 1 135 ? -6.008  -11.363 14.243  1.00 11.75 ? 454 ILE A CG1 1 
ATOM   1083 C  CG2 . ILE A 1 135 ? -4.967  -9.143  13.606  1.00 13.07 ? 454 ILE A CG2 1 
ATOM   1084 C  CD1 . ILE A 1 135 ? -5.932  -11.977 12.829  1.00 13.92 ? 454 ILE A CD1 1 
ATOM   1085 N  N   . ASP A 1 136 ? -8.607  -9.422  16.301  1.00 14.02 ? 455 ASP A N   1 
ATOM   1086 C  CA  . ASP A 1 136 ? -9.857  -10.106 16.725  1.00 17.13 ? 455 ASP A CA  1 
ATOM   1087 C  C   . ASP A 1 136 ? -10.022 -11.404 15.934  1.00 17.78 ? 455 ASP A C   1 
ATOM   1088 O  O   . ASP A 1 136 ? -9.514  -11.542 14.788  1.00 17.05 ? 455 ASP A O   1 
ATOM   1089 C  CB  . ASP A 1 136 ? -11.075 -9.225  16.468  1.00 20.61 ? 455 ASP A CB  1 
ATOM   1090 C  CG  . ASP A 1 136 ? -11.184 -7.983  17.336  1.00 24.08 ? 455 ASP A CG  1 
ATOM   1091 O  OD1 . ASP A 1 136 ? -10.483 -7.912  18.387  1.00 31.82 ? 455 ASP A OD1 1 
ATOM   1092 O  OD2 . ASP A 1 136 ? -11.992 -7.096  16.959  1.00 34.20 ? 455 ASP A OD2 1 
ATOM   1093 N  N   . ASN A 1 137 ? -10.745 -12.345 16.516  1.00 17.65 ? 456 ASN A N   1 
ATOM   1094 C  CA  . ASN A 1 137 ? -10.979 -13.662 15.890  1.00 19.96 ? 456 ASN A CA  1 
ATOM   1095 C  C   . ASN A 1 137 ? -12.292 -13.514 15.115  1.00 20.06 ? 456 ASN A C   1 
ATOM   1096 O  O   . ASN A 1 137 ? -13.324 -13.638 15.739  1.00 21.94 ? 456 ASN A O   1 
ATOM   1097 C  CB  . ASN A 1 137 ? -10.974 -14.793 16.933  1.00 21.28 ? 456 ASN A CB  1 
ATOM   1098 C  CG  . ASN A 1 137 ? -11.100 -16.146 16.286  1.00 25.30 ? 456 ASN A CG  1 
ATOM   1099 O  OD1 . ASN A 1 137 ? -12.033 -16.887 16.583  1.00 28.54 ? 456 ASN A OD1 1 
ATOM   1100 N  ND2 . ASN A 1 137 ? -10.227 -16.434 15.341  1.00 24.53 ? 456 ASN A ND2 1 
ATOM   1101 N  N   . VAL A 1 138 ? -12.223 -13.104 13.841  1.00 20.12 ? 457 VAL A N   1 
ATOM   1102 C  CA  . VAL A 1 138 ? -13.408 -12.865 12.969  1.00 19.97 ? 457 VAL A CA  1 
ATOM   1103 C  C   . VAL A 1 138 ? -13.517 -14.079 12.056  1.00 18.50 ? 457 VAL A C   1 
ATOM   1104 O  O   . VAL A 1 138 ? -12.553 -14.352 11.343  1.00 17.83 ? 457 VAL A O   1 
ATOM   1105 C  CB  . VAL A 1 138 ? -13.253 -11.570 12.160  1.00 20.62 ? 457 VAL A CB  1 
ATOM   1106 C  CG1 . VAL A 1 138 ? -14.477 -11.288 11.290  1.00 21.06 ? 457 VAL A CG1 1 
ATOM   1107 C  CG2 . VAL A 1 138 ? -12.923 -10.368 13.053  1.00 21.89 ? 457 VAL A CG2 1 
ATOM   1108 N  N   . MET A 1 139 ? -14.638 -14.815 12.091  1.00 20.48 ? 458 MET A N   1 
ATOM   1109 C  CA  . MET A 1 139 ? -14.748 -16.060 11.300  1.00 18.57 ? 458 MET A CA  1 
ATOM   1110 C  C   . MET A 1 139 ? -14.657 -15.722 9.812   1.00 16.10 ? 458 MET A C   1 
ATOM   1111 O  O   . MET A 1 139 ? -15.312 -14.758 9.378   1.00 16.92 ? 458 MET A O   1 
ATOM   1112 C  CB  . MET A 1 139 ? -16.056 -16.807 11.588  1.00 22.06 ? 458 MET A CB  1 
ATOM   1113 C  CG  . MET A 1 139 ? -16.117 -17.352 12.992  1.00 25.88 ? 458 MET A CG  1 
ATOM   1114 S  SD  . MET A 1 139 ? -14.822 -18.586 13.308  1.00 40.67 ? 458 MET A SD  1 
ATOM   1115 N  N   . GLY A 1 140 ? -13.840 -16.483 9.096   1.00 14.53 ? 459 GLY A N   1 
ATOM   1116 C  CA  . GLY A 1 140 ? -13.575 -16.349 7.655   1.00 13.28 ? 459 GLY A CA  1 
ATOM   1117 C  C   . GLY A 1 140 ? -12.397 -15.466 7.359   1.00 12.90 ? 459 GLY A C   1 
ATOM   1118 O  O   . GLY A 1 140 ? -11.977 -15.410 6.203   1.00 14.14 ? 459 GLY A O   1 
ATOM   1119 N  N   . MET A 1 141 ? -11.885 -14.738 8.361   1.00 12.54 ? 460 MET A N   1 
ATOM   1120 C  CA  . MET A 1 141 ? -10.750 -13.793 8.170   1.00 13.03 ? 460 MET A CA  1 
ATOM   1121 C  C   . MET A 1 141 ? -9.507  -14.329 8.873   1.00 12.45 ? 460 MET A C   1 
ATOM   1122 O  O   . MET A 1 141 ? -9.640  -15.142 9.840   1.00 16.16 ? 460 MET A O   1 
ATOM   1123 C  CB  . MET A 1 141 ? -11.034 -12.417 8.777   1.00 13.89 ? 460 MET A CB  1 
ATOM   1124 C  CG  . MET A 1 141 ? -12.188 -11.707 8.148   1.00 16.62 ? 460 MET A CG  1 
ATOM   1125 S  SD  . MET A 1 141 ? -11.707 -10.943 6.576   1.00 17.83 ? 460 MET A SD  1 
ATOM   1126 C  CE  . MET A 1 141 ? -13.374 -10.692 5.969   1.00 18.70 ? 460 MET A CE  1 
ATOM   1127 N  N   . ILE A 1 142 ? -8.336  -14.014 8.332   1.00 11.72 ? 461 ILE A N   1 
ATOM   1128 C  CA  . ILE A 1 142 ? -7.067  -14.441 8.969   1.00 10.84 ? 461 ILE A CA  1 
ATOM   1129 C  C   . ILE A 1 142 ? -6.039  -13.323 8.831   1.00 10.87 ? 461 ILE A C   1 
ATOM   1130 O  O   . ILE A 1 142 ? -6.212  -12.446 7.988   1.00 11.18 ? 461 ILE A O   1 
ATOM   1131 C  CB  . ILE A 1 142 ? -6.656  -15.803 8.380   1.00 11.66 ? 461 ILE A CB  1 
ATOM   1132 C  CG1 . ILE A 1 142 ? -5.566  -16.461 9.236   1.00 12.07 ? 461 ILE A CG1 1 
ATOM   1133 C  CG2 . ILE A 1 142 ? -6.257  -15.740 6.913   1.00 11.46 ? 461 ILE A CG2 1 
ATOM   1134 C  CD1 . ILE A 1 142 ? -5.337  -17.947 8.872   1.00 13.30 ? 461 ILE A CD1 1 
ATOM   1135 N  N   . GLY A 1 143 ? -5.039  -13.320 9.697   1.00 10.35 ? 462 GLY A N   1 
ATOM   1136 C  CA  . GLY A 1 143 ? -3.904  -12.409 9.592   1.00 11.33 ? 462 GLY A CA  1 
ATOM   1137 C  C   . GLY A 1 143 ? -2.944  -12.888 8.544   1.00 11.03 ? 462 GLY A C   1 
ATOM   1138 O  O   . GLY A 1 143 ? -2.915  -14.071 8.220   1.00 11.14 ? 462 GLY A O   1 
ATOM   1139 N  N   . ILE A 1 144 ? -2.123  -11.961 8.088   1.00 11.66 ? 463 ILE A N   1 
ATOM   1140 C  CA  . ILE A 1 144 ? -0.967  -12.266 7.230   1.00 12.42 ? 463 ILE A CA  1 
ATOM   1141 C  C   . ILE A 1 144 ? 0.244   -11.521 7.816   1.00 11.84 ? 463 ILE A C   1 
ATOM   1142 O  O   . ILE A 1 144 ? 0.147   -10.344 8.141   1.00 10.89 ? 463 ILE A O   1 
ATOM   1143 C  CB  . ILE A 1 144 ? -1.320  -11.894 5.782   1.00 14.19 ? 463 ILE A CB  1 
ATOM   1144 C  CG1 . ILE A 1 144 ? -0.144  -12.233 4.872   1.00 15.76 ? 463 ILE A CG1 1 
ATOM   1145 C  CG2 . ILE A 1 144 ? -1.736  -10.432 5.694   1.00 15.16 ? 463 ILE A CG2 1 
ATOM   1146 C  CD1 . ILE A 1 144 ? -0.485  -12.331 3.415   1.00 17.98 ? 463 ILE A CD1 1 
ATOM   1147 N  N   . LEU A 1 145 ? 1.324   -12.250 8.056   1.00 12.19 ? 464 LEU A N   1 
ATOM   1148 C  CA  . LEU A 1 145 ? 2.535   -11.721 8.699   1.00 12.37 ? 464 LEU A CA  1 
ATOM   1149 C  C   . LEU A 1 145 ? 3.447   -11.177 7.614   1.00 14.16 ? 464 LEU A C   1 
ATOM   1150 O  O   . LEU A 1 145 ? 3.223   -11.375 6.422   1.00 14.57 ? 464 LEU A O   1 
ATOM   1151 C  CB  . LEU A 1 145 ? 3.195   -12.828 9.532   1.00 14.17 ? 464 LEU A CB  1 
ATOM   1152 C  CG  . LEU A 1 145 ? 2.378   -13.357 10.713  1.00 16.61 ? 464 LEU A CG  1 
ATOM   1153 C  CD1 . LEU A 1 145 ? 3.147   -14.442 11.462  1.00 18.78 ? 464 LEU A CD1 1 
ATOM   1154 C  CD2 . LEU A 1 145 ? 2.023   -12.258 11.693  1.00 17.87 ? 464 LEU A CD2 1 
ATOM   1155 N  N   . PRO A 1 146 ? 4.423   -10.354 8.019   1.00 13.60 ? 465 PRO A N   1 
ATOM   1156 C  CA  . PRO A 1 146 ? 5.383   -9.798  7.075   1.00 15.15 ? 465 PRO A CA  1 
ATOM   1157 C  C   . PRO A 1 146 ? 6.119   -10.805 6.181   1.00 17.58 ? 465 PRO A C   1 
ATOM   1158 O  O   . PRO A 1 146 ? 6.566   -10.384 5.138   1.00 19.71 ? 465 PRO A O   1 
ATOM   1159 C  CB  . PRO A 1 146 ? 6.327   -8.990  7.991   1.00 14.27 ? 465 PRO A CB  1 
ATOM   1160 C  CG  . PRO A 1 146 ? 5.554   -8.671  9.250   1.00 13.43 ? 465 PRO A CG  1 
ATOM   1161 C  CD  . PRO A 1 146 ? 4.565   -9.827  9.376   1.00 14.11 ? 465 PRO A CD  1 
ATOM   1162 N  N   . ASP A 1 147 ? 6.213   -12.085 6.575   1.00 17.09 ? 466 ASP A N   1 
ATOM   1163 C  CA  . ASP A 1 147 ? 6.808   -13.185 5.751   1.00 18.93 ? 466 ASP A CA  1 
ATOM   1164 C  C   . ASP A 1 147 ? 5.728   -13.807 4.841   1.00 18.48 ? 466 ASP A C   1 
ATOM   1165 O  O   . ASP A 1 147 ? 6.032   -14.831 4.180   1.00 19.12 ? 466 ASP A O   1 
ATOM   1166 C  CB  . ASP A 1 147 ? 7.540   -14.193 6.650   1.00 20.08 ? 466 ASP A CB  1 
ATOM   1167 C  CG  . ASP A 1 147 ? 6.658   -14.986 7.606   1.00 23.61 ? 466 ASP A CG  1 
ATOM   1168 O  OD1 . ASP A 1 147 ? 5.426   -14.746 7.588   1.00 21.20 ? 466 ASP A OD1 1 
ATOM   1169 O  OD2 . ASP A 1 147 ? 7.223   -15.839 8.382   1.00 25.25 ? 466 ASP A OD2 1 
ATOM   1170 N  N   . MET A 1 148 ? 4.509   -13.226 4.820   1.00 17.80 ? 467 MET A N   1 
ATOM   1171 C  CA  . MET A 1 148 ? 3.339   -13.610 3.982   1.00 18.54 ? 467 MET A CA  1 
ATOM   1172 C  C   . MET A 1 148 ? 2.776   -14.967 4.430   1.00 18.18 ? 467 MET A C   1 
ATOM   1173 O  O   . MET A 1 148 ? 1.964   -15.562 3.668   1.00 23.10 ? 467 MET A O   1 
ATOM   1174 C  CB  . MET A 1 148 ? 3.652   -13.634 2.476   1.00 21.14 ? 467 MET A CB  1 
ATOM   1175 C  CG  . MET A 1 148 ? 3.832   -12.208 1.849   1.00 19.98 ? 467 MET A CG  1 
ATOM   1176 S  SD  . MET A 1 148 ? 2.484   -10.966 1.967   1.00 28.40 ? 467 MET A SD  1 
ATOM   1177 N  N   . THR A 1 149 ? 3.118   -15.424 5.626   1.00 18.01 ? 468 THR A N   1 
ATOM   1178 C  CA  . THR A 1 149 ? 2.487   -16.628 6.216   1.00 17.29 ? 468 THR A CA  1 
ATOM   1179 C  C   . THR A 1 149 ? 1.232   -16.211 6.983   1.00 15.80 ? 468 THR A C   1 
ATOM   1180 O  O   . THR A 1 149 ? 1.116   -15.089 7.483   1.00 14.80 ? 468 THR A O   1 
ATOM   1181 C  CB  . THR A 1 149 ? 3.453   -17.426 7.108   1.00 18.22 ? 468 THR A CB  1 
ATOM   1182 O  OG1 . THR A 1 149 ? 3.810   -16.651 8.242   1.00 16.75 ? 468 THR A OG1 1 
ATOM   1183 C  CG2 . THR A 1 149 ? 4.731   -17.896 6.432   1.00 18.62 ? 468 THR A CG2 1 
ATOM   1184 N  N   . PRO A 1 150 ? 0.213   -17.086 7.058   1.00 15.24 ? 469 PRO A N   1 
ATOM   1185 C  CA  . PRO A 1 150 ? -0.988  -16.776 7.830   1.00 13.67 ? 469 PRO A CA  1 
ATOM   1186 C  C   . PRO A 1 150 ? -0.827  -16.907 9.345   1.00 13.02 ? 469 PRO A C   1 
ATOM   1187 O  O   . PRO A 1 150 ? -0.003  -17.707 9.863   1.00 13.20 ? 469 PRO A O   1 
ATOM   1188 C  CB  . PRO A 1 150 ? -2.001  -17.847 7.405   1.00 14.68 ? 469 PRO A CB  1 
ATOM   1189 C  CG  . PRO A 1 150 ? -1.119  -18.971 6.986   1.00 16.49 ? 469 PRO A CG  1 
ATOM   1190 C  CD  . PRO A 1 150 ? 0.093   -18.349 6.319   1.00 15.78 ? 469 PRO A CD  1 
ATOM   1191 N  N   . SER A 1 151 ? -1.576  -16.055 10.055  1.00 12.12 ? 470 SER A N   1 
ATOM   1192 C  CA  . SER A 1 151 ? -1.650  -16.076 11.523  1.00 12.06 ? 470 SER A CA  1 
ATOM   1193 C  C   . SER A 1 151 ? -3.101  -15.864 11.930  1.00 11.17 ? 470 SER A C   1 
ATOM   1194 O  O   . SER A 1 151 ? -3.714  -14.932 11.433  1.00 13.04 ? 470 SER A O   1 
ATOM   1195 C  CB  . SER A 1 151 ? -0.773  -15.019 12.135  1.00 13.09 ? 470 SER A CB  1 
ATOM   1196 O  OG  . SER A 1 151 ? -0.973  -14.977 13.548  1.00 12.10 ? 470 SER A OG  1 
ATOM   1197 N  N   . THR A 1 152 ? -3.585  -16.579 12.931  1.00 11.45 ? 471 THR A N   1 
ATOM   1198 C  CA  . THR A 1 152 ? -4.924  -16.359 13.522  1.00 11.64 ? 471 THR A CA  1 
ATOM   1199 C  C   . THR A 1 152 ? -4.838  -15.310 14.620  1.00 12.09 ? 471 THR A C   1 
ATOM   1200 O  O   . THR A 1 152 ? -5.892  -14.915 15.094  1.00 12.32 ? 471 THR A O   1 
ATOM   1201 C  CB  . THR A 1 152 ? -5.487  -17.663 14.083  1.00 13.54 ? 471 THR A CB  1 
ATOM   1202 O  OG1 . THR A 1 152 ? -4.683  -18.125 15.177  1.00 16.00 ? 471 THR A OG1 1 
ATOM   1203 C  CG2 . THR A 1 152 ? -5.578  -18.718 13.008  1.00 13.32 ? 471 THR A CG2 1 
ATOM   1204 N  N   . GLU A 1 153 ? -3.623  -14.900 15.002  1.00 12.36 ? 472 GLU A N   1 
ATOM   1205 C  CA  . GLU A 1 153 ? -3.453  -14.076 16.212  1.00 12.74 ? 472 GLU A CA  1 
ATOM   1206 C  C   . GLU A 1 153 ? -2.880  -12.708 15.897  1.00 11.10 ? 472 GLU A C   1 
ATOM   1207 O  O   . GLU A 1 153 ? -3.165  -11.804 16.667  1.00 11.10 ? 472 GLU A O   1 
ATOM   1208 C  CB  . GLU A 1 153 ? -2.596  -14.799 17.245  1.00 14.40 ? 472 GLU A CB  1 
ATOM   1209 C  CG  . GLU A 1 153 ? -3.244  -16.119 17.578  1.00 16.56 ? 472 GLU A CG  1 
ATOM   1210 C  CD  . GLU A 1 153 ? -2.590  -16.934 18.663  1.00 20.35 ? 472 GLU A CD  1 
ATOM   1211 O  OE1 . GLU A 1 153 ? -1.504  -16.497 19.127  1.00 20.31 ? 472 GLU A OE1 1 
ATOM   1212 O  OE2 . GLU A 1 153 ? -3.240  -17.969 19.073  1.00 21.98 ? 472 GLU A OE2 1 
ATOM   1213 N  N   . MET A 1 154 ? -2.058  -12.588 14.863  1.00 10.47 ? 473 MET A N   1 
ATOM   1214 C  CA  . MET A 1 154 ? -1.393  -11.303 14.564  1.00 10.13 ? 473 MET A CA  1 
ATOM   1215 C  C   . MET A 1 154 ? -1.480  -11.063 13.054  1.00 9.13  ? 473 MET A C   1 
ATOM   1216 O  O   . MET A 1 154 ? -1.714  -12.003 12.282  1.00 8.79  ? 473 MET A O   1 
ATOM   1217 C  CB  . MET A 1 154 ? 0.080   -11.299 14.974  1.00 10.61 ? 473 MET A CB  1 
ATOM   1218 C  CG  . MET A 1 154 ? 0.313   -11.472 16.477  1.00 11.97 ? 473 MET A CG  1 
ATOM   1219 S  SD  . MET A 1 154 ? 0.015   -9.994  17.447  1.00 15.21 ? 473 MET A SD  1 
ATOM   1220 C  CE  . MET A 1 154 ? 1.344   -8.925  16.890  1.00 14.74 ? 473 MET A CE  1 
ATOM   1221 N  N   . SER A 1 155 ? -1.272  -9.825  12.640  1.00 8.49  ? 474 SER A N   1 
ATOM   1222 C  CA  . SER A 1 155 ? -1.293  -9.502  11.207  1.00 8.89  ? 474 SER A CA  1 
ATOM   1223 C  C   . SER A 1 155 ? -0.519  -8.227  10.968  1.00 8.67  ? 474 SER A C   1 
ATOM   1224 O  O   . SER A 1 155 ? -0.465  -7.400  11.878  1.00 9.46  ? 474 SER A O   1 
ATOM   1225 C  CB  . SER A 1 155 ? -2.689  -9.361  10.741  1.00 9.00  ? 474 SER A CB  1 
ATOM   1226 O  OG  . SER A 1 155 ? -2.753  -9.342  9.296   1.00 8.44  ? 474 SER A OG  1 
ATOM   1227 N  N   . LEU A 1 156 ? -0.100  -8.021  9.735   1.00 8.50  ? 475 LEU A N   1 
ATOM   1228 C  CA  . LEU A 1 156 ? 0.267   -6.653  9.276   1.00 8.98  ? 475 LEU A CA  1 
ATOM   1229 C  C   . LEU A 1 156 ? -0.851  -5.684  9.634   1.00 8.97  ? 475 LEU A C   1 
ATOM   1230 O  O   . LEU A 1 156 ? -2.036  -6.040  9.550   1.00 8.92  ? 475 LEU A O   1 
ATOM   1231 C  CB  . LEU A 1 156 ? 0.524   -6.657  7.777   1.00 9.00  ? 475 LEU A CB  1 
ATOM   1232 C  CG  . LEU A 1 156 ? 1.824   -7.314  7.368   1.00 9.20  ? 475 LEU A CG  1 
ATOM   1233 C  CD1 . LEU A 1 156 ? 1.752   -7.761  5.927   1.00 9.97  ? 475 LEU A CD1 1 
ATOM   1234 C  CD2 . LEU A 1 156 ? 2.962   -6.336  7.607   1.00 9.38  ? 475 LEU A CD2 1 
ATOM   1235 N  N   . ARG A 1 157 ? -0.434  -4.537  10.148  1.00 8.73  ? 476 ARG A N   1 
ATOM   1236 C  CA  . ARG A 1 157 ? -1.329  -3.514  10.684  1.00 8.81  ? 476 ARG A CA  1 
ATOM   1237 C  C   . ARG A 1 157 ? -2.412  -3.187  9.658   1.00 8.78  ? 476 ARG A C   1 
ATOM   1238 O  O   . ARG A 1 157 ? -2.076  -2.753  8.547   1.00 8.64  ? 476 ARG A O   1 
ATOM   1239 C  CB  . ARG A 1 157 ? -0.465  -2.314  11.066  1.00 9.69  ? 476 ARG A CB  1 
ATOM   1240 C  CG  . ARG A 1 157 ? -1.296  -1.112  11.447  1.00 10.78 ? 476 ARG A CG  1 
ATOM   1241 C  CD  . ARG A 1 157 ? -0.422  0.006   11.964  1.00 12.04 ? 476 ARG A CD  1 
ATOM   1242 N  NE  . ARG A 1 157 ? 0.669   0.326   11.040  1.00 12.06 ? 476 ARG A NE  1 
ATOM   1243 C  CZ  . ARG A 1 157 ? 0.537   0.995   9.922   1.00 11.05 ? 476 ARG A CZ  1 
ATOM   1244 N  NH1 . ARG A 1 157 ? -0.637  1.495   9.562   1.00 12.76 ? 476 ARG A NH1 1 
ATOM   1245 N  NH2 . ARG A 1 157 ? 1.597   1.211   9.175   1.00 10.31 ? 476 ARG A NH2 1 
ATOM   1246 N  N   . GLY A 1 158 ? -3.687  -3.317  10.064  1.00 8.26  ? 477 GLY A N   1 
ATOM   1247 C  CA  . GLY A 1 158 ? -4.847  -2.906  9.252   1.00 9.27  ? 477 GLY A CA  1 
ATOM   1248 C  C   . GLY A 1 158 ? -5.183  -3.924  8.173   1.00 10.03 ? 477 GLY A C   1 
ATOM   1249 O  O   . GLY A 1 158 ? -6.220  -3.730  7.571   1.00 12.83 ? 477 GLY A O   1 
ATOM   1250 N  N   . ILE A 1 159 ? -4.409  -5.001  8.018   1.00 9.40  ? 478 ILE A N   1 
ATOM   1251 C  CA  A ILE A 1 159 ? -4.624  -5.947  6.895   0.50 9.37  ? 478 ILE A CA  1 
ATOM   1252 C  CA  B ILE A 1 159 ? -4.553  -5.976  6.890   0.50 10.00 ? 478 ILE A CA  1 
ATOM   1253 C  C   . ILE A 1 159 ? -5.236  -7.268  7.379   1.00 10.17 ? 478 ILE A C   1 
ATOM   1254 O  O   . ILE A 1 159 ? -4.784  -7.836  8.408   1.00 9.49  ? 478 ILE A O   1 
ATOM   1255 C  CB  A ILE A 1 159 ? -3.317  -6.111  6.128   0.50 9.37  ? 478 ILE A CB  1 
ATOM   1256 C  CB  B ILE A 1 159 ? -3.211  -6.333  6.220   0.50 10.98 ? 478 ILE A CB  1 
ATOM   1257 C  CG1 A ILE A 1 159 ? -2.876  -4.720  5.660   0.50 8.89  ? 478 ILE A CG1 1 
ATOM   1258 C  CG1 B ILE A 1 159 ? -2.355  -5.121  5.826   0.50 11.89 ? 478 ILE A CG1 1 
ATOM   1259 C  CG2 A ILE A 1 159 ? -3.473  -7.115  4.990   0.50 9.48  ? 478 ILE A CG2 1 
ATOM   1260 C  CG2 B ILE A 1 159 ? -3.454  -7.263  5.031   0.50 11.01 ? 478 ILE A CG2 1 
ATOM   1261 C  CD1 A ILE A 1 159 ? -1.603  -4.700  4.892   0.50 9.13  ? 478 ILE A CD1 1 
ATOM   1262 C  CD1 B ILE A 1 159 ? -3.104  -3.921  5.388   0.50 12.58 ? 478 ILE A CD1 1 
ATOM   1263 N  N   . ARG A 1 160 ? -6.211  -7.756  6.629   1.00 10.46 ? 479 ARG A N   1 
ATOM   1264 C  CA  . ARG A 1 160 ? -6.820  -9.071  6.906   1.00 10.41 ? 479 ARG A CA  1 
ATOM   1265 C  C   . ARG A 1 160 ? -7.073  -9.732  5.569   1.00 11.07 ? 479 ARG A C   1 
ATOM   1266 O  O   . ARG A 1 160 ? -7.307  -9.014  4.617   1.00 10.31 ? 479 ARG A O   1 
ATOM   1267 C  CB  . ARG A 1 160 ? -8.155  -8.965  7.655   1.00 11.52 ? 479 ARG A CB  1 
ATOM   1268 C  CG  . ARG A 1 160 ? -8.131  -8.190  8.968   1.00 11.27 ? 479 ARG A CG  1 
ATOM   1269 C  CD  . ARG A 1 160 ? -7.378  -8.830  10.121  1.00 11.68 ? 479 ARG A CD  1 
ATOM   1270 N  NE  . ARG A 1 160 ? -7.472  -8.017  11.321  1.00 12.24 ? 479 ARG A NE  1 
ATOM   1271 C  CZ  . ARG A 1 160 ? -6.616  -7.054  11.706  1.00 12.91 ? 479 ARG A CZ  1 
ATOM   1272 N  NH1 . ARG A 1 160 ? -5.551  -6.769  10.988  1.00 12.16 ? 479 ARG A NH1 1 
ATOM   1273 N  NH2 . ARG A 1 160 ? -6.843  -6.361  12.804  1.00 15.12 ? 479 ARG A NH2 1 
ATOM   1274 N  N   . VAL A 1 161 ? -6.985  -11.045 5.538   1.00 10.29 ? 480 VAL A N   1 
ATOM   1275 C  CA  . VAL A 1 161 ? -7.233  -11.882 4.349   1.00 10.84 ? 480 VAL A CA  1 
ATOM   1276 C  C   . VAL A 1 161 ? -8.577  -12.545 4.576   1.00 11.03 ? 480 VAL A C   1 
ATOM   1277 O  O   . VAL A 1 161 ? -8.760  -13.179 5.587   1.00 10.58 ? 480 VAL A O   1 
ATOM   1278 C  CB  . VAL A 1 161 ? -6.091  -12.888 4.126   1.00 11.21 ? 480 VAL A CB  1 
ATOM   1279 C  CG1 . VAL A 1 161 ? -6.431  -13.881 3.032   1.00 12.69 ? 480 VAL A CG1 1 
ATOM   1280 C  CG2 . VAL A 1 161 ? -4.735  -12.247 3.846   1.00 10.98 ? 480 VAL A CG2 1 
ATOM   1281 N  N   . SER A 1 162 ? -9.476  -12.428 3.613   1.00 10.65 ? 481 SER A N   1 
ATOM   1282 C  CA  . SER A 1 162 ? -10.718 -13.224 3.622   1.00 11.61 ? 481 SER A CA  1 
ATOM   1283 C  C   . SER A 1 162 ? -10.378 -14.587 3.005   1.00 13.12 ? 481 SER A C   1 
ATOM   1284 O  O   . SER A 1 162 ? -10.031 -14.571 1.830   1.00 14.31 ? 481 SER A O   1 
ATOM   1285 C  CB  . SER A 1 162 ? -11.811 -12.506 2.895   1.00 10.85 ? 481 SER A CB  1 
ATOM   1286 O  OG  . SER A 1 162 ? -12.995 -13.260 2.904   1.00 12.39 ? 481 SER A OG  1 
ATOM   1287 N  N   . LYS A 1 163 ? -10.440 -15.675 3.778   1.00 15.31 ? 482 LYS A N   1 
ATOM   1288 C  CA  . LYS A 1 163 ? -9.948  -17.031 3.397   1.00 18.54 ? 482 LYS A CA  1 
ATOM   1289 C  C   . LYS A 1 163 ? -10.682 -17.544 2.163   1.00 19.70 ? 482 LYS A C   1 
ATOM   1290 O  O   . LYS A 1 163 ? -11.920 -17.481 2.191   1.00 21.91 ? 482 LYS A O   1 
ATOM   1291 C  CB  . LYS A 1 163 ? -10.234 -18.018 4.537   1.00 19.43 ? 482 LYS A CB  1 
ATOM   1292 N  N   . MET A 1 164 ? -9.948  -18.057 1.167   1.00 24.16 ? 483 MET A N   1 
ATOM   1293 C  CA  . MET A 1 164 ? -10.517 -18.700 -0.052  1.00 29.10 ? 483 MET A CA  1 
ATOM   1294 C  C   . MET A 1 164 ? -11.462 -19.828 0.390   1.00 31.87 ? 483 MET A C   1 
ATOM   1295 O  O   . MET A 1 164 ? -12.574 -19.969 -0.118  1.00 33.12 ? 483 MET A O   1 
HETATM 1296 C  C1  . 21G B 2 .   ? -4.522  8.543   -4.496  1.00 11.45 ? 501 21G A C1  1 
HETATM 1297 C  C2  . 21G B 2 .   ? -3.700  8.255   -3.408  1.00 10.92 ? 501 21G A C2  1 
HETATM 1298 C  C3  . 21G B 2 .   ? -4.169  8.266   -2.100  1.00 11.10 ? 501 21G A C3  1 
HETATM 1299 C  C5  . 21G B 2 .   ? -6.224  8.867   -2.832  1.00 9.19  ? 501 21G A C5  1 
HETATM 1300 C  C6  . 21G B 2 .   ? -5.815  8.866   -4.179  1.00 10.27 ? 501 21G A C6  1 
HETATM 1301 C  C7  . 21G B 2 .   ? -6.943  9.215   -4.922  1.00 10.81 ? 501 21G A C7  1 
HETATM 1302 N  N4  . 21G B 2 .   ? -5.438  8.597   -1.808  1.00 9.52  ? 501 21G A N4  1 
HETATM 1303 C  C8  . 21G B 2 .   ? -7.962  9.443   -3.994  1.00 10.57 ? 501 21G A C8  1 
HETATM 1304 N  N9  . 21G B 2 .   ? -7.485  9.237   -2.729  1.00 10.29 ? 501 21G A N9  1 
HETATM 1305 C  C11 . 21G B 2 .   ? -7.061  9.365   -6.308  1.00 12.30 ? 501 21G A C11 1 
HETATM 1306 N  N12 . 21G B 2 .   ? -8.285  9.653   -6.784  1.00 14.95 ? 501 21G A N12 1 
HETATM 1307 C  C13 . 21G B 2 .   ? -8.373  9.726   -8.161  1.00 16.93 ? 501 21G A C13 1 
HETATM 1308 C  C14 . 21G B 2 .   ? -7.275  9.499   -8.965  1.00 16.18 ? 501 21G A C14 1 
HETATM 1309 C  C15 . 21G B 2 .   ? -6.090  9.147   -8.401  1.00 14.61 ? 501 21G A C15 1 
HETATM 1310 N  N16 . 21G B 2 .   ? -6.007  9.138   -7.080  1.00 12.22 ? 501 21G A N16 1 
HETATM 1311 N  N17 . 21G B 2 .   ? -4.980  8.948   -9.161  1.00 14.70 ? 501 21G A N17 1 
HETATM 1312 C  C18 . 21G B 2 .   ? -3.676  8.778   -8.549  1.00 15.74 ? 501 21G A C18 1 
HETATM 1313 C  C20 . 21G B 2 .   ? -2.604  9.123   -9.593  1.00 17.08 ? 501 21G A C20 1 
HETATM 1314 C  C22 . 21G B 2 .   ? -1.539  8.018   -9.584  1.00 16.25 ? 501 21G A C22 1 
HETATM 1315 C  C23 . 21G B 2 .   ? -2.161  6.757   -10.126 1.00 14.82 ? 501 21G A C23 1 
HETATM 1316 C  C24 . 21G B 2 .   ? -3.443  6.439   -9.368  1.00 15.23 ? 501 21G A C24 1 
HETATM 1317 C  C25 . 21G B 2 .   ? -3.483  7.321   -8.116  1.00 16.24 ? 501 21G A C25 1 
HETATM 1318 C  C26 . 21G B 2 .   ? -2.175  7.269   -7.287  1.00 16.77 ? 501 21G A C26 1 
HETATM 1319 C  C27 . 21G B 2 .   ? -1.035  7.759   -8.143  1.00 16.39 ? 501 21G A C27 1 
HETATM 1320 C  C28 . 21G B 2 .   ? -1.902  10.393  -9.330  1.00 20.85 ? 501 21G A C28 1 
HETATM 1321 O  O29 . 21G B 2 .   ? -2.164  11.178  -8.438  1.00 24.75 ? 501 21G A O29 1 
HETATM 1322 O  O30 . 21G B 2 .   ? -0.902  10.654  -10.144 1.00 22.47 ? 501 21G A O30 1 
HETATM 1323 F  F31 . 21G B 2 .   ? -7.313  9.542   -10.315 1.00 19.49 ? 501 21G A F31 1 
HETATM 1324 F  F32 . 21G B 2 .   ? -2.425  7.888   -3.651  1.00 12.10 ? 501 21G A F32 1 
HETATM 1325 BR BR  . BR  C 3 .   ? 4.516   -10.869 17.991  1.00 17.60 ? 502 BR  A BR  1 
HETATM 1326 BR BR  . BR  D 3 .   ? 1.749   12.035  -7.049  0.60 17.63 ? 503 BR  A BR  1 
HETATM 1327 O  O   . HOH E 4 .   ? 12.429  10.949  -10.320 1.00 34.82 ? 601 HOH A O   1 
HETATM 1328 O  O   . HOH E 4 .   ? -14.720 -3.419  4.564   1.00 28.38 ? 602 HOH A O   1 
HETATM 1329 O  O   . HOH E 4 .   ? -17.288 2.678   0.989   0.50 24.61 ? 603 HOH A O   1 
HETATM 1330 O  O   . HOH E 4 .   ? 1.383   -11.289 -8.261  1.00 37.41 ? 604 HOH A O   1 
HETATM 1331 O  O   . HOH E 4 .   ? 6.858   -15.744 0.756   0.50 44.51 ? 605 HOH A O   1 
HETATM 1332 O  O   . HOH E 4 .   ? -15.263 -2.941  7.209   1.00 26.77 ? 606 HOH A O   1 
HETATM 1333 O  O   . HOH E 4 .   ? 23.479  5.415   -8.581  1.00 25.50 ? 607 HOH A O   1 
HETATM 1334 O  O   . HOH E 4 .   ? 1.763   -18.316 2.662   0.50 20.74 ? 608 HOH A O   1 
HETATM 1335 O  O   . HOH E 4 .   ? 1.089   12.840  -9.293  1.00 34.44 ? 609 HOH A O   1 
HETATM 1336 O  O   . HOH E 4 .   ? -3.729  12.553  -7.266  1.00 27.63 ? 610 HOH A O   1 
HETATM 1337 O  O   . HOH E 4 .   ? -16.513 13.251  2.208   0.50 28.66 ? 611 HOH A O   1 
HETATM 1338 O  O   . HOH E 4 .   ? -14.307 -0.392  8.392   1.00 38.02 ? 612 HOH A O   1 
HETATM 1339 O  O   . HOH E 4 .   ? 11.934  19.780  0.371   0.50 19.73 ? 613 HOH A O   1 
HETATM 1340 O  O   . HOH E 4 .   ? -8.079  -7.571  19.024  1.00 37.23 ? 614 HOH A O   1 
HETATM 1341 O  O   . HOH E 4 .   ? -17.062 -1.409  0.111   0.50 20.30 ? 615 HOH A O   1 
HETATM 1342 O  O   . HOH E 4 .   ? 1.120   -5.065  -9.467  1.00 22.11 ? 616 HOH A O   1 
HETATM 1343 O  O   . HOH E 4 .   ? 6.904   10.631  4.722   1.00 20.67 ? 617 HOH A O   1 
HETATM 1344 O  O   . HOH E 4 .   ? 9.585   12.183  -8.990  1.00 24.79 ? 618 HOH A O   1 
HETATM 1345 O  O   . HOH E 4 .   ? 6.068   16.239  3.863   1.00 35.13 ? 619 HOH A O   1 
HETATM 1346 O  O   . HOH E 4 .   ? 8.946   -10.048 4.206   0.50 20.09 ? 620 HOH A O   1 
HETATM 1347 O  O   . HOH E 4 .   ? -13.601 -17.085 4.136   0.50 11.10 ? 621 HOH A O   1 
HETATM 1348 O  O   . HOH E 4 .   ? -8.354  -15.265 13.960  1.00 14.71 ? 622 HOH A O   1 
HETATM 1349 O  O   . HOH E 4 .   ? -6.300  15.444  6.387   1.00 21.26 ? 623 HOH A O   1 
HETATM 1350 O  O   . HOH E 4 .   ? -1.769  -1.516  15.263  1.00 32.77 ? 624 HOH A O   1 
HETATM 1351 O  O   . HOH E 4 .   ? -7.911  9.336   1.880   1.00 18.90 ? 625 HOH A O   1 
HETATM 1352 O  O   . HOH E 4 .   ? -9.695  -13.741 -12.750 0.50 25.87 ? 626 HOH A O   1 
HETATM 1353 O  O   . HOH E 4 .   ? -12.071 -2.232  4.241   1.00 23.91 ? 627 HOH A O   1 
HETATM 1354 O  O   . HOH E 4 .   ? 12.957  -0.813  0.053   1.00 11.12 ? 628 HOH A O   1 
HETATM 1355 O  O   . HOH E 4 .   ? -14.293 -8.329  16.388  1.00 35.94 ? 629 HOH A O   1 
HETATM 1356 O  O   . HOH E 4 .   ? 12.682  -2.662  -3.307  1.00 14.09 ? 630 HOH A O   1 
HETATM 1357 O  O   . HOH E 4 .   ? 0.845   -15.925 -7.987  1.00 38.95 ? 631 HOH A O   1 
HETATM 1358 O  O   . HOH E 4 .   ? 11.079  -3.010  0.476   1.00 11.42 ? 632 HOH A O   1 
HETATM 1359 O  O   . HOH E 4 .   ? -6.834  -2.312  -14.168 1.00 31.49 ? 633 HOH A O   1 
HETATM 1360 O  O   . HOH E 4 .   ? 7.743   -3.200  12.107  1.00 21.19 ? 634 HOH A O   1 
HETATM 1361 O  O   . HOH E 4 .   ? -3.421  1.436   10.572  1.00 18.43 ? 635 HOH A O   1 
HETATM 1362 O  O   . HOH E 4 .   ? -12.130 13.796  -4.314  0.50 16.32 ? 636 HOH A O   1 
HETATM 1363 O  O   . HOH E 4 .   ? -10.031 -10.831 -8.337  0.50 14.00 ? 637 HOH A O   1 
HETATM 1364 O  O   . HOH E 4 .   ? -12.648 -1.480  -8.156  1.00 15.43 ? 638 HOH A O   1 
HETATM 1365 O  O   . HOH E 4 .   ? -3.384  10.130  1.704   1.00 10.03 ? 639 HOH A O   1 
HETATM 1366 O  O   . HOH E 4 .   ? -17.322 -13.442 10.615  1.00 23.19 ? 640 HOH A O   1 
HETATM 1367 O  O   . HOH E 4 .   ? -15.516 -13.401 7.041   1.00 18.30 ? 641 HOH A O   1 
HETATM 1368 O  O   . HOH E 4 .   ? -4.730  20.352  5.377   1.00 20.98 ? 642 HOH A O   1 
HETATM 1369 O  O   . HOH E 4 .   ? -17.499 -2.765  2.432   1.00 25.00 ? 643 HOH A O   1 
HETATM 1370 O  O   . HOH E 4 .   ? -7.294  -13.631 17.108  1.00 14.49 ? 644 HOH A O   1 
HETATM 1371 O  O   . HOH E 4 .   ? 14.863  5.153   -5.009  1.00 13.39 ? 645 HOH A O   1 
HETATM 1372 O  O   . HOH E 4 .   ? 15.084  -0.930  7.852   0.50 17.67 ? 646 HOH A O   1 
HETATM 1373 O  O   . HOH E 4 .   ? -14.241 -11.292 16.764  1.00 34.66 ? 647 HOH A O   1 
HETATM 1374 O  O   . HOH E 4 .   ? 13.766  12.665  -6.339  1.00 29.58 ? 648 HOH A O   1 
HETATM 1375 O  O   . HOH E 4 .   ? -5.671  -11.610 19.418  1.00 22.15 ? 649 HOH A O   1 
HETATM 1376 O  O   . HOH E 4 .   ? 13.203  3.119   7.511   0.50 22.98 ? 650 HOH A O   1 
HETATM 1377 O  O   . HOH E 4 .   ? 3.258   15.455  -7.777  0.50 21.14 ? 651 HOH A O   1 
HETATM 1378 O  O   . HOH E 4 .   ? 16.943  -0.552  -9.176  1.00 35.41 ? 652 HOH A O   1 
HETATM 1379 O  O   . HOH E 4 .   ? 6.445   -16.542 10.913  1.00 16.80 ? 653 HOH A O   1 
HETATM 1380 O  O   . HOH E 4 .   ? -1.066  11.088  -5.468  1.00 22.15 ? 654 HOH A O   1 
HETATM 1381 O  O   . HOH E 4 .   ? -1.166  16.201  4.498   1.00 26.30 ? 655 HOH A O   1 
HETATM 1382 O  O   . HOH E 4 .   ? -10.909 16.406  2.904   1.00 17.60 ? 656 HOH A O   1 
HETATM 1383 O  O   . HOH E 4 .   ? 4.611   1.366   -13.288 1.00 27.84 ? 657 HOH A O   1 
HETATM 1384 O  O   . HOH E 4 .   ? -1.706  10.234  9.014   1.00 14.91 ? 658 HOH A O   1 
HETATM 1385 O  O   . HOH E 4 .   ? -4.977  -7.563  -12.579 1.00 29.40 ? 659 HOH A O   1 
HETATM 1386 O  O   . HOH E 4 .   ? 16.260  2.450   -4.808  1.00 19.09 ? 660 HOH A O   1 
HETATM 1387 O  O   . HOH E 4 .   ? 8.551   1.809   10.531  1.00 32.05 ? 661 HOH A O   1 
HETATM 1388 O  O   . HOH E 4 .   ? 3.289   5.424   8.700   1.00 15.23 ? 662 HOH A O   1 
HETATM 1389 O  O   . HOH E 4 .   ? -14.593 -14.484 4.818   1.00 14.84 ? 663 HOH A O   1 
HETATM 1390 O  O   . HOH E 4 .   ? 10.078  2.597   7.198   1.00 17.62 ? 664 HOH A O   1 
HETATM 1391 O  O   . HOH E 4 .   ? 10.785  -8.300  -7.947  1.00 17.96 ? 665 HOH A O   1 
HETATM 1392 O  O   . HOH E 4 .   ? 2.439   14.719  5.406   1.00 22.15 ? 666 HOH A O   1 
HETATM 1393 O  O   . HOH E 4 .   ? 7.570   5.861   9.877   1.00 34.29 ? 667 HOH A O   1 
HETATM 1394 O  O   . HOH E 4 .   ? -12.941 16.382  1.015   1.00 22.00 ? 668 HOH A O   1 
HETATM 1395 O  O   . HOH E 4 .   ? -2.594  -9.987  -7.417  1.00 16.33 ? 669 HOH A O   1 
HETATM 1396 O  O   . HOH E 4 .   ? -10.892 9.084   -5.962  0.50 13.19 ? 670 HOH A O   1 
HETATM 1397 O  O   . HOH E 4 .   ? 13.424  2.173   -7.372  1.00 13.11 ? 671 HOH A O   1 
HETATM 1398 O  O   . HOH E 4 .   ? 11.215  3.177   -9.121  1.00 18.20 ? 672 HOH A O   1 
HETATM 1399 O  O   . HOH E 4 .   ? 16.145  12.806  -16.869 1.00 32.04 ? 673 HOH A O   1 
HETATM 1400 O  O   . HOH E 4 .   ? 5.889   -5.263  10.183  1.00 15.26 ? 674 HOH A O   1 
HETATM 1401 O  O   . HOH E 4 .   ? -3.428  -12.271 19.432  1.00 19.15 ? 675 HOH A O   1 
HETATM 1402 O  O   . HOH E 4 .   ? 4.297   -17.955 10.695  1.00 23.12 ? 676 HOH A O   1 
HETATM 1403 O  O   . HOH E 4 .   ? -0.136  5.019   10.334  1.00 25.29 ? 677 HOH A O   1 
HETATM 1404 O  O   . HOH E 4 .   ? 1.735   8.542   7.567   1.00 11.69 ? 678 HOH A O   1 
HETATM 1405 O  O   . HOH E 4 .   ? 5.973   13.913  -17.650 1.00 21.57 ? 679 HOH A O   1 
HETATM 1406 O  O   . HOH E 4 .   ? -16.704 -0.808  -6.663  1.00 25.24 ? 680 HOH A O   1 
HETATM 1407 O  O   . HOH E 4 .   ? -0.548  -20.743 -7.197  1.00 33.71 ? 681 HOH A O   1 
HETATM 1408 O  O   . HOH E 4 .   ? -8.040  -16.753 11.526  1.00 23.84 ? 682 HOH A O   1 
HETATM 1409 O  O   . HOH E 4 .   ? 4.952   1.479   11.304  1.00 21.72 ? 683 HOH A O   1 
HETATM 1410 O  O   . HOH E 4 .   ? -9.185  -7.403  14.395  1.00 23.63 ? 684 HOH A O   1 
HETATM 1411 O  O   . HOH E 4 .   ? 1.440   -14.989 15.043  1.00 23.98 ? 685 HOH A O   1 
HETATM 1412 O  O   . HOH E 4 .   ? -4.478  -9.402  -9.354  1.00 13.46 ? 686 HOH A O   1 
HETATM 1413 O  O   . HOH E 4 .   ? -4.724  -0.712  12.770  1.00 30.49 ? 687 HOH A O   1 
HETATM 1414 O  O   . HOH E 4 .   ? -9.403  -10.918 11.998  0.50 17.68 ? 688 HOH A O   1 
HETATM 1415 O  O   . HOH E 4 .   ? 6.494   0.113   5.857   1.00 14.99 ? 689 HOH A O   1 
HETATM 1416 O  O   . HOH E 4 .   ? 16.349  7.203   6.595   1.00 25.98 ? 690 HOH A O   1 
HETATM 1417 O  O   . HOH E 4 .   ? -13.668 6.460   -8.201  1.00 33.16 ? 691 HOH A O   1 
HETATM 1418 O  O   . HOH E 4 .   ? -20.834 3.290   -3.403  1.00 25.59 ? 692 HOH A O   1 
HETATM 1419 O  O   . HOH E 4 .   ? -7.497  -4.440  -13.208 0.50 24.04 ? 693 HOH A O   1 
HETATM 1420 O  O   . HOH E 4 .   ? 1.935   11.809  -13.441 0.50 20.96 ? 694 HOH A O   1 
HETATM 1421 O  O   . HOH E 4 .   ? 10.494  16.924  2.915   1.00 24.44 ? 695 HOH A O   1 
HETATM 1422 O  O   . HOH E 4 .   ? 0.960   -1.916  14.604  1.00 25.29 ? 696 HOH A O   1 
HETATM 1423 O  O   . HOH E 4 .   ? 8.641   14.342  -7.371  1.00 22.89 ? 697 HOH A O   1 
HETATM 1424 O  O   . HOH E 4 .   ? 4.247   12.402  -14.772 1.00 19.48 ? 698 HOH A O   1 
HETATM 1425 O  O   . HOH E 4 .   ? 4.067   -0.811  -11.700 1.00 31.88 ? 699 HOH A O   1 
HETATM 1426 O  O   . HOH E 4 .   ? 6.175   20.308  1.418   1.00 22.86 ? 700 HOH A O   1 
HETATM 1427 O  O   . HOH E 4 .   ? -9.858  -9.217  12.502  0.50 21.38 ? 701 HOH A O   1 
HETATM 1428 O  O   . HOH E 4 .   ? 14.522  9.466   5.777   1.00 35.97 ? 702 HOH A O   1 
HETATM 1429 O  O   . HOH E 4 .   ? -9.758  -13.544 12.282  1.00 17.24 ? 703 HOH A O   1 
HETATM 1430 O  O   . HOH E 4 .   ? -13.193 13.161  3.971   1.00 25.40 ? 704 HOH A O   1 
HETATM 1431 O  O   . HOH E 4 .   ? 19.264  -0.377  -5.161  1.00 25.92 ? 705 HOH A O   1 
HETATM 1432 O  O   . HOH E 4 .   ? -5.426  -18.016 -12.245 1.00 35.21 ? 706 HOH A O   1 
HETATM 1433 O  O   . HOH E 4 .   ? 17.222  -1.898  5.646   0.50 16.40 ? 707 HOH A O   1 
HETATM 1434 O  O   . HOH E 4 .   ? -1.777  -18.609 14.104  1.00 23.46 ? 708 HOH A O   1 
HETATM 1435 O  O   . HOH E 4 .   ? -13.380 14.221  -3.255  1.00 23.41 ? 709 HOH A O   1 
HETATM 1436 O  O   . HOH E 4 .   ? -0.974  -15.871 3.920   1.00 29.17 ? 710 HOH A O   1 
HETATM 1437 O  O   . HOH E 4 .   ? 13.576  -5.154  0.797   1.00 19.90 ? 711 HOH A O   1 
HETATM 1438 O  O   . HOH E 4 .   ? 9.260   -8.658  -3.156  1.00 33.33 ? 712 HOH A O   1 
HETATM 1439 O  O   . HOH E 4 .   ? -7.887  -15.266 -0.108  1.00 18.27 ? 713 HOH A O   1 
HETATM 1440 O  O   . HOH E 4 .   ? -19.473 9.552   0.226   1.00 31.53 ? 714 HOH A O   1 
HETATM 1441 O  O   . HOH E 4 .   ? -16.970 -13.535 13.432  0.50 12.95 ? 715 HOH A O   1 
HETATM 1442 O  O   . HOH E 4 .   ? 8.845   13.194  4.836   1.00 24.18 ? 716 HOH A O   1 
HETATM 1443 O  O   . HOH E 4 .   ? 6.418   13.805  5.379   1.00 25.18 ? 717 HOH A O   1 
HETATM 1444 O  O   . HOH E 4 .   ? -15.334 11.501  3.843   1.00 27.11 ? 718 HOH A O   1 
HETATM 1445 O  O   . HOH E 4 .   ? 2.578   -2.341  -12.132 0.50 18.03 ? 719 HOH A O   1 
HETATM 1446 O  O   . HOH E 4 .   ? -1.059  22.057  -1.912  1.00 32.36 ? 720 HOH A O   1 
HETATM 1447 O  O   . HOH E 4 .   ? 11.205  14.543  -11.931 1.00 35.62 ? 721 HOH A O   1 
HETATM 1448 O  O   . HOH E 4 .   ? -3.075  -15.018 5.348   0.50 12.84 ? 722 HOH A O   1 
HETATM 1449 O  O   . HOH E 4 .   ? 1.146   -16.232 17.665  1.00 20.41 ? 723 HOH A O   1 
HETATM 1450 O  O   . HOH E 4 .   ? -12.113 5.494   5.692   1.00 27.42 ? 724 HOH A O   1 
HETATM 1451 O  O   . HOH E 4 .   ? -14.881 6.907   3.438   1.00 34.76 ? 725 HOH A O   1 
HETATM 1452 O  O   . HOH E 4 .   ? 2.963   0.328   13.095  0.50 17.81 ? 726 HOH A O   1 
HETATM 1453 O  O   . HOH E 4 .   ? -5.228  8.452   -12.202 1.00 31.76 ? 727 HOH A O   1 
HETATM 1454 O  O   . HOH E 4 .   ? -8.258  -4.560  9.749   1.00 24.81 ? 728 HOH A O   1 
HETATM 1455 O  O   . HOH E 4 .   ? 6.999   -12.323 9.565   1.00 25.72 ? 729 HOH A O   1 
HETATM 1456 O  O   . HOH E 4 .   ? -7.154  -15.716 -10.714 1.00 32.76 ? 730 HOH A O   1 
HETATM 1457 O  O   . HOH E 4 .   ? -10.119 11.875  -5.621  0.50 16.62 ? 731 HOH A O   1 
HETATM 1458 O  O   . HOH E 4 .   ? 11.493  11.691  -12.862 1.00 34.18 ? 732 HOH A O   1 
HETATM 1459 O  O   . HOH E 4 .   ? -11.607 -17.999 10.653  1.00 28.85 ? 733 HOH A O   1 
HETATM 1460 O  O   . HOH E 4 .   ? 12.726  -7.556  -1.034  1.00 21.52 ? 734 HOH A O   1 
HETATM 1461 O  O   . HOH E 4 .   ? 1.923   -17.775 -4.988  1.00 35.13 ? 735 HOH A O   1 
HETATM 1462 O  O   . HOH E 4 .   ? 12.234  12.894  -8.345  1.00 29.97 ? 736 HOH A O   1 
HETATM 1463 O  O   . HOH E 4 .   ? -17.077 8.658   -3.981  1.00 40.73 ? 737 HOH A O   1 
HETATM 1464 O  O   . HOH E 4 .   ? -1.365  -4.697  18.578  1.00 30.39 ? 738 HOH A O   1 
HETATM 1465 O  O   . HOH E 4 .   ? -18.621 8.866   -1.996  0.50 33.41 ? 739 HOH A O   1 
HETATM 1466 O  O   . HOH E 4 .   ? 16.342  14.524  -4.127  0.50 12.23 ? 740 HOH A O   1 
HETATM 1467 O  O   . HOH E 4 .   ? -0.692  7.669   9.808   1.00 29.57 ? 741 HOH A O   1 
HETATM 1468 O  O   . HOH E 4 .   ? 13.778  7.725   7.256   0.50 21.75 ? 742 HOH A O   1 
HETATM 1469 O  O   . HOH E 4 .   ? 22.886  1.329   -5.811  0.50 16.83 ? 743 HOH A O   1 
HETATM 1470 O  O   . HOH E 4 .   ? -6.798  -2.243  12.353  0.50 24.87 ? 744 HOH A O   1 
HETATM 1471 O  O   . HOH E 4 .   ? 5.349   16.456  -17.419 1.00 28.74 ? 745 HOH A O   1 
HETATM 1472 O  O   . HOH E 4 .   ? -5.147  -18.028 -1.036  0.50 20.77 ? 746 HOH A O   1 
HETATM 1473 O  O   . HOH E 4 .   ? 3.248   -13.372 -7.674  1.00 38.29 ? 747 HOH A O   1 
HETATM 1474 O  O   . HOH E 4 .   ? 10.410  16.250  -6.580  1.00 49.40 ? 748 HOH A O   1 
HETATM 1475 O  O   . HOH E 4 .   ? 2.433   11.199  7.494   1.00 19.05 ? 749 HOH A O   1 
HETATM 1476 O  O   . HOH E 4 .   ? 7.959   22.142  -3.943  1.00 54.48 ? 750 HOH A O   1 
HETATM 1477 O  O   . HOH E 4 .   ? 9.333   18.660  4.382   1.00 42.84 ? 751 HOH A O   1 
HETATM 1478 O  O   . HOH E 4 .   ? 10.096  15.085  5.088   0.50 21.22 ? 752 HOH A O   1 
HETATM 1479 O  O   . HOH E 4 .   ? -4.681  -16.917 -18.631 1.00 29.39 ? 753 HOH A O   1 
HETATM 1480 O  O   . HOH E 4 .   ? -12.465 -2.963  12.260  1.00 34.15 ? 754 HOH A O   1 
HETATM 1481 O  O   . HOH E 4 .   ? -11.377 -0.777  10.603  1.00 40.37 ? 755 HOH A O   1 
HETATM 1482 O  O   . HOH E 4 .   ? 8.774   -15.876 2.260   1.00 44.32 ? 756 HOH A O   1 
HETATM 1483 O  O   . HOH E 4 .   ? 13.275  6.925   9.426   0.50 25.69 ? 757 HOH A O   1 
HETATM 1484 O  O   . HOH E 4 .   ? 1.694   -11.934 -11.628 0.50 21.23 ? 758 HOH A O   1 
HETATM 1485 O  O   . HOH E 4 .   ? -2.632  3.762   11.651  0.50 17.98 ? 759 HOH A O   1 
HETATM 1486 O  O   . HOH E 4 .   ? -14.179 -18.986 4.675   0.50 22.11 ? 760 HOH A O   1 
HETATM 1487 O  O   . HOH E 4 .   ? -11.478 -7.320  13.274  1.00 39.48 ? 761 HOH A O   1 
HETATM 1488 O  O   . HOH E 4 .   ? 1.678   2.427   13.976  0.50 26.23 ? 762 HOH A O   1 
HETATM 1489 O  O   . HOH E 4 .   ? 8.512   -9.844  0.949   0.50 29.18 ? 763 HOH A O   1 
HETATM 1490 O  O   . HOH E 4 .   ? -8.908  -15.496 -7.439  1.00 35.68 ? 764 HOH A O   1 
HETATM 1491 O  O   . HOH E 4 .   ? -12.531 8.943   -7.427  0.50 21.99 ? 765 HOH A O   1 
HETATM 1492 O  O   . HOH E 4 .   ? 6.707   -13.995 11.732  1.00 25.47 ? 766 HOH A O   1 
HETATM 1493 O  O   . HOH E 4 .   ? -7.153  -6.503  -14.252 0.50 31.68 ? 767 HOH A O   1 
HETATM 1494 O  O   . HOH E 4 .   ? 3.065   14.143  -10.837 1.00 30.39 ? 768 HOH A O   1 
HETATM 1495 O  O   . HOH E 4 .   ? -1.139  10.361  15.222  1.00 34.72 ? 769 HOH A O   1 
HETATM 1496 O  O   . HOH E 4 .   ? 8.331   15.666  -12.724 1.00 50.27 ? 770 HOH A O   1 
HETATM 1497 O  O   . HOH E 4 .   ? -16.378 -11.171 14.920  1.00 40.33 ? 771 HOH A O   1 
HETATM 1498 O  O   . HOH E 4 .   ? 2.444   7.369   9.832   1.00 26.40 ? 772 HOH A O   1 
HETATM 1499 O  O   . HOH E 4 .   ? -1.801  -21.853 -5.600  1.00 38.74 ? 773 HOH A O   1 
HETATM 1500 O  O   . HOH E 4 .   ? 1.619   4.502   12.178  0.50 17.36 ? 774 HOH A O   1 
HETATM 1501 O  O   . HOH E 4 .   ? 15.828  -3.307  -10.841 1.00 28.10 ? 775 HOH A O   1 
HETATM 1502 O  O   . HOH E 4 .   ? 2.145   -20.207 4.108   0.50 27.50 ? 776 HOH A O   1 
HETATM 1503 O  O   . HOH E 4 .   ? -13.302 -3.565  -12.625 0.50 17.57 ? 777 HOH A O   1 
HETATM 1504 O  O   . HOH E 4 .   ? -8.926  -9.069  -17.496 1.00 36.16 ? 778 HOH A O   1 
HETATM 1505 O  O   . HOH E 4 .   ? 12.167  4.107   9.677   1.00 25.88 ? 779 HOH A O   1 
HETATM 1506 O  O   . HOH E 4 .   ? -14.021 -1.826  -10.420 1.00 27.36 ? 780 HOH A O   1 
HETATM 1507 O  O   . HOH E 4 .   ? -15.107 8.649   -8.165  0.50 25.06 ? 781 HOH A O   1 
HETATM 1508 O  O   . HOH E 4 .   ? 14.878  -2.837  -0.029  1.00 17.11 ? 782 HOH A O   1 
HETATM 1509 O  O   . HOH E 4 .   ? 4.643   4.777   -17.239 1.00 24.89 ? 783 HOH A O   1 
HETATM 1510 O  O   . HOH E 4 .   ? -9.194  7.798   15.019  0.50 20.95 ? 784 HOH A O   1 
HETATM 1511 O  O   . HOH E 4 .   ? -0.091  12.624  8.406   1.00 21.14 ? 785 HOH A O   1 
HETATM 1512 O  O   . HOH E 4 .   ? 9.413   3.915   9.486   1.00 18.55 ? 786 HOH A O   1 
HETATM 1513 O  O   . HOH E 4 .   ? -0.372  -19.431 2.430   1.00 36.36 ? 787 HOH A O   1 
HETATM 1514 O  O   . HOH E 4 .   ? -10.816 -10.665 -16.125 1.00 39.68 ? 788 HOH A O   1 
HETATM 1515 O  O   . HOH E 4 .   ? 0.675   15.840  -14.332 0.50 26.36 ? 789 HOH A O   1 
HETATM 1516 O  O   . HOH E 4 .   ? -8.521  -19.599 10.612  1.00 31.17 ? 790 HOH A O   1 
HETATM 1517 O  O   . HOH E 4 .   ? -1.142  3.315   14.170  0.50 23.79 ? 791 HOH A O   1 
HETATM 1518 O  O   . HOH E 4 .   ? 5.940   22.040  -2.764  1.00 37.44 ? 792 HOH A O   1 
HETATM 1519 O  O   . HOH E 4 .   ? 7.164   -9.821  12.484  1.00 26.96 ? 793 HOH A O   1 
HETATM 1520 O  O   . HOH E 4 .   ? 15.658  -7.185  1.983   0.50 23.35 ? 794 HOH A O   1 
HETATM 1521 O  O   . HOH E 4 .   ? -18.594 -1.722  -4.704  1.00 35.06 ? 795 HOH A O   1 
HETATM 1522 O  O   . HOH E 4 .   ? -14.559 0.394   -11.866 1.00 31.17 ? 796 HOH A O   1 
HETATM 1523 O  O   . HOH E 4 .   ? -14.047 -7.259  11.472  1.00 30.25 ? 797 HOH A O   1 
HETATM 1524 O  O   . HOH E 4 .   ? 17.339  -3.087  1.635   1.00 24.08 ? 798 HOH A O   1 
HETATM 1525 O  O   . HOH E 4 .   ? -9.683  -19.835 8.048   1.00 32.64 ? 799 HOH A O   1 
HETATM 1526 O  O   . HOH E 4 .   ? 17.702  8.992   8.099   1.00 24.07 ? 800 HOH A O   1 
HETATM 1527 O  O   . HOH E 4 .   ? -3.345  -16.942 2.129   1.00 36.05 ? 801 HOH A O   1 
HETATM 1528 O  O   . HOH E 4 .   ? 0.941   17.992  -13.148 0.50 24.68 ? 802 HOH A O   1 
HETATM 1529 O  O   . HOH E 4 .   ? -4.328  -17.108 4.102   0.50 17.73 ? 803 HOH A O   1 
HETATM 1530 O  O   . HOH E 4 .   ? 16.716  8.812   10.673  0.50 24.69 ? 804 HOH A O   1 
# 
